data_6AJ5
#
_entry.id   6AJ5
#
_cell.length_a   248.808
_cell.length_b   248.808
_cell.length_c   248.808
_cell.angle_alpha   90.00
_cell.angle_beta   90.00
_cell.angle_gamma   90.00
#
_symmetry.space_group_name_H-M   'I 2 3'
#
loop_
_entity.id
_entity.type
_entity.pdbx_description
1 polymer 'Dihydroorotate dehydrogenase (quinone), mitochondrial'
2 non-polymer 'FLAVIN MONONUCLEOTIDE'
3 non-polymer 'OROTIC ACID'
#
_entity_poly.entity_id   1
_entity_poly.type   'polypeptide(L)'
_entity_poly.pdbx_seq_one_letter_code
;MGHHHHHHHHHSSGHIDDDDKHMDGLLEVVYGLLPENFPDPELAHDMVMWLAAKGYLPYDLERDDPELSVNIKGLTFHTP
VGLAAGFDKNAEAPLNFCKMGFGFVEVGTITPKPQLGNPKPRIFRLAKDHAIINRCGFNSAGLDVVEPRLEKVSRDRWHD
RLERHCVLGVNIGKNKDTVNAEDDIREGVKRVGRFADYLVINLSSPNTKGLRTLQQRDHLRSIITAAQSELEKLEERSRA
QRERDGHSNPSEEEEAASSDSVTRKAEQFFPTQTGKRPLLFVKIAPDLTDEEKRDIADVALETGLDGLIVTNTTIQRPES
LRSESKHETGGLSGRPLKAMSTKCVSDMYKMTNGQVAIIASGGIETGLDAYKRIRAGASAVEVYTSMIYRGPIVARRVKD
ELLNILNQAGIYNVQDAIGLDHRPPKKKRVRKPTFD
;
_entity_poly.pdbx_strand_id   A,B,C,D
#
# COMPACT_ATOMS: atom_id res chain seq x y z
N ASP A 40 42.23 26.77 28.07
CA ASP A 40 40.97 27.40 27.53
C ASP A 40 40.72 26.86 26.14
N PRO A 41 39.46 26.45 25.84
CA PRO A 41 39.17 25.99 24.47
C PRO A 41 39.09 27.09 23.39
N GLU A 42 38.71 28.32 23.75
CA GLU A 42 38.49 29.40 22.77
C GLU A 42 39.70 29.68 21.89
N LEU A 43 40.86 29.85 22.50
CA LEU A 43 42.10 30.11 21.76
C LEU A 43 42.85 28.83 21.38
N ALA A 44 42.57 27.72 22.06
CA ALA A 44 42.98 26.40 21.60
C ALA A 44 42.33 26.15 20.24
N HIS A 45 41.04 26.40 20.14
CA HIS A 45 40.36 26.37 18.86
C HIS A 45 41.01 27.33 17.90
N ASP A 46 41.22 28.57 18.32
CA ASP A 46 41.75 29.59 17.42
C ASP A 46 43.25 29.49 17.00
N MET A 47 44.16 29.09 17.90
CA MET A 47 45.58 28.94 17.50
C MET A 47 45.80 27.71 16.61
N VAL A 48 45.08 26.62 16.90
CA VAL A 48 45.06 25.42 16.05
C VAL A 48 44.55 25.75 14.66
N MET A 49 43.53 26.59 14.59
CA MET A 49 43.05 27.15 13.33
C MET A 49 44.07 28.10 12.66
N TRP A 50 44.82 28.86 13.46
CA TRP A 50 45.87 29.74 12.96
C TRP A 50 47.10 28.97 12.49
N LEU A 51 47.57 28.06 13.35
CA LEU A 51 48.65 27.14 13.00
C LEU A 51 48.26 26.30 11.77
N ALA A 52 46.96 25.98 11.64
CA ALA A 52 46.46 25.33 10.43
C ALA A 52 46.44 26.28 9.24
N ALA A 53 45.98 27.51 9.45
CA ALA A 53 45.84 28.54 8.37
C ALA A 53 47.13 28.85 7.62
N LYS A 54 48.23 28.99 8.35
CA LYS A 54 49.57 29.12 7.77
C LYS A 54 50.23 27.73 7.56
N GLY A 55 49.71 26.72 8.24
CA GLY A 55 49.96 25.31 7.92
C GLY A 55 51.08 24.64 8.66
N TYR A 56 51.52 25.26 9.75
CA TYR A 56 52.69 24.80 10.46
C TYR A 56 52.47 23.48 11.25
N LEU A 57 51.20 23.05 11.42
CA LEU A 57 50.85 21.79 12.11
C LEU A 57 51.33 20.53 11.35
N PRO A 58 51.45 19.36 12.06
CA PRO A 58 52.14 18.22 11.47
C PRO A 58 51.25 17.50 10.47
N TYR A 59 51.84 17.06 9.37
CA TYR A 59 51.07 16.48 8.27
C TYR A 59 50.99 14.98 8.40
N ASP A 60 50.12 14.41 7.58
CA ASP A 60 50.02 12.97 7.43
C ASP A 60 51.16 12.50 6.54
N LEU A 61 51.25 11.19 6.29
CA LEU A 61 52.29 10.68 5.42
C LEU A 61 51.91 9.36 4.77
N GLU A 62 51.82 8.29 5.58
CA GLU A 62 51.71 6.85 5.12
C GLU A 62 50.65 6.48 4.03
N ARG A 63 49.87 7.49 3.61
CA ARG A 63 48.97 7.44 2.46
C ARG A 63 47.77 6.53 2.66
N ASP A 64 47.52 6.11 3.92
CA ASP A 64 46.27 5.50 4.34
C ASP A 64 45.88 4.28 3.51
N ASP A 65 45.73 3.14 4.17
CA ASP A 65 45.43 1.91 3.46
C ASP A 65 44.04 1.99 2.87
N PRO A 66 43.81 1.26 1.77
CA PRO A 66 42.56 1.38 1.08
C PRO A 66 41.37 0.70 1.77
N GLU A 67 41.61 -0.04 2.86
CA GLU A 67 40.53 -0.52 3.75
C GLU A 67 39.57 0.61 4.15
N LEU A 68 40.12 1.78 4.41
CA LEU A 68 39.34 2.95 4.75
C LEU A 68 38.52 3.57 3.59
N SER A 69 38.80 3.24 2.33
CA SER A 69 38.05 3.81 1.20
C SER A 69 36.58 3.64 1.51
N VAL A 70 35.79 4.73 1.46
CA VAL A 70 34.32 4.67 1.65
C VAL A 70 33.59 5.46 0.58
N ASN A 71 32.85 4.71 -0.25
CA ASN A 71 32.01 5.30 -1.22
C ASN A 71 30.72 5.47 -0.54
N ILE A 72 30.14 6.66 -0.72
CA ILE A 72 28.95 7.06 0.00
C ILE A 72 28.09 7.91 -0.96
N LYS A 73 26.96 7.32 -1.39
CA LYS A 73 26.09 7.75 -2.52
C LYS A 73 26.78 8.44 -3.75
N GLY A 74 27.98 7.95 -4.10
CA GLY A 74 28.79 8.48 -5.19
C GLY A 74 29.95 9.40 -4.81
N LEU A 75 30.15 9.66 -3.51
CA LEU A 75 31.24 10.47 -3.03
C LEU A 75 32.25 9.49 -2.46
N THR A 76 33.42 9.45 -3.08
CA THR A 76 34.56 8.68 -2.58
C THR A 76 35.31 9.43 -1.47
N PHE A 77 35.15 8.94 -0.24
CA PHE A 77 35.89 9.45 0.91
C PHE A 77 37.10 8.55 1.11
N HIS A 78 38.30 9.10 1.30
CA HIS A 78 39.48 8.26 1.57
C HIS A 78 39.48 7.73 2.96
N THR A 79 39.17 8.61 3.91
CA THR A 79 39.11 8.26 5.33
C THR A 79 37.70 8.57 5.85
N PRO A 80 37.08 7.64 6.62
CA PRO A 80 35.78 7.88 7.28
C PRO A 80 35.80 8.90 8.44
N VAL A 81 36.97 9.07 9.04
CA VAL A 81 37.22 10.18 9.98
C VAL A 81 37.26 11.49 9.20
N GLY A 82 36.65 12.55 9.74
CA GLY A 82 36.78 13.91 9.17
C GLY A 82 36.86 14.99 10.26
N LEU A 83 36.76 16.27 9.90
CA LEU A 83 36.58 17.35 10.88
C LEU A 83 35.13 17.84 10.95
N ALA A 84 34.65 18.09 12.15
CA ALA A 84 33.25 18.34 12.39
C ALA A 84 32.87 19.75 12.07
N ALA A 85 31.56 19.99 11.96
CA ALA A 85 31.09 21.25 11.37
C ALA A 85 31.18 22.49 12.33
N GLY A 86 32.28 22.66 13.07
CA GLY A 86 32.51 23.89 13.88
C GLY A 86 33.92 24.48 14.01
N PHE A 87 34.91 23.76 13.44
CA PHE A 87 36.29 24.07 13.68
C PHE A 87 36.71 25.11 12.68
N ASP A 88 36.60 24.78 11.39
CA ASP A 88 36.96 25.73 10.36
C ASP A 88 35.75 26.49 9.86
N LYS A 89 35.30 27.44 10.69
CA LYS A 89 34.08 28.25 10.49
C LYS A 89 33.98 28.93 9.14
N ASN A 90 35.00 29.69 8.80
CA ASN A 90 34.93 30.64 7.68
C ASN A 90 35.86 30.21 6.58
N ALA A 91 35.84 28.91 6.32
CA ALA A 91 36.49 28.28 5.18
C ALA A 91 37.99 28.52 5.09
N GLU A 92 38.62 28.69 6.24
CA GLU A 92 39.99 29.21 6.31
C GLU A 92 40.99 28.20 5.70
N ALA A 93 41.14 27.04 6.32
CA ALA A 93 42.23 26.15 5.98
C ALA A 93 41.76 24.73 5.85
N PRO A 94 40.65 24.51 5.11
CA PRO A 94 40.12 23.14 5.06
C PRO A 94 41.20 22.14 4.69
N LEU A 95 41.89 22.41 3.58
CA LEU A 95 42.80 21.46 2.93
C LEU A 95 44.02 21.14 3.77
N ASN A 96 44.39 22.03 4.68
CA ASN A 96 45.44 21.72 5.67
C ASN A 96 45.05 20.56 6.61
N PHE A 97 44.04 20.74 7.45
CA PHE A 97 43.51 19.68 8.32
C PHE A 97 43.32 18.40 7.52
N CYS A 98 42.79 18.55 6.31
CA CYS A 98 42.71 17.46 5.31
C CYS A 98 44.01 16.72 5.05
N LYS A 99 45.04 17.46 4.63
CA LYS A 99 46.36 16.87 4.43
C LYS A 99 46.98 16.31 5.75
N MET A 100 46.52 16.83 6.90
CA MET A 100 46.89 16.33 8.25
C MET A 100 46.22 15.02 8.73
N GLY A 101 45.43 14.34 7.89
CA GLY A 101 44.94 12.99 8.19
C GLY A 101 43.43 12.80 8.22
N PHE A 102 42.69 13.90 8.16
CA PHE A 102 41.23 13.83 7.97
C PHE A 102 40.96 13.56 6.53
N GLY A 103 40.09 12.61 6.27
CA GLY A 103 39.62 12.36 4.92
C GLY A 103 38.68 13.44 4.44
N PHE A 104 38.08 14.19 5.38
CA PHE A 104 37.26 15.36 5.02
C PHE A 104 37.22 16.43 6.12
N VAL A 105 36.93 17.66 5.71
CA VAL A 105 36.50 18.67 6.67
C VAL A 105 35.13 19.16 6.24
N GLU A 106 34.51 19.91 7.15
CA GLU A 106 33.17 20.44 6.96
C GLU A 106 33.14 21.90 7.43
N VAL A 107 33.13 22.83 6.45
CA VAL A 107 33.36 24.26 6.73
C VAL A 107 32.22 24.97 7.52
N GLY A 108 32.54 25.31 8.78
CA GLY A 108 31.72 26.15 9.70
C GLY A 108 30.29 25.84 9.81
N THR A 109 29.47 26.85 10.03
CA THR A 109 28.17 26.93 9.38
C THR A 109 28.38 28.27 8.74
N ILE A 110 28.02 28.38 7.47
CA ILE A 110 28.07 29.66 6.80
C ILE A 110 26.66 30.24 6.79
N THR A 111 26.51 31.36 7.47
CA THR A 111 25.29 32.12 7.38
C THR A 111 25.41 33.01 6.11
N PRO A 112 24.34 33.71 5.72
CA PRO A 112 24.46 34.54 4.51
C PRO A 112 25.04 35.96 4.74
N LYS A 113 24.51 36.67 5.73
CA LYS A 113 25.09 37.93 6.24
C LYS A 113 26.02 37.66 7.44
N PRO A 114 27.15 38.38 7.53
CA PRO A 114 28.09 38.26 8.67
C PRO A 114 27.47 38.43 10.06
N GLN A 115 27.87 37.56 10.98
CA GLN A 115 27.42 37.59 12.38
C GLN A 115 28.57 37.53 13.36
N LEU A 116 28.31 38.13 14.53
CA LEU A 116 29.25 38.16 15.64
C LEU A 116 28.82 37.23 16.77
N GLY A 117 27.56 36.80 16.73
CA GLY A 117 27.08 35.85 17.69
C GLY A 117 27.04 36.43 19.09
N ASN A 118 27.37 35.60 20.06
CA ASN A 118 27.14 35.95 21.45
C ASN A 118 28.39 36.37 22.12
N PRO A 119 28.25 37.19 23.14
CA PRO A 119 29.42 37.67 23.85
C PRO A 119 30.23 36.53 24.40
N LYS A 120 31.54 36.75 24.51
CA LYS A 120 32.47 35.83 25.17
C LYS A 120 32.34 36.06 26.70
N PRO A 121 32.61 35.06 27.55
CA PRO A 121 33.11 33.72 27.22
C PRO A 121 32.02 32.73 26.77
N ARG A 122 32.14 32.18 25.55
CA ARG A 122 30.99 31.52 24.88
C ARG A 122 31.13 29.99 24.66
N ILE A 123 32.10 29.40 25.34
CA ILE A 123 32.50 28.03 25.04
C ILE A 123 33.48 27.58 26.11
N PHE A 124 33.10 26.56 26.84
CA PHE A 124 33.77 26.16 28.07
C PHE A 124 34.30 24.77 27.85
N ARG A 125 35.45 24.46 28.42
CA ARG A 125 35.83 23.06 28.55
C ARG A 125 35.13 22.51 29.80
N LEU A 126 34.67 21.26 29.71
CA LEU A 126 34.18 20.48 30.86
C LEU A 126 35.16 19.30 31.13
N ALA A 127 36.45 19.65 31.22
CA ALA A 127 37.61 18.72 31.35
C ALA A 127 37.30 17.39 32.01
N LYS A 128 36.74 17.46 33.22
CA LYS A 128 36.51 16.29 34.07
C LYS A 128 35.70 15.17 33.43
N ASP A 129 34.90 15.44 32.41
CA ASP A 129 34.24 14.36 31.66
C ASP A 129 34.36 14.50 30.14
N HIS A 130 35.49 15.08 29.70
CA HIS A 130 35.83 15.25 28.28
C HIS A 130 34.65 15.77 27.48
N ALA A 131 34.24 16.99 27.81
CA ALA A 131 33.06 17.60 27.22
C ALA A 131 33.26 19.11 27.03
N ILE A 132 32.45 19.71 26.13
CA ILE A 132 32.47 21.15 25.80
C ILE A 132 31.03 21.67 25.65
N ILE A 133 30.59 22.55 26.55
CA ILE A 133 29.40 23.37 26.34
C ILE A 133 29.88 24.53 25.48
N ASN A 134 29.10 24.89 24.46
CA ASN A 134 29.39 26.06 23.61
C ASN A 134 28.14 26.83 23.28
N ARG A 135 28.32 28.11 23.02
CA ARG A 135 27.22 28.99 22.67
C ARG A 135 27.72 30.10 21.76
N CYS A 136 28.21 29.70 20.59
CA CYS A 136 28.58 30.66 19.55
C CYS A 136 27.38 31.30 18.84
N GLY A 137 26.18 30.73 19.03
CA GLY A 137 24.93 31.27 18.45
C GLY A 137 25.03 31.66 16.99
N PHE A 138 25.77 30.84 16.22
CA PHE A 138 26.35 31.15 14.90
C PHE A 138 27.22 32.43 14.92
N ASN A 139 28.31 32.45 14.14
CA ASN A 139 29.17 33.66 14.03
C ASN A 139 30.07 33.81 12.77
N SER A 140 29.45 33.58 11.61
CA SER A 140 30.14 33.57 10.30
C SER A 140 30.56 34.97 9.82
N ALA A 141 31.36 34.96 8.74
CA ALA A 141 31.76 36.12 8.01
C ALA A 141 30.79 36.39 6.83
N GLY A 142 30.16 35.33 6.29
CA GLY A 142 29.09 35.47 5.30
C GLY A 142 29.38 34.82 3.97
N LEU A 143 28.34 34.58 3.19
CA LEU A 143 28.51 34.04 1.84
C LEU A 143 29.20 35.03 0.90
N ASP A 144 29.22 36.33 1.24
CA ASP A 144 30.04 37.29 0.50
C ASP A 144 31.52 37.02 0.67
N VAL A 145 31.89 36.52 1.87
CA VAL A 145 33.29 36.35 2.28
C VAL A 145 33.86 34.96 1.97
N VAL A 146 33.04 33.93 2.18
CA VAL A 146 33.46 32.54 2.01
C VAL A 146 33.33 32.07 0.54
N GLU A 147 32.44 32.68 -0.24
CA GLU A 147 32.27 32.36 -1.67
C GLU A 147 33.60 32.30 -2.45
N PRO A 148 34.39 33.40 -2.42
CA PRO A 148 35.73 33.33 -3.02
C PRO A 148 36.74 32.48 -2.25
N ARG A 149 36.53 32.24 -0.95
CA ARG A 149 37.41 31.37 -0.14
C ARG A 149 37.30 29.93 -0.56
N LEU A 150 36.12 29.57 -1.05
CA LEU A 150 35.85 28.27 -1.70
C LEU A 150 36.27 28.31 -3.17
N GLU A 151 35.87 29.34 -3.91
CA GLU A 151 36.43 29.57 -5.25
C GLU A 151 37.94 29.31 -5.27
N LYS A 152 38.65 29.93 -4.32
CA LYS A 152 40.08 29.65 -4.02
C LYS A 152 40.32 28.15 -3.80
N VAL A 153 39.70 27.57 -2.77
CA VAL A 153 39.91 26.16 -2.44
C VAL A 153 39.45 25.22 -3.57
N SER A 154 38.42 25.61 -4.32
CA SER A 154 37.90 24.77 -5.40
C SER A 154 38.90 24.68 -6.54
N ARG A 155 39.57 25.78 -6.87
CA ARG A 155 40.56 25.79 -7.96
C ARG A 155 41.89 25.15 -7.53
N ASP A 156 42.36 25.48 -6.33
CA ASP A 156 43.72 25.13 -5.92
C ASP A 156 43.82 23.73 -5.33
N ARG A 157 42.68 23.09 -5.05
CA ARG A 157 42.68 21.72 -4.49
C ARG A 157 43.17 20.63 -5.47
N TRP A 158 43.09 20.91 -6.76
CA TRP A 158 43.45 19.96 -7.80
C TRP A 158 44.94 20.02 -8.18
N HIS A 159 45.55 21.18 -7.98
CA HIS A 159 46.90 21.44 -8.48
C HIS A 159 47.93 20.63 -7.70
N ASP A 160 48.73 21.28 -6.85
CA ASP A 160 49.96 20.69 -6.32
C ASP A 160 49.67 19.47 -5.44
N ARG A 161 50.68 18.59 -5.35
CA ARG A 161 50.62 17.35 -4.57
C ARG A 161 49.71 16.30 -5.23
N LEU A 162 48.99 16.67 -6.29
CA LEU A 162 48.26 15.75 -7.13
C LEU A 162 47.41 14.88 -6.19
N GLU A 163 46.48 15.54 -5.51
CA GLU A 163 45.77 14.97 -4.34
C GLU A 163 44.88 13.73 -4.58
N ARG A 164 44.94 12.84 -3.57
CA ARG A 164 43.99 11.74 -3.37
C ARG A 164 42.81 12.49 -2.68
N HIS A 165 42.08 13.27 -3.50
CA HIS A 165 41.24 14.36 -3.01
C HIS A 165 40.60 14.10 -1.62
N CYS A 166 40.98 14.92 -0.66
CA CYS A 166 40.25 15.04 0.58
C CYS A 166 38.92 15.81 0.37
N VAL A 167 37.81 15.15 0.69
CA VAL A 167 36.43 15.59 0.46
C VAL A 167 36.07 16.88 1.24
N LEU A 168 35.27 17.75 0.62
CA LEU A 168 34.81 19.03 1.25
C LEU A 168 33.30 19.10 1.53
N GLY A 169 32.93 19.22 2.80
CA GLY A 169 31.54 19.46 3.20
C GLY A 169 31.24 20.91 3.46
N VAL A 170 30.22 21.46 2.82
CA VAL A 170 29.86 22.85 3.11
C VAL A 170 28.62 22.90 4.01
N ASN A 171 28.77 23.47 5.21
CA ASN A 171 27.65 23.58 6.18
C ASN A 171 27.07 25.02 6.22
N ILE A 172 25.74 25.13 6.12
CA ILE A 172 25.08 26.43 5.90
C ILE A 172 23.81 26.67 6.74
N GLY A 173 23.61 27.91 7.18
CA GLY A 173 22.56 28.22 8.16
C GLY A 173 21.99 29.62 8.05
N LYS A 174 21.27 30.04 9.10
CA LYS A 174 20.49 31.29 9.11
C LYS A 174 21.03 32.39 10.04
N ASN A 175 20.83 33.64 9.61
CA ASN A 175 21.15 34.81 10.43
C ASN A 175 20.16 34.89 11.60
N LYS A 176 20.67 34.68 12.82
CA LYS A 176 19.88 34.61 14.08
C LYS A 176 18.38 34.82 13.89
N ASP A 177 18.07 36.00 13.38
CA ASP A 177 16.77 36.61 13.47
C ASP A 177 16.15 36.72 12.09
N THR A 178 16.43 35.76 11.24
CA THR A 178 15.85 35.76 9.90
C THR A 178 14.38 35.34 9.95
N VAL A 179 13.54 36.29 9.54
CA VAL A 179 12.15 36.09 9.03
C VAL A 179 11.79 34.63 8.55
N ASN A 180 11.85 34.37 7.22
CA ASN A 180 11.53 33.06 6.67
C ASN A 180 12.89 32.39 6.46
N ALA A 181 13.15 31.35 7.25
CA ALA A 181 14.38 30.56 7.12
C ALA A 181 14.47 29.78 5.81
N GLU A 182 13.32 29.61 5.11
CA GLU A 182 13.31 29.03 3.76
C GLU A 182 14.08 29.92 2.77
N ASP A 183 14.21 31.22 3.07
CA ASP A 183 14.90 32.22 2.23
C ASP A 183 16.44 32.26 2.39
N ASP A 184 16.94 31.82 3.55
CA ASP A 184 18.39 31.83 3.85
C ASP A 184 19.12 30.55 3.47
N ILE A 185 18.44 29.41 3.55
CA ILE A 185 19.02 28.14 3.11
C ILE A 185 19.21 28.23 1.59
N ARG A 186 18.20 28.81 0.93
CA ARG A 186 18.18 29.06 -0.53
C ARG A 186 19.35 29.83 -1.10
N GLU A 187 20.03 30.61 -0.27
CA GLU A 187 21.22 31.39 -0.67
C GLU A 187 22.50 30.61 -0.49
N GLY A 188 22.61 29.86 0.59
CA GLY A 188 23.76 28.98 0.76
C GLY A 188 23.95 28.01 -0.39
N VAL A 189 22.84 27.56 -0.98
CA VAL A 189 22.86 26.70 -2.16
C VAL A 189 23.22 27.57 -3.35
N LYS A 190 22.34 28.49 -3.74
CA LYS A 190 22.62 29.45 -4.84
C LYS A 190 24.10 29.92 -4.86
N ARG A 191 24.65 30.25 -3.69
CA ARG A 191 26.03 30.73 -3.58
C ARG A 191 27.06 29.58 -3.46
N VAL A 192 27.30 29.11 -2.24
CA VAL A 192 28.45 28.26 -1.92
C VAL A 192 28.22 26.75 -2.05
N GLY A 193 27.13 26.38 -2.73
CA GLY A 193 26.70 25.00 -2.84
C GLY A 193 27.27 24.29 -4.04
N ARG A 194 27.66 25.04 -5.06
CA ARG A 194 28.32 24.44 -6.22
C ARG A 194 29.77 24.09 -5.98
N PHE A 195 30.35 24.55 -4.87
CA PHE A 195 31.74 24.24 -4.48
C PHE A 195 31.81 22.96 -3.59
N ALA A 196 30.65 22.43 -3.20
CA ALA A 196 30.57 21.40 -2.17
C ALA A 196 30.67 19.95 -2.69
N ASP A 197 31.42 19.12 -1.97
CA ASP A 197 31.29 17.70 -2.12
C ASP A 197 30.04 17.22 -1.39
N TYR A 198 29.62 17.91 -0.32
CA TYR A 198 28.31 17.66 0.30
C TYR A 198 27.81 18.84 1.15
N LEU A 199 26.59 19.33 0.85
CA LEU A 199 25.99 20.51 1.52
C LEU A 199 25.24 20.09 2.74
N VAL A 200 25.41 20.78 3.84
CA VAL A 200 24.75 20.35 5.04
C VAL A 200 23.91 21.48 5.56
N ILE A 201 22.59 21.30 5.47
CA ILE A 201 21.64 22.26 5.96
C ILE A 201 21.68 22.07 7.46
N ASN A 202 22.11 23.11 8.18
CA ASN A 202 22.16 23.09 9.66
C ASN A 202 20.85 23.56 10.27
N LEU A 203 20.20 22.63 10.96
CA LEU A 203 18.89 22.84 11.54
C LEU A 203 18.83 22.29 12.98
N SER A 204 19.89 22.54 13.76
CA SER A 204 19.94 21.94 15.12
C SER A 204 20.94 22.54 16.15
N SER A 205 21.52 23.68 15.83
CA SER A 205 22.35 24.41 16.78
C SER A 205 21.42 24.89 17.87
N PRO A 206 21.62 24.39 19.09
CA PRO A 206 20.71 24.77 20.15
C PRO A 206 20.82 26.26 20.55
N ASN A 207 21.79 26.98 19.95
CA ASN A 207 22.11 28.36 20.32
C ASN A 207 21.62 29.49 19.37
N THR A 208 20.90 29.13 18.31
CA THR A 208 20.38 30.11 17.37
C THR A 208 18.85 30.18 17.50
N LYS A 209 18.30 31.36 17.23
CA LYS A 209 16.92 31.73 17.60
C LYS A 209 15.83 30.83 16.98
N GLY A 210 15.40 29.86 17.78
CA GLY A 210 14.37 28.89 17.38
C GLY A 210 14.70 28.11 16.12
N LEU A 211 15.97 27.72 15.99
CA LEU A 211 16.47 27.03 14.79
C LEU A 211 16.23 25.52 14.86
N ARG A 212 16.53 24.94 16.03
CA ARG A 212 16.21 23.53 16.31
C ARG A 212 14.71 23.15 16.10
N THR A 213 13.80 24.13 16.00
CA THR A 213 12.37 23.88 15.77
C THR A 213 11.95 23.76 14.30
N LEU A 214 12.93 23.80 13.38
CA LEU A 214 12.64 23.69 11.94
C LEU A 214 12.51 22.22 11.43
N GLN A 215 12.76 21.23 12.31
CA GLN A 215 12.84 19.79 11.95
C GLN A 215 11.47 19.04 12.00
N GLN A 216 10.38 19.77 11.80
CA GLN A 216 9.00 19.25 11.83
C GLN A 216 8.59 18.84 10.42
N ARG A 217 7.89 17.72 10.32
CA ARG A 217 7.49 17.17 9.03
C ARG A 217 7.20 18.23 7.96
N ASP A 218 6.43 19.25 8.33
CA ASP A 218 6.01 20.28 7.36
C ASP A 218 7.12 21.27 7.07
N HIS A 219 7.86 21.70 8.09
CA HIS A 219 8.95 22.64 7.85
C HIS A 219 10.16 21.97 7.20
N LEU A 220 10.53 20.81 7.71
CA LEU A 220 11.68 20.05 7.21
C LEU A 220 11.58 19.80 5.71
N ARG A 221 10.45 19.26 5.31
CA ARG A 221 10.09 18.99 3.90
C ARG A 221 10.16 20.21 2.99
N SER A 222 9.75 21.35 3.51
CA SER A 222 9.80 22.62 2.77
C SER A 222 11.25 23.05 2.50
N ILE A 223 12.06 23.03 3.55
CA ILE A 223 13.45 23.45 3.48
C ILE A 223 14.25 22.51 2.62
N ILE A 224 14.06 21.19 2.79
CA ILE A 224 14.73 20.20 1.94
C ILE A 224 14.35 20.36 0.47
N THR A 225 13.06 20.60 0.19
CA THR A 225 12.60 20.75 -1.21
C THR A 225 13.18 22.00 -1.82
N ALA A 226 12.99 23.12 -1.14
CA ALA A 226 13.52 24.44 -1.54
C ALA A 226 15.02 24.41 -1.82
N ALA A 227 15.76 23.69 -0.99
CA ALA A 227 17.20 23.47 -1.18
C ALA A 227 17.48 22.69 -2.45
N GLN A 228 16.82 21.53 -2.59
CA GLN A 228 16.97 20.74 -3.83
C GLN A 228 16.27 21.32 -5.08
N SER A 229 15.41 22.32 -4.91
CA SER A 229 15.00 23.21 -6.01
C SER A 229 16.15 24.10 -6.44
N GLU A 230 16.96 24.55 -5.49
CA GLU A 230 18.12 25.37 -5.82
C GLU A 230 19.28 24.58 -6.44
N LEU A 231 19.54 23.36 -5.98
CA LEU A 231 20.57 22.50 -6.60
C LEU A 231 20.16 22.15 -8.02
N GLU A 232 18.85 22.15 -8.27
CA GLU A 232 18.31 22.14 -9.63
C GLU A 232 18.68 23.37 -10.49
N LYS A 233 19.46 24.30 -9.97
CA LYS A 233 20.11 25.28 -10.83
C LYS A 233 21.41 24.68 -11.39
N LEU A 234 21.23 23.95 -12.50
CA LEU A 234 22.32 23.42 -13.32
C LEU A 234 22.43 24.20 -14.63
N GLU A 235 23.65 24.66 -14.88
CA GLU A 235 23.95 25.62 -15.91
C GLU A 235 25.18 25.13 -16.73
N GLU A 236 25.54 25.92 -17.76
CA GLU A 236 26.39 25.50 -18.91
C GLU A 236 27.85 25.98 -18.89
N ARG A 237 28.66 25.44 -19.81
CA ARG A 237 30.09 25.74 -19.87
C ARG A 237 30.65 25.36 -21.25
N SER A 238 31.57 26.20 -21.78
CA SER A 238 32.04 26.16 -23.19
C SER A 238 30.88 26.22 -24.23
N ARG A 239 29.69 26.62 -23.76
CA ARG A 239 28.42 26.46 -24.47
C ARG A 239 27.70 27.80 -24.54
N ALA A 266 39.14 18.35 -11.82
CA ALA A 266 37.95 19.01 -12.37
C ALA A 266 38.18 20.53 -12.62
N GLU A 267 38.85 21.18 -11.65
CA GLU A 267 39.54 22.51 -11.77
C GLU A 267 38.72 23.70 -12.30
N GLN A 268 38.27 23.63 -13.56
CA GLN A 268 37.31 24.59 -14.13
C GLN A 268 35.95 23.99 -13.77
N PHE A 269 34.88 24.60 -14.30
CA PHE A 269 33.50 24.17 -14.04
C PHE A 269 33.14 23.98 -12.55
N PHE A 270 31.89 23.63 -12.24
CA PHE A 270 31.42 23.50 -10.84
C PHE A 270 32.00 22.20 -10.17
N PRO A 271 33.21 22.31 -9.54
CA PRO A 271 34.20 21.22 -9.47
C PRO A 271 34.22 20.49 -8.14
N THR A 272 33.88 19.20 -8.12
CA THR A 272 33.63 18.55 -6.83
C THR A 272 33.91 17.05 -6.76
N GLN A 273 34.94 16.59 -7.48
CA GLN A 273 35.29 15.16 -7.46
C GLN A 273 34.05 14.46 -7.98
N THR A 274 33.65 14.84 -9.19
CA THR A 274 32.34 14.54 -9.83
C THR A 274 32.03 15.74 -10.72
N GLY A 275 31.12 15.53 -11.67
CA GLY A 275 30.46 16.61 -12.39
C GLY A 275 30.08 17.67 -11.39
N LYS A 276 28.89 17.54 -10.77
CA LYS A 276 28.51 18.42 -9.64
C LYS A 276 27.26 17.92 -8.85
N ARG A 277 26.56 18.86 -8.18
CA ARG A 277 25.32 18.66 -7.43
C ARG A 277 25.72 17.93 -6.18
N PRO A 278 26.09 18.67 -5.13
CA PRO A 278 26.53 18.02 -3.90
C PRO A 278 25.48 17.11 -3.32
N LEU A 279 25.93 15.99 -2.79
CA LEU A 279 25.04 15.10 -2.12
C LEU A 279 24.53 15.90 -0.92
N LEU A 280 23.24 16.23 -0.93
CA LEU A 280 22.65 17.06 0.14
C LEU A 280 22.56 16.35 1.51
N PHE A 281 22.50 17.15 2.57
CA PHE A 281 22.45 16.66 3.92
C PHE A 281 21.72 17.58 4.86
N VAL A 282 21.10 16.95 5.87
CA VAL A 282 20.45 17.65 6.99
C VAL A 282 21.14 17.29 8.32
N LYS A 283 21.34 18.29 9.17
CA LYS A 283 21.89 18.08 10.50
C LYS A 283 20.76 18.17 11.51
N ILE A 284 20.67 17.16 12.38
CA ILE A 284 19.59 17.08 13.37
C ILE A 284 20.20 16.98 14.73
N ALA A 285 19.45 17.49 15.72
CA ALA A 285 19.88 17.44 17.12
C ALA A 285 19.74 16.01 17.63
N PRO A 286 20.61 15.60 18.58
CA PRO A 286 20.39 14.34 19.32
C PRO A 286 19.10 14.37 20.16
N ASP A 287 18.69 15.58 20.53
CA ASP A 287 17.52 15.84 21.36
C ASP A 287 16.21 15.78 20.60
N LEU A 288 16.09 14.81 19.69
CA LEU A 288 14.84 14.57 19.02
C LEU A 288 14.03 13.58 19.82
N THR A 289 12.72 13.67 19.64
CA THR A 289 11.77 12.65 20.06
C THR A 289 11.84 11.42 19.11
N ASP A 290 11.09 10.38 19.50
CA ASP A 290 10.98 9.14 18.74
C ASP A 290 9.73 9.19 17.88
N GLU A 291 8.70 9.83 18.43
CA GLU A 291 7.63 10.50 17.68
C GLU A 291 8.17 11.21 16.42
N GLU A 292 9.24 11.99 16.56
CA GLU A 292 9.66 12.89 15.50
C GLU A 292 10.86 12.42 14.68
N LYS A 293 11.71 11.56 15.25
CA LYS A 293 12.72 10.88 14.44
C LYS A 293 12.00 10.09 13.36
N ARG A 294 10.83 9.51 13.68
CA ARG A 294 10.02 8.75 12.71
C ARG A 294 9.44 9.62 11.61
N ASP A 295 9.03 10.84 11.96
CA ASP A 295 8.67 11.86 10.97
C ASP A 295 9.86 12.24 10.10
N ILE A 296 10.89 12.81 10.73
CA ILE A 296 12.13 13.20 10.06
C ILE A 296 12.55 12.17 9.02
N ALA A 297 12.47 10.89 9.41
CA ALA A 297 12.76 9.79 8.51
C ALA A 297 11.70 9.65 7.43
N ASP A 298 10.44 9.54 7.83
CA ASP A 298 9.35 9.39 6.86
C ASP A 298 9.31 10.55 5.83
N VAL A 299 9.97 11.68 6.18
CA VAL A 299 10.26 12.78 5.25
C VAL A 299 11.41 12.42 4.32
N ALA A 300 12.55 12.05 4.91
CA ALA A 300 13.83 11.94 4.17
C ALA A 300 13.80 11.01 2.95
N LEU A 301 13.23 9.81 3.13
CA LEU A 301 13.09 8.81 2.05
C LEU A 301 12.31 9.43 0.90
N GLU A 302 11.15 10.00 1.29
CA GLU A 302 10.10 10.61 0.43
C GLU A 302 10.59 11.90 -0.28
N THR A 303 11.34 12.72 0.44
CA THR A 303 12.00 13.86 -0.18
C THR A 303 13.20 13.43 -1.03
N GLY A 304 13.72 12.22 -0.82
CA GLY A 304 14.90 11.76 -1.54
C GLY A 304 16.08 12.56 -1.06
N LEU A 305 16.13 12.80 0.26
CA LEU A 305 17.27 13.44 0.90
C LEU A 305 18.46 12.51 0.77
N ASP A 306 19.62 13.06 0.40
CA ASP A 306 20.83 12.23 0.21
C ASP A 306 21.27 11.59 1.53
N GLY A 307 21.57 12.42 2.53
CA GLY A 307 21.89 11.91 3.87
C GLY A 307 21.64 12.83 5.04
N LEU A 308 21.82 12.27 6.23
CA LEU A 308 21.60 12.98 7.48
C LEU A 308 22.89 12.96 8.22
N ILE A 309 23.40 14.13 8.57
CA ILE A 309 24.48 14.18 9.54
C ILE A 309 23.80 14.07 10.86
N VAL A 310 24.03 12.98 11.58
CA VAL A 310 23.09 12.54 12.58
C VAL A 310 23.51 12.89 14.01
N THR A 311 24.13 14.06 14.21
CA THR A 311 24.31 14.60 15.57
C THR A 311 24.87 15.99 15.63
N ASN A 312 24.05 16.95 16.03
CA ASN A 312 24.61 18.21 16.51
C ASN A 312 25.01 18.02 18.00
N THR A 313 25.19 19.11 18.76
CA THR A 313 25.28 19.02 20.22
C THR A 313 23.93 18.82 20.90
N THR A 314 24.01 18.47 22.19
CA THR A 314 22.84 18.27 23.00
C THR A 314 22.69 19.39 24.04
N ILE A 315 21.43 19.76 24.25
CA ILE A 315 21.04 20.72 25.27
C ILE A 315 21.03 20.05 26.64
N GLN A 316 20.89 18.73 26.64
CA GLN A 316 20.74 17.93 27.86
C GLN A 316 21.95 18.03 28.80
N ARG A 317 21.67 17.81 30.09
CA ARG A 317 22.64 17.98 31.17
C ARG A 317 22.51 16.77 32.09
N PRO A 318 23.12 15.64 31.69
CA PRO A 318 22.90 14.41 32.44
C PRO A 318 23.54 14.42 33.83
N GLU A 319 22.90 13.73 34.77
CA GLU A 319 23.48 13.42 36.08
C GLU A 319 24.71 12.52 35.88
N SER A 320 25.69 12.68 36.79
CA SER A 320 27.01 12.01 36.76
C SER A 320 28.10 12.85 36.06
N LEU A 321 27.84 14.15 35.93
CA LEU A 321 28.69 15.12 35.25
C LEU A 321 29.47 15.89 36.35
N ARG A 322 30.79 16.11 36.16
CA ARG A 322 31.62 16.79 37.21
C ARG A 322 32.04 18.26 36.95
N SER A 323 32.85 18.56 35.92
CA SER A 323 33.54 19.90 35.87
C SER A 323 32.52 21.01 36.09
N GLU A 324 32.79 21.89 37.06
CA GLU A 324 31.78 22.73 37.73
C GLU A 324 30.99 23.65 36.82
N SER A 325 31.57 23.99 35.67
CA SER A 325 30.86 24.68 34.59
C SER A 325 29.67 23.93 33.95
N LYS A 326 29.49 22.66 34.28
CA LYS A 326 28.40 21.80 33.76
C LYS A 326 26.93 22.29 33.72
N HIS A 327 26.68 23.51 34.19
CA HIS A 327 25.32 24.09 34.30
C HIS A 327 25.03 25.16 33.22
N GLU A 328 26.02 25.40 32.36
CA GLU A 328 26.06 26.57 31.47
C GLU A 328 25.15 26.41 30.27
N THR A 329 24.51 27.52 29.87
CA THR A 329 23.61 27.56 28.72
C THR A 329 24.45 27.40 27.50
N GLY A 330 24.19 26.33 26.75
CA GLY A 330 24.93 26.05 25.53
C GLY A 330 24.70 24.65 24.98
N GLY A 331 25.47 24.31 23.94
CA GLY A 331 25.46 22.98 23.33
C GLY A 331 26.51 22.07 23.94
N LEU A 332 26.07 21.09 24.74
CA LEU A 332 27.00 20.14 25.31
C LEU A 332 27.51 19.15 24.24
N SER A 333 28.83 19.10 24.04
CA SER A 333 29.48 18.12 23.16
C SER A 333 30.40 17.17 23.98
N GLY A 334 31.03 16.22 23.31
CA GLY A 334 31.99 15.30 23.94
C GLY A 334 31.48 13.92 24.40
N ARG A 335 32.15 13.40 25.43
CA ARG A 335 31.94 12.04 25.92
C ARG A 335 30.48 11.73 26.21
N PRO A 336 29.78 12.57 26.99
CA PRO A 336 28.40 12.25 27.31
C PRO A 336 27.44 12.52 26.16
N LEU A 337 27.98 12.82 24.99
CA LEU A 337 27.19 12.79 23.80
C LEU A 337 27.38 11.50 23.01
N LYS A 338 28.11 10.51 23.54
CA LYS A 338 28.41 9.24 22.83
C LYS A 338 27.17 8.33 22.77
N ALA A 339 26.69 7.92 23.94
CA ALA A 339 25.55 7.02 24.04
C ALA A 339 24.28 7.65 23.42
N MET A 340 23.97 8.85 23.88
CA MET A 340 23.09 9.82 23.21
C MET A 340 23.05 9.69 21.68
N SER A 341 24.22 9.85 21.05
CA SER A 341 24.41 9.98 19.59
C SER A 341 24.45 8.66 18.85
N THR A 342 25.15 7.69 19.45
CA THR A 342 25.35 6.38 18.88
C THR A 342 24.02 5.58 18.76
N LYS A 343 23.06 5.86 19.64
CA LYS A 343 21.72 5.26 19.57
C LYS A 343 20.86 5.97 18.56
N CYS A 344 21.13 7.25 18.34
CA CYS A 344 20.39 8.07 17.40
C CYS A 344 20.96 8.05 15.97
N VAL A 345 22.10 7.41 15.77
CA VAL A 345 22.49 6.89 14.46
C VAL A 345 21.55 5.73 14.16
N SER A 346 21.69 4.66 14.96
CA SER A 346 20.99 3.35 14.81
C SER A 346 19.53 3.46 14.40
N ASP A 347 18.80 4.32 15.11
CA ASP A 347 17.36 4.53 14.86
C ASP A 347 17.07 5.26 13.53
N MET A 348 18.10 5.79 12.88
CA MET A 348 17.94 6.44 11.59
C MET A 348 18.46 5.58 10.43
N TYR A 349 19.55 4.85 10.63
CA TYR A 349 19.98 3.92 9.61
C TYR A 349 18.87 2.89 9.41
N LYS A 350 18.40 2.26 10.49
CA LYS A 350 17.37 1.20 10.41
C LYS A 350 15.88 1.64 10.50
N MET A 351 15.64 2.94 10.44
CA MET A 351 14.31 3.48 10.20
C MET A 351 14.28 4.06 8.79
N THR A 352 15.33 3.81 8.00
CA THR A 352 15.40 4.27 6.62
C THR A 352 15.93 3.20 5.66
N ASN A 353 15.94 1.92 6.08
CA ASN A 353 16.53 0.80 5.30
C ASN A 353 18.01 0.98 4.94
N GLY A 354 18.74 1.76 5.75
CA GLY A 354 20.02 2.31 5.33
C GLY A 354 20.03 3.05 3.99
N GLN A 355 18.87 3.39 3.44
CA GLN A 355 18.78 4.06 2.13
C GLN A 355 19.27 5.53 2.22
N VAL A 356 19.04 6.18 3.35
CA VAL A 356 19.44 7.57 3.54
C VAL A 356 20.78 7.54 4.23
N ALA A 357 21.82 8.05 3.57
CA ALA A 357 23.21 7.95 4.08
C ALA A 357 23.36 8.71 5.38
N ILE A 358 24.36 8.35 6.20
CA ILE A 358 24.52 8.95 7.53
C ILE A 358 25.98 9.26 7.86
N ILE A 359 26.26 10.51 8.22
CA ILE A 359 27.55 10.88 8.79
C ILE A 359 27.21 11.29 10.21
N ALA A 360 27.89 10.71 11.20
CA ALA A 360 27.58 10.97 12.62
C ALA A 360 28.73 11.64 13.33
N SER A 361 28.40 12.49 14.30
CA SER A 361 29.36 13.06 15.25
C SER A 361 28.85 12.89 16.69
N GLY A 362 29.50 13.57 17.63
CA GLY A 362 29.20 13.43 19.05
C GLY A 362 30.02 12.31 19.68
N GLY A 363 30.93 12.70 20.57
CA GLY A 363 31.79 11.77 21.30
C GLY A 363 32.37 10.66 20.42
N ILE A 364 33.22 11.01 19.47
CA ILE A 364 34.02 10.02 18.74
C ILE A 364 35.51 10.35 18.94
N GLU A 365 36.16 9.64 19.86
CA GLU A 365 37.55 9.96 20.26
C GLU A 365 38.55 8.81 20.11
N THR A 366 38.10 7.67 19.59
CA THR A 366 38.89 6.44 19.50
C THR A 366 38.40 5.60 18.33
N GLY A 367 39.32 4.91 17.64
CA GLY A 367 38.91 3.90 16.66
C GLY A 367 37.77 3.03 17.14
N LEU A 368 37.83 2.60 18.41
CA LEU A 368 36.76 1.79 19.00
C LEU A 368 35.46 2.55 19.09
N ASP A 369 35.52 3.82 19.46
CA ASP A 369 34.36 4.70 19.40
C ASP A 369 33.81 4.70 17.99
N ALA A 370 34.72 4.87 17.02
CA ALA A 370 34.33 5.06 15.64
C ALA A 370 33.71 3.82 15.08
N TYR A 371 34.48 2.72 15.06
CA TYR A 371 34.01 1.40 14.56
C TYR A 371 32.66 1.02 15.17
N LYS A 372 32.59 1.17 16.49
CA LYS A 372 31.36 1.01 17.24
C LYS A 372 30.23 1.70 16.54
N ARG A 373 30.44 2.98 16.22
CA ARG A 373 29.41 3.81 15.58
C ARG A 373 29.26 3.55 14.09
N ILE A 374 30.38 3.19 13.44
CA ILE A 374 30.43 2.87 12.00
C ILE A 374 29.56 1.65 11.70
N ARG A 375 29.82 0.57 12.43
CA ARG A 375 28.92 -0.59 12.48
C ARG A 375 27.47 -0.14 12.53
N ALA A 376 27.16 0.72 13.50
CA ALA A 376 25.80 1.14 13.82
C ALA A 376 25.03 1.74 12.67
N GLY A 377 25.72 2.34 11.71
CA GLY A 377 25.07 2.88 10.50
C GLY A 377 25.66 4.15 9.85
N ALA A 378 26.56 4.82 10.55
CA ALA A 378 27.32 5.91 9.94
C ALA A 378 28.34 5.37 8.94
N SER A 379 28.48 5.98 7.76
CA SER A 379 29.60 5.66 6.86
C SER A 379 30.77 6.63 7.07
N ALA A 380 30.61 7.58 7.98
CA ALA A 380 31.71 8.51 8.31
C ALA A 380 31.59 9.06 9.73
N VAL A 381 32.68 9.67 10.19
CA VAL A 381 32.80 10.12 11.57
C VAL A 381 33.54 11.48 11.69
N GLU A 382 32.77 12.50 12.10
CA GLU A 382 33.24 13.85 12.41
C GLU A 382 33.69 14.00 13.88
N VAL A 383 34.71 14.84 14.08
CA VAL A 383 35.39 15.02 15.36
C VAL A 383 35.62 16.50 15.65
N TYR A 384 35.55 16.89 16.92
CA TYR A 384 35.92 18.24 17.33
C TYR A 384 36.36 18.22 18.77
N THR A 385 35.45 17.87 19.68
CA THR A 385 35.78 17.83 21.11
C THR A 385 36.95 16.88 21.41
N SER A 386 37.02 15.76 20.70
CA SER A 386 38.21 14.91 20.68
C SER A 386 39.43 15.72 20.25
N MET A 387 39.29 16.37 19.11
CA MET A 387 40.34 17.20 18.50
C MET A 387 40.91 18.28 19.43
N ILE A 388 40.12 18.78 20.38
CA ILE A 388 40.62 19.70 21.43
C ILE A 388 41.39 19.00 22.57
N TYR A 389 40.92 17.82 23.00
CA TYR A 389 41.61 17.03 24.03
C TYR A 389 42.79 16.20 23.49
N ARG A 390 42.53 15.26 22.59
CA ARG A 390 43.60 14.44 21.96
C ARG A 390 44.54 15.19 20.99
N GLY A 391 44.20 16.43 20.58
CA GLY A 391 45.04 17.20 19.64
C GLY A 391 44.62 16.95 18.18
N PRO A 392 45.48 17.37 17.20
CA PRO A 392 45.17 17.18 15.77
C PRO A 392 45.48 15.79 15.20
N ILE A 393 46.09 14.93 16.03
CA ILE A 393 46.50 13.60 15.64
C ILE A 393 45.39 12.60 16.02
N VAL A 394 44.32 13.10 16.65
CA VAL A 394 43.06 12.35 16.79
C VAL A 394 42.59 11.75 15.46
N ALA A 395 42.92 12.40 14.35
CA ALA A 395 42.63 11.86 13.01
C ALA A 395 43.36 10.56 12.70
N ARG A 396 44.70 10.59 12.86
CA ARG A 396 45.55 9.42 12.58
C ARG A 396 45.49 8.37 13.69
N ARG A 397 45.29 8.79 14.92
CA ARG A 397 45.13 7.85 16.03
C ARG A 397 43.81 7.08 15.96
N VAL A 398 42.75 7.73 15.48
CA VAL A 398 41.45 7.08 15.27
C VAL A 398 41.49 6.18 14.02
N LYS A 399 42.06 6.68 12.92
CA LYS A 399 42.30 5.86 11.73
C LYS A 399 42.95 4.53 12.09
N ASP A 400 44.03 4.59 12.88
CA ASP A 400 44.84 3.40 13.22
C ASP A 400 44.10 2.40 14.07
N GLU A 401 43.50 2.89 15.17
CA GLU A 401 42.66 2.05 16.01
C GLU A 401 41.50 1.47 15.19
N LEU A 402 40.83 2.29 14.37
CA LEU A 402 39.73 1.81 13.52
C LEU A 402 40.14 0.62 12.65
N LEU A 403 41.34 0.70 12.07
CA LEU A 403 41.90 -0.34 11.18
C LEU A 403 42.10 -1.70 11.89
N ASN A 404 42.80 -1.67 13.03
CA ASN A 404 43.06 -2.87 13.84
C ASN A 404 41.75 -3.56 14.22
N ILE A 405 40.73 -2.77 14.60
CA ILE A 405 39.40 -3.30 14.92
C ILE A 405 38.72 -3.97 13.71
N LEU A 406 39.21 -3.71 12.50
CA LEU A 406 38.67 -4.39 11.31
C LEU A 406 39.28 -5.79 11.11
N ASN A 407 40.57 -5.92 11.44
CA ASN A 407 41.27 -7.23 11.32
C ASN A 407 40.78 -8.20 12.41
N GLN A 408 41.04 -7.85 13.68
CA GLN A 408 40.46 -8.51 14.88
C GLN A 408 39.00 -8.97 14.76
N ALA A 409 38.13 -8.12 14.18
CA ALA A 409 36.69 -8.42 14.03
C ALA A 409 36.43 -9.45 12.95
N GLY A 410 37.09 -9.28 11.81
CA GLY A 410 37.11 -10.28 10.74
C GLY A 410 36.96 -9.66 9.39
N ILE A 411 35.82 -9.00 9.20
CA ILE A 411 35.61 -8.15 8.03
C ILE A 411 36.56 -6.95 8.04
N TYR A 412 37.53 -6.99 7.15
CA TYR A 412 38.47 -5.88 6.93
C TYR A 412 37.68 -4.75 6.32
N ASN A 413 38.34 -3.64 6.00
CA ASN A 413 37.67 -2.50 5.32
C ASN A 413 36.73 -1.77 6.24
N VAL A 414 36.14 -0.71 5.71
CA VAL A 414 35.12 0.00 6.45
C VAL A 414 33.74 -0.22 5.81
N GLN A 415 33.61 -0.07 4.49
CA GLN A 415 32.31 -0.25 3.81
C GLN A 415 31.53 -1.50 4.28
N ASP A 416 32.26 -2.61 4.45
CA ASP A 416 31.70 -3.87 4.94
C ASP A 416 31.06 -3.73 6.32
N ALA A 417 31.75 -3.05 7.22
CA ALA A 417 31.28 -2.86 8.59
C ALA A 417 30.04 -1.98 8.75
N ILE A 418 29.63 -1.23 7.72
CA ILE A 418 28.45 -0.34 7.82
C ILE A 418 27.18 -1.16 7.96
N GLY A 419 26.37 -0.81 8.95
CA GLY A 419 25.04 -1.43 9.15
C GLY A 419 25.05 -2.82 9.77
N LEU A 420 26.14 -3.16 10.46
CA LEU A 420 26.44 -4.54 10.87
C LEU A 420 25.64 -4.90 12.10
N ASP A 421 25.15 -3.90 12.84
CA ASP A 421 24.19 -4.12 13.93
C ASP A 421 22.78 -4.51 13.43
N HIS A 422 22.47 -4.24 12.15
CA HIS A 422 21.16 -4.51 11.52
C HIS A 422 21.21 -5.41 10.26
N ARG A 423 22.38 -5.99 9.99
CA ARG A 423 22.62 -6.79 8.79
C ARG A 423 21.67 -7.99 8.81
N PRO A 424 20.98 -8.30 7.68
CA PRO A 424 20.30 -9.59 7.53
C PRO A 424 21.22 -10.66 6.94
N ASP B 40 22.16 -14.51 -41.87
CA ASP B 40 22.83 -15.29 -40.79
C ASP B 40 23.61 -14.39 -39.82
N PRO B 41 23.34 -14.49 -38.49
CA PRO B 41 24.04 -13.69 -37.49
C PRO B 41 25.24 -14.34 -36.75
N GLU B 42 25.56 -15.62 -36.97
CA GLU B 42 26.81 -16.15 -36.42
C GLU B 42 27.97 -15.57 -37.22
N LEU B 43 27.91 -15.63 -38.55
CA LEU B 43 29.01 -15.13 -39.41
C LEU B 43 29.01 -13.60 -39.50
N ALA B 44 27.83 -12.97 -39.41
CA ALA B 44 27.78 -11.52 -39.23
C ALA B 44 28.53 -11.13 -37.94
N HIS B 45 28.08 -11.63 -36.78
CA HIS B 45 28.70 -11.35 -35.48
C HIS B 45 30.20 -11.49 -35.52
N ASP B 46 30.72 -12.56 -36.08
CA ASP B 46 32.18 -12.71 -36.19
C ASP B 46 32.74 -11.53 -36.98
N MET B 47 32.10 -11.21 -38.09
CA MET B 47 32.50 -10.06 -38.90
C MET B 47 32.24 -8.70 -38.22
N VAL B 48 31.44 -8.64 -37.14
CA VAL B 48 31.38 -7.48 -36.19
C VAL B 48 32.52 -7.55 -35.16
N MET B 49 32.76 -8.77 -34.71
CA MET B 49 33.54 -9.07 -33.53
C MET B 49 35.03 -9.02 -33.82
N TRP B 50 35.46 -9.76 -34.83
CA TRP B 50 36.86 -9.73 -35.21
C TRP B 50 37.17 -8.34 -35.81
N LEU B 51 36.19 -7.77 -36.53
CA LEU B 51 36.37 -6.49 -37.24
C LEU B 51 36.65 -5.35 -36.30
N ALA B 52 36.11 -5.43 -35.09
CA ALA B 52 36.39 -4.50 -34.00
C ALA B 52 37.82 -4.64 -33.51
N ALA B 53 38.23 -5.87 -33.20
CA ALA B 53 39.56 -6.11 -32.60
C ALA B 53 40.77 -5.69 -33.47
N LYS B 54 40.63 -5.65 -34.81
CA LYS B 54 41.73 -5.23 -35.71
C LYS B 54 41.49 -3.81 -36.23
N GLY B 55 41.27 -2.90 -35.28
CA GLY B 55 41.06 -1.46 -35.55
C GLY B 55 39.79 -1.16 -36.32
N TYR B 56 39.95 -1.02 -37.64
CA TYR B 56 38.91 -1.16 -38.69
C TYR B 56 37.41 -0.76 -38.44
N LEU B 57 37.00 -0.34 -37.23
CA LEU B 57 35.61 0.06 -36.94
C LEU B 57 35.59 1.51 -36.50
N PRO B 58 34.48 2.23 -36.79
CA PRO B 58 34.47 3.68 -36.60
C PRO B 58 34.55 4.09 -35.13
N TYR B 59 34.63 5.39 -34.87
CA TYR B 59 34.51 5.85 -33.50
C TYR B 59 33.32 6.80 -33.32
N ASP B 60 32.76 6.75 -32.12
CA ASP B 60 31.85 7.77 -31.64
C ASP B 60 32.80 8.71 -30.94
N LEU B 61 32.67 10.00 -31.24
CA LEU B 61 33.46 11.05 -30.59
C LEU B 61 32.48 12.04 -29.99
N GLU B 62 31.41 11.45 -29.45
CA GLU B 62 30.38 12.14 -28.69
C GLU B 62 31.05 12.93 -27.56
N ARG B 63 30.40 14.02 -27.13
CA ARG B 63 30.85 14.75 -25.96
C ARG B 63 30.58 13.85 -24.73
N ASP B 64 29.46 13.12 -24.74
CA ASP B 64 28.96 12.36 -23.58
C ASP B 64 28.89 13.31 -22.40
N ASP B 65 27.85 14.14 -22.39
CA ASP B 65 27.72 15.16 -21.38
C ASP B 65 27.24 14.52 -20.10
N PRO B 66 27.74 14.99 -18.94
CA PRO B 66 27.68 14.29 -17.64
C PRO B 66 26.28 13.97 -17.09
N GLU B 67 25.25 14.20 -17.90
CA GLU B 67 23.89 13.70 -17.63
C GLU B 67 23.83 12.16 -17.74
N LEU B 68 24.56 11.61 -18.71
CA LEU B 68 24.62 10.17 -18.93
C LEU B 68 25.32 9.41 -17.78
N SER B 69 26.25 10.05 -17.07
CA SER B 69 26.98 9.39 -15.94
C SER B 69 26.07 8.92 -14.80
N VAL B 70 26.43 7.76 -14.26
CA VAL B 70 25.63 7.05 -13.28
C VAL B 70 26.56 6.55 -12.20
N ASN B 71 26.01 6.28 -11.02
CA ASN B 71 26.78 5.68 -9.93
C ASN B 71 26.12 4.42 -9.41
N ILE B 72 26.51 3.28 -9.97
CA ILE B 72 26.11 2.00 -9.41
C ILE B 72 27.13 1.71 -8.33
N LYS B 73 26.64 1.80 -7.10
CA LYS B 73 27.37 1.45 -5.88
C LYS B 73 28.89 1.76 -5.86
N GLY B 74 29.29 2.91 -6.40
CA GLY B 74 30.68 3.39 -6.29
C GLY B 74 31.52 3.17 -7.53
N LEU B 75 31.00 2.32 -8.41
CA LEU B 75 31.42 2.26 -9.80
C LEU B 75 30.90 3.53 -10.48
N THR B 76 31.54 3.99 -11.55
CA THR B 76 31.08 5.19 -12.29
C THR B 76 30.92 4.83 -13.74
N PHE B 77 29.69 4.57 -14.15
CA PHE B 77 29.37 4.29 -15.55
C PHE B 77 29.17 5.60 -16.29
N HIS B 78 30.23 6.07 -16.96
CA HIS B 78 30.13 7.31 -17.71
C HIS B 78 28.91 7.31 -18.62
N THR B 79 28.66 6.20 -19.33
CA THR B 79 27.45 6.02 -20.15
C THR B 79 26.69 4.81 -19.59
N PRO B 80 25.33 4.87 -19.56
CA PRO B 80 24.48 3.77 -19.04
C PRO B 80 24.12 2.69 -20.07
N VAL B 81 24.14 3.02 -21.35
CA VAL B 81 24.18 1.97 -22.40
C VAL B 81 25.49 1.16 -22.30
N GLY B 82 25.40 -0.13 -22.59
CA GLY B 82 26.56 -0.99 -22.61
C GLY B 82 26.27 -2.24 -23.40
N LEU B 83 27.25 -3.13 -23.49
CA LEU B 83 27.16 -4.31 -24.36
C LEU B 83 26.96 -5.60 -23.56
N ALA B 84 25.79 -6.21 -23.71
CA ALA B 84 25.38 -7.36 -22.92
C ALA B 84 26.21 -8.58 -23.26
N ALA B 85 26.05 -9.60 -22.43
CA ALA B 85 26.97 -10.73 -22.42
C ALA B 85 26.89 -11.68 -23.64
N GLY B 86 27.99 -12.36 -23.85
CA GLY B 86 28.11 -13.33 -24.91
C GLY B 86 28.16 -12.70 -26.29
N PHE B 87 28.64 -11.46 -26.38
CA PHE B 87 29.06 -10.89 -27.66
C PHE B 87 30.55 -11.17 -27.73
N ASP B 88 31.29 -10.63 -26.78
CA ASP B 88 32.72 -10.86 -26.64
C ASP B 88 32.92 -12.04 -25.68
N LYS B 89 32.50 -13.21 -26.14
CA LYS B 89 32.68 -14.44 -25.38
C LYS B 89 34.09 -14.65 -24.82
N ASN B 90 35.10 -14.11 -25.48
CA ASN B 90 36.46 -14.43 -25.09
C ASN B 90 37.30 -13.27 -24.60
N ALA B 91 36.75 -12.06 -24.70
CA ALA B 91 37.43 -10.82 -24.30
C ALA B 91 38.39 -10.29 -25.34
N GLU B 92 38.18 -10.66 -26.59
CA GLU B 92 39.12 -10.28 -27.64
C GLU B 92 39.33 -8.77 -27.75
N ALA B 93 38.28 -7.98 -27.47
CA ALA B 93 38.31 -6.51 -27.66
C ALA B 93 37.15 -5.75 -26.96
N PRO B 94 37.17 -5.69 -25.61
CA PRO B 94 36.15 -4.98 -24.84
C PRO B 94 36.52 -3.53 -24.50
N LEU B 95 37.79 -3.16 -24.55
CA LEU B 95 38.18 -1.75 -24.54
C LEU B 95 37.68 -1.03 -25.81
N ASN B 96 37.67 -1.73 -26.94
CA ASN B 96 37.41 -1.15 -28.27
C ASN B 96 35.94 -0.86 -28.62
N PHE B 97 35.06 -1.82 -28.34
CA PHE B 97 33.61 -1.63 -28.45
C PHE B 97 33.22 -0.44 -27.60
N CYS B 98 33.81 -0.46 -26.43
CA CYS B 98 33.60 0.54 -25.44
C CYS B 98 34.08 1.93 -25.95
N LYS B 99 35.24 1.98 -26.61
CA LYS B 99 35.72 3.22 -27.32
C LYS B 99 34.77 3.66 -28.46
N MET B 100 34.08 2.66 -29.01
CA MET B 100 33.04 2.80 -30.03
C MET B 100 31.71 3.40 -29.54
N GLY B 101 31.56 3.66 -28.23
CA GLY B 101 30.33 4.30 -27.69
C GLY B 101 29.71 3.66 -26.43
N PHE B 102 29.87 2.35 -26.26
CA PHE B 102 29.35 1.68 -25.06
C PHE B 102 30.12 2.16 -23.86
N GLY B 103 29.41 2.67 -22.86
CA GLY B 103 30.01 3.03 -21.59
C GLY B 103 30.58 1.84 -20.85
N PHE B 104 30.04 0.65 -21.11
CA PHE B 104 30.59 -0.56 -20.53
C PHE B 104 30.34 -1.83 -21.36
N VAL B 105 31.23 -2.80 -21.20
CA VAL B 105 31.15 -4.04 -21.95
C VAL B 105 31.34 -5.23 -21.01
N GLU B 106 30.28 -6.05 -20.91
CA GLU B 106 30.20 -7.24 -20.05
C GLU B 106 30.69 -8.41 -20.87
N VAL B 107 31.75 -9.07 -20.45
CA VAL B 107 32.48 -9.96 -21.35
C VAL B 107 31.96 -11.38 -21.29
N GLY B 108 31.57 -11.88 -22.47
CA GLY B 108 31.23 -13.27 -22.75
C GLY B 108 30.34 -14.02 -21.79
N THR B 109 30.57 -15.31 -21.67
CA THR B 109 30.47 -16.02 -20.39
C THR B 109 31.84 -16.72 -20.35
N ILE B 110 32.36 -17.07 -19.18
CA ILE B 110 33.63 -17.80 -19.16
C ILE B 110 33.59 -19.06 -18.28
N THR B 111 33.38 -20.20 -18.96
CA THR B 111 33.39 -21.51 -18.33
C THR B 111 34.84 -21.89 -17.98
N PRO B 112 35.07 -22.50 -16.80
CA PRO B 112 36.44 -22.72 -16.40
C PRO B 112 37.23 -23.35 -17.50
N LYS B 113 36.81 -24.53 -17.97
CA LYS B 113 37.47 -25.21 -19.10
C LYS B 113 37.02 -24.57 -20.41
N PRO B 114 37.56 -25.04 -21.54
CA PRO B 114 36.99 -24.66 -22.82
C PRO B 114 35.67 -25.38 -23.13
N GLN B 115 34.99 -24.95 -24.21
CA GLN B 115 33.73 -25.56 -24.72
C GLN B 115 33.52 -25.22 -26.21
N LEU B 116 33.16 -26.20 -27.03
CA LEU B 116 32.96 -25.93 -28.47
C LEU B 116 31.59 -25.29 -28.82
N GLY B 117 30.57 -25.62 -28.01
CA GLY B 117 29.19 -25.25 -28.30
C GLY B 117 28.44 -26.39 -28.98
N ASN B 118 27.12 -26.15 -29.17
CA ASN B 118 26.17 -27.06 -29.90
C ASN B 118 26.42 -26.93 -31.40
N PRO B 119 26.15 -27.98 -32.19
CA PRO B 119 26.51 -27.81 -33.59
C PRO B 119 25.69 -26.70 -34.21
N LYS B 120 26.19 -26.16 -35.30
CA LYS B 120 25.50 -25.08 -36.01
C LYS B 120 24.44 -25.67 -36.98
N PRO B 121 23.33 -24.98 -37.24
CA PRO B 121 23.06 -23.59 -36.83
C PRO B 121 22.45 -23.44 -35.45
N ARG B 122 22.84 -22.36 -34.76
CA ARG B 122 22.55 -22.16 -33.33
C ARG B 122 22.19 -20.75 -32.98
N ILE B 123 21.67 -20.00 -33.94
CA ILE B 123 21.51 -18.55 -33.79
C ILE B 123 20.81 -17.98 -35.04
N PHE B 124 19.47 -17.91 -34.98
CA PHE B 124 18.60 -17.61 -36.15
C PHE B 124 17.98 -16.21 -36.02
N ARG B 125 18.12 -15.39 -37.06
CA ARG B 125 17.50 -14.04 -37.06
C ARG B 125 16.00 -14.08 -37.41
N LEU B 126 15.22 -13.31 -36.66
CA LEU B 126 13.77 -13.13 -36.92
C LEU B 126 13.52 -11.66 -37.30
N ALA B 127 13.37 -11.43 -38.61
CA ALA B 127 13.24 -10.08 -39.18
C ALA B 127 11.94 -9.41 -38.81
N LYS B 128 10.84 -10.18 -38.87
CA LYS B 128 9.51 -9.63 -38.58
C LYS B 128 9.47 -9.15 -37.14
N ASP B 129 9.95 -10.01 -36.23
CA ASP B 129 9.88 -9.73 -34.78
C ASP B 129 11.18 -9.16 -34.20
N HIS B 130 12.07 -8.63 -35.07
CA HIS B 130 13.33 -8.04 -34.66
C HIS B 130 13.91 -8.83 -33.49
N ALA B 131 13.89 -10.15 -33.62
CA ALA B 131 14.26 -11.05 -32.53
C ALA B 131 15.38 -11.97 -33.00
N ILE B 132 16.12 -12.54 -32.05
CA ILE B 132 17.16 -13.55 -32.34
C ILE B 132 16.95 -14.75 -31.39
N ILE B 133 16.75 -15.93 -31.98
CA ILE B 133 16.70 -17.20 -31.24
C ILE B 133 18.06 -17.87 -31.37
N ASN B 134 18.54 -18.42 -30.25
CA ASN B 134 19.90 -18.92 -30.16
C ASN B 134 20.09 -20.08 -29.19
N ARG B 135 21.18 -20.80 -29.38
CA ARG B 135 21.41 -22.07 -28.70
C ARG B 135 22.89 -22.53 -28.74
N CYS B 136 23.81 -21.60 -28.46
CA CYS B 136 25.25 -21.92 -28.43
C CYS B 136 25.63 -22.77 -27.22
N GLY B 137 24.95 -22.52 -26.09
CA GLY B 137 25.17 -23.26 -24.84
C GLY B 137 26.58 -23.11 -24.30
N PHE B 138 27.01 -21.87 -24.11
CA PHE B 138 28.23 -21.51 -23.43
C PHE B 138 29.45 -21.91 -24.19
N ASN B 139 29.66 -21.29 -25.32
CA ASN B 139 30.84 -21.58 -26.15
C ASN B 139 32.06 -20.70 -25.80
N SER B 140 32.63 -20.84 -24.59
CA SER B 140 33.79 -20.02 -24.15
C SER B 140 35.10 -20.72 -24.46
N ALA B 141 36.21 -20.01 -24.24
CA ALA B 141 37.58 -20.52 -24.53
C ALA B 141 38.38 -20.91 -23.26
N GLY B 142 37.75 -20.78 -22.09
CA GLY B 142 38.33 -21.25 -20.86
C GLY B 142 39.02 -20.12 -20.17
N LEU B 143 39.08 -20.21 -18.84
CA LEU B 143 39.80 -19.25 -18.04
C LEU B 143 41.30 -19.23 -18.42
N ASP B 144 41.90 -20.41 -18.64
CA ASP B 144 43.26 -20.52 -19.21
C ASP B 144 43.56 -19.49 -20.30
N VAL B 145 42.61 -19.40 -21.23
CA VAL B 145 42.68 -18.49 -22.37
C VAL B 145 42.17 -17.11 -22.03
N VAL B 146 41.01 -17.03 -21.40
CA VAL B 146 40.40 -15.71 -21.14
C VAL B 146 41.14 -14.86 -20.09
N GLU B 147 41.80 -15.46 -19.10
CA GLU B 147 42.50 -14.68 -18.02
C GLU B 147 43.69 -13.83 -18.53
N PRO B 148 44.66 -14.46 -19.24
CA PRO B 148 45.74 -13.69 -19.84
C PRO B 148 45.28 -12.56 -20.78
N ARG B 149 44.07 -12.66 -21.35
CA ARG B 149 43.49 -11.54 -22.12
C ARG B 149 43.04 -10.38 -21.20
N LEU B 150 42.37 -10.68 -20.08
CA LEU B 150 41.92 -9.67 -19.13
C LEU B 150 43.11 -9.11 -18.32
N GLU B 151 44.15 -9.93 -18.12
CA GLU B 151 45.50 -9.45 -17.76
C GLU B 151 45.81 -8.21 -18.58
N LYS B 152 45.89 -8.37 -19.90
CA LYS B 152 46.23 -7.29 -20.83
C LYS B 152 45.20 -6.15 -20.84
N VAL B 153 43.91 -6.49 -20.83
CA VAL B 153 42.85 -5.46 -20.84
C VAL B 153 42.93 -4.60 -19.58
N SER B 154 43.38 -5.19 -18.48
CA SER B 154 43.72 -4.42 -17.32
C SER B 154 44.84 -3.41 -17.61
N ARG B 155 46.00 -3.87 -18.03
CA ARG B 155 47.17 -2.97 -18.10
C ARG B 155 46.99 -1.85 -19.11
N ASP B 156 46.64 -2.18 -20.34
CA ASP B 156 46.54 -1.12 -21.35
C ASP B 156 45.24 -0.29 -21.26
N ARG B 157 44.41 -0.52 -20.24
CA ARG B 157 43.21 0.30 -19.96
C ARG B 157 43.48 1.81 -19.80
N TRP B 158 44.67 2.16 -19.31
CA TRP B 158 45.02 3.55 -19.00
C TRP B 158 45.93 4.16 -20.09
N HIS B 159 46.86 3.35 -20.59
CA HIS B 159 47.79 3.78 -21.63
C HIS B 159 47.24 3.77 -23.05
N ASP B 160 46.19 2.98 -23.31
CA ASP B 160 45.69 2.81 -24.71
C ASP B 160 45.20 4.12 -25.32
N ARG B 161 44.52 4.96 -24.53
CA ARG B 161 44.15 6.34 -24.95
C ARG B 161 43.69 7.31 -23.84
N LEU B 162 43.89 6.97 -22.56
CA LEU B 162 43.28 7.70 -21.43
C LEU B 162 41.73 7.85 -21.55
N GLU B 163 41.08 6.91 -22.26
CA GLU B 163 39.63 7.00 -22.57
C GLU B 163 38.67 7.02 -21.35
N ARG B 164 37.41 7.39 -21.60
CA ARG B 164 36.35 7.45 -20.55
C ARG B 164 36.15 6.06 -20.01
N HIS B 165 36.61 5.86 -18.77
CA HIS B 165 36.84 4.54 -18.20
C HIS B 165 35.94 3.49 -18.83
N CYS B 166 36.60 2.49 -19.41
CA CYS B 166 35.92 1.29 -19.89
C CYS B 166 35.65 0.32 -18.75
N VAL B 167 34.43 0.39 -18.24
CA VAL B 167 33.96 -0.41 -17.12
C VAL B 167 33.79 -1.84 -17.60
N LEU B 168 34.67 -2.70 -17.13
CA LEU B 168 34.73 -4.08 -17.59
C LEU B 168 33.93 -4.92 -16.61
N GLY B 169 32.76 -5.38 -17.05
CA GLY B 169 32.05 -6.42 -16.33
C GLY B 169 32.44 -7.78 -16.88
N VAL B 170 32.96 -8.67 -16.04
CA VAL B 170 33.23 -10.05 -16.44
C VAL B 170 32.08 -10.98 -15.96
N ASN B 171 31.77 -11.96 -16.80
CA ASN B 171 30.60 -12.84 -16.67
C ASN B 171 31.06 -14.30 -16.67
N ILE B 172 30.86 -15.00 -15.54
CA ILE B 172 31.38 -16.36 -15.32
C ILE B 172 30.25 -17.42 -15.22
N GLY B 173 30.53 -18.67 -15.60
CA GLY B 173 29.53 -19.77 -15.54
C GLY B 173 30.07 -21.18 -15.27
N LYS B 174 29.19 -22.14 -14.96
CA LYS B 174 29.59 -23.55 -14.86
C LYS B 174 29.61 -24.18 -16.24
N ASN B 175 30.40 -25.26 -16.38
CA ASN B 175 30.75 -25.80 -17.71
C ASN B 175 29.55 -26.43 -18.48
N LYS B 176 29.38 -27.76 -18.36
CA LYS B 176 28.28 -28.46 -19.01
C LYS B 176 27.89 -29.61 -18.10
N ASP B 177 28.81 -30.53 -17.87
CA ASP B 177 28.59 -31.65 -16.94
C ASP B 177 29.17 -31.35 -15.54
N THR B 178 28.96 -30.13 -15.03
CA THR B 178 29.62 -29.73 -13.78
C THR B 178 28.87 -30.31 -12.60
N VAL B 179 29.66 -30.99 -11.78
CA VAL B 179 29.19 -31.84 -10.68
C VAL B 179 28.79 -30.99 -9.46
N ASN B 180 29.49 -29.86 -9.28
CA ASN B 180 29.21 -28.87 -8.26
C ASN B 180 29.13 -27.55 -8.99
N ALA B 181 27.94 -26.97 -9.09
CA ALA B 181 27.76 -25.69 -9.79
C ALA B 181 28.61 -24.59 -9.15
N GLU B 182 28.71 -24.63 -7.82
CA GLU B 182 29.62 -23.80 -7.02
C GLU B 182 31.07 -23.86 -7.52
N ASP B 183 31.62 -25.08 -7.60
CA ASP B 183 33.06 -25.27 -7.85
C ASP B 183 33.60 -24.82 -9.23
N ASP B 184 32.74 -24.71 -10.23
CA ASP B 184 33.13 -24.05 -11.49
C ASP B 184 33.07 -22.51 -11.29
N ILE B 185 32.10 -22.03 -10.50
CA ILE B 185 31.94 -20.59 -10.17
C ILE B 185 32.97 -20.05 -9.16
N ARG B 186 33.27 -20.83 -8.14
CA ARG B 186 34.36 -20.59 -7.19
C ARG B 186 35.67 -20.23 -7.89
N GLU B 187 35.96 -20.93 -8.99
CA GLU B 187 37.16 -20.64 -9.79
C GLU B 187 36.99 -19.41 -10.70
N GLY B 188 35.81 -19.22 -11.28
CA GLY B 188 35.49 -17.98 -12.04
C GLY B 188 35.66 -16.66 -11.26
N VAL B 189 35.57 -16.77 -9.94
CA VAL B 189 36.04 -15.73 -9.05
C VAL B 189 37.58 -15.82 -9.02
N LYS B 190 38.13 -16.89 -8.44
CA LYS B 190 39.60 -17.06 -8.27
C LYS B 190 40.47 -16.47 -9.40
N ARG B 191 40.08 -16.72 -10.63
CA ARG B 191 40.95 -16.49 -11.77
C ARG B 191 40.77 -15.09 -12.37
N VAL B 192 39.54 -14.82 -12.83
CA VAL B 192 39.20 -13.58 -13.54
C VAL B 192 38.25 -12.65 -12.75
N GLY B 193 38.41 -12.67 -11.42
CA GLY B 193 37.65 -11.83 -10.53
C GLY B 193 38.31 -10.48 -10.30
N ARG B 194 39.65 -10.43 -10.36
CA ARG B 194 40.38 -9.19 -10.02
C ARG B 194 40.29 -8.12 -11.07
N PHE B 195 40.10 -8.55 -12.30
CA PHE B 195 40.05 -7.64 -13.42
C PHE B 195 38.70 -6.92 -13.49
N ALA B 196 37.68 -7.51 -12.89
CA ALA B 196 36.32 -7.05 -13.10
C ALA B 196 36.04 -5.75 -12.36
N ASP B 197 35.19 -4.93 -12.97
CA ASP B 197 34.57 -3.78 -12.33
C ASP B 197 33.29 -4.24 -11.66
N TYR B 198 32.46 -4.99 -12.41
CA TYR B 198 31.29 -5.69 -11.87
C TYR B 198 31.26 -7.15 -12.39
N LEU B 199 31.33 -8.12 -11.47
CA LEU B 199 31.40 -9.55 -11.82
C LEU B 199 30.01 -10.23 -11.74
N VAL B 200 29.59 -10.87 -12.83
CA VAL B 200 28.29 -11.55 -12.92
C VAL B 200 28.45 -13.09 -12.86
N ILE B 201 27.49 -13.78 -12.25
CA ILE B 201 27.38 -15.26 -12.31
C ILE B 201 26.13 -15.59 -13.14
N ASN B 202 26.32 -16.24 -14.29
CA ASN B 202 25.25 -16.35 -15.27
C ASN B 202 24.42 -17.58 -15.04
N LEU B 203 23.43 -17.46 -14.14
CA LEU B 203 22.57 -18.60 -13.79
C LEU B 203 21.37 -18.74 -14.72
N SER B 204 21.24 -17.83 -15.69
CA SER B 204 19.99 -17.64 -16.42
C SER B 204 19.97 -18.06 -17.90
N SER B 205 20.98 -18.79 -18.37
CA SER B 205 20.97 -19.24 -19.77
C SER B 205 20.00 -20.38 -19.94
N PRO B 206 19.06 -20.26 -20.89
CA PRO B 206 18.10 -21.34 -21.21
C PRO B 206 18.66 -22.48 -22.10
N ASN B 207 20.00 -22.61 -22.15
CA ASN B 207 20.72 -23.58 -23.00
C ASN B 207 21.77 -24.46 -22.26
N THR B 208 21.77 -24.48 -20.92
CA THR B 208 22.56 -25.45 -20.13
C THR B 208 21.68 -26.12 -19.07
N LYS B 209 21.91 -27.42 -18.90
CA LYS B 209 20.99 -28.29 -18.18
C LYS B 209 20.76 -27.82 -16.73
N GLY B 210 19.50 -27.62 -16.36
CA GLY B 210 19.14 -27.32 -14.99
C GLY B 210 19.98 -26.26 -14.31
N LEU B 211 20.14 -25.13 -14.99
CA LEU B 211 20.84 -23.95 -14.44
C LEU B 211 19.87 -22.97 -13.79
N ARG B 212 18.62 -22.91 -14.28
CA ARG B 212 17.62 -22.05 -13.66
C ARG B 212 16.95 -22.77 -12.49
N THR B 213 17.31 -24.04 -12.26
CA THR B 213 17.06 -24.65 -10.95
C THR B 213 18.17 -24.32 -9.94
N LEU B 214 19.01 -23.31 -10.24
CA LEU B 214 19.91 -22.69 -9.26
C LEU B 214 19.38 -21.32 -8.81
N GLN B 215 18.05 -21.17 -8.81
CA GLN B 215 17.36 -19.91 -8.48
C GLN B 215 16.27 -20.17 -7.41
N GLN B 216 16.51 -21.25 -6.65
CA GLN B 216 15.64 -21.73 -5.60
C GLN B 216 16.19 -21.11 -4.32
N ARG B 217 15.41 -21.05 -3.24
CA ARG B 217 15.82 -20.30 -2.04
C ARG B 217 16.98 -20.92 -1.22
N ASP B 218 18.01 -21.42 -1.89
CA ASP B 218 18.99 -22.28 -1.23
C ASP B 218 20.20 -22.52 -2.10
N HIS B 219 19.96 -22.93 -3.35
CA HIS B 219 21.01 -23.09 -4.37
C HIS B 219 21.66 -21.74 -4.70
N LEU B 220 20.84 -20.75 -5.05
CA LEU B 220 21.32 -19.40 -5.37
C LEU B 220 21.99 -18.76 -4.18
N ARG B 221 21.37 -18.90 -3.01
CA ARG B 221 21.90 -18.35 -1.76
C ARG B 221 23.28 -18.93 -1.47
N SER B 222 23.43 -20.23 -1.67
CA SER B 222 24.72 -20.89 -1.47
C SER B 222 25.75 -20.37 -2.47
N ILE B 223 25.38 -20.36 -3.76
CA ILE B 223 26.26 -19.86 -4.83
C ILE B 223 26.82 -18.48 -4.49
N ILE B 224 25.95 -17.60 -4.01
CA ILE B 224 26.33 -16.23 -3.68
C ILE B 224 27.33 -16.25 -2.52
N THR B 225 26.96 -16.95 -1.45
CA THR B 225 27.79 -17.06 -0.26
C THR B 225 29.14 -17.68 -0.60
N ALA B 226 29.13 -18.63 -1.52
CA ALA B 226 30.37 -19.32 -1.90
C ALA B 226 31.27 -18.44 -2.76
N ALA B 227 30.71 -17.78 -3.76
CA ALA B 227 31.48 -16.87 -4.63
C ALA B 227 32.06 -15.73 -3.80
N GLN B 228 31.24 -15.18 -2.89
CA GLN B 228 31.68 -14.07 -2.01
C GLN B 228 32.75 -14.46 -0.96
N SER B 229 32.96 -15.76 -0.75
CA SER B 229 34.15 -16.29 -0.07
C SER B 229 35.41 -16.02 -0.89
N GLU B 230 35.38 -16.43 -2.15
CA GLU B 230 36.52 -16.28 -3.05
C GLU B 230 36.89 -14.80 -3.30
N LEU B 231 35.90 -13.91 -3.43
CA LEU B 231 36.20 -12.49 -3.43
C LEU B 231 36.85 -12.15 -2.10
N GLU B 232 36.30 -12.70 -1.01
CA GLU B 232 36.91 -12.51 0.31
C GLU B 232 38.36 -12.97 0.39
N LYS B 233 38.90 -13.51 -0.71
CA LYS B 233 40.34 -13.74 -0.83
C LYS B 233 40.92 -12.43 -1.36
N LEU B 234 41.36 -11.62 -0.38
CA LEU B 234 42.00 -10.34 -0.60
C LEU B 234 43.45 -10.44 -0.12
N GLU B 235 44.30 -9.71 -0.82
CA GLU B 235 45.75 -9.94 -0.83
C GLU B 235 46.55 -8.62 -0.91
N GLU B 236 47.82 -8.71 -0.48
CA GLU B 236 48.65 -7.52 -0.11
C GLU B 236 49.75 -7.03 -1.07
N ARG B 237 50.24 -5.82 -0.76
CA ARG B 237 50.77 -4.90 -1.77
C ARG B 237 52.23 -4.41 -1.54
N SER B 238 52.57 -3.89 -0.36
CA SER B 238 53.92 -3.30 -0.16
C SER B 238 55.13 -4.22 -0.39
N ARG B 239 54.88 -5.54 -0.39
CA ARG B 239 55.91 -6.59 -0.32
C ARG B 239 56.05 -7.33 -1.66
N THR B 263 49.11 7.33 -11.62
CA THR B 263 47.69 7.22 -11.97
C THR B 263 47.50 6.30 -13.18
N ARG B 264 48.35 6.49 -14.21
CA ARG B 264 48.42 5.57 -15.37
C ARG B 264 48.88 4.16 -14.95
N LYS B 265 49.71 4.09 -13.90
CA LYS B 265 50.08 2.83 -13.25
C LYS B 265 49.06 2.41 -12.16
N ALA B 266 47.78 2.57 -12.47
CA ALA B 266 46.70 1.92 -11.73
C ALA B 266 46.62 0.43 -12.09
N GLU B 267 47.58 -0.07 -12.89
CA GLU B 267 47.50 -1.38 -13.50
C GLU B 267 47.95 -2.52 -12.59
N GLN B 268 48.55 -2.15 -11.46
CA GLN B 268 49.02 -3.11 -10.49
C GLN B 268 47.83 -3.35 -9.54
N PHE B 269 48.07 -3.81 -8.31
CA PHE B 269 47.06 -3.90 -7.22
C PHE B 269 45.63 -4.38 -7.59
N PHE B 270 45.50 -5.40 -8.45
CA PHE B 270 44.17 -5.92 -8.82
C PHE B 270 43.29 -4.76 -9.32
N PRO B 271 43.48 -4.39 -10.58
CA PRO B 271 43.32 -3.03 -11.07
C PRO B 271 41.95 -2.74 -11.64
N THR B 272 40.95 -2.78 -10.78
CA THR B 272 39.62 -2.29 -11.12
C THR B 272 39.68 -0.74 -11.10
N GLN B 273 38.65 -0.07 -11.65
CA GLN B 273 38.40 1.37 -11.44
C GLN B 273 38.76 1.78 -10.02
N THR B 274 38.32 0.98 -9.06
CA THR B 274 38.47 1.24 -7.63
C THR B 274 39.56 0.38 -6.98
N GLY B 275 39.54 0.40 -5.65
CA GLY B 275 40.06 -0.65 -4.81
C GLY B 275 39.34 -1.97 -5.04
N LYS B 276 40.11 -2.86 -5.65
CA LYS B 276 39.62 -3.98 -6.46
C LYS B 276 38.16 -4.46 -6.25
N ARG B 277 37.82 -4.89 -5.03
CA ARG B 277 36.76 -5.90 -4.89
C ARG B 277 35.51 -5.48 -5.65
N PRO B 278 35.10 -6.27 -6.65
CA PRO B 278 34.06 -5.80 -7.55
C PRO B 278 32.63 -6.06 -7.08
N LEU B 279 31.71 -5.39 -7.75
CA LEU B 279 30.30 -5.48 -7.47
C LEU B 279 29.84 -6.83 -7.96
N LEU B 280 29.46 -7.71 -7.03
CA LEU B 280 28.91 -9.04 -7.31
C LEU B 280 27.46 -9.00 -7.78
N PHE B 281 27.19 -9.62 -8.94
CA PHE B 281 25.85 -9.61 -9.55
C PHE B 281 25.38 -11.05 -9.88
N VAL B 282 24.07 -11.22 -10.04
CA VAL B 282 23.49 -12.46 -10.57
C VAL B 282 22.60 -12.09 -11.78
N LYS B 283 22.75 -12.79 -12.89
CA LYS B 283 21.86 -12.57 -14.03
C LYS B 283 20.72 -13.57 -13.94
N ILE B 284 19.48 -13.08 -13.88
CA ILE B 284 18.30 -13.97 -13.81
C ILE B 284 17.50 -13.94 -15.11
N ALA B 285 16.69 -14.97 -15.29
CA ALA B 285 15.93 -15.18 -16.52
C ALA B 285 14.52 -14.61 -16.35
N PRO B 286 13.84 -14.25 -17.45
CA PRO B 286 12.55 -13.58 -17.42
C PRO B 286 11.31 -14.44 -17.19
N ASP B 287 11.46 -15.77 -17.19
CA ASP B 287 10.34 -16.69 -17.08
C ASP B 287 10.46 -17.37 -15.74
N LEU B 288 9.50 -17.06 -14.87
CA LEU B 288 9.49 -17.49 -13.47
C LEU B 288 8.03 -17.32 -12.97
N THR B 289 7.82 -17.35 -11.66
CA THR B 289 6.58 -16.86 -11.03
C THR B 289 6.90 -15.79 -9.99
N ASP B 290 5.91 -14.98 -9.61
CA ASP B 290 6.07 -13.98 -8.53
C ASP B 290 6.55 -14.67 -7.24
N GLU B 291 5.96 -15.83 -6.99
CA GLU B 291 6.45 -16.81 -6.03
C GLU B 291 7.99 -16.90 -6.07
N GLU B 292 8.53 -17.04 -7.27
CA GLU B 292 9.97 -17.17 -7.49
C GLU B 292 10.72 -15.83 -7.45
N LYS B 293 10.19 -14.78 -8.07
CA LYS B 293 10.86 -13.45 -8.02
C LYS B 293 10.88 -12.83 -6.62
N ARG B 294 9.78 -12.99 -5.85
CA ARG B 294 9.75 -12.66 -4.39
C ARG B 294 10.75 -13.49 -3.54
N ASP B 295 11.12 -14.67 -4.05
CA ASP B 295 12.19 -15.49 -3.48
C ASP B 295 13.58 -14.87 -3.76
N ILE B 296 13.87 -14.62 -5.03
CA ILE B 296 15.22 -14.21 -5.51
C ILE B 296 15.66 -12.86 -4.96
N ALA B 297 14.70 -12.01 -4.61
CA ALA B 297 14.97 -10.79 -3.86
C ALA B 297 15.40 -11.15 -2.46
N ASP B 298 14.58 -11.94 -1.76
CA ASP B 298 14.86 -12.31 -0.35
C ASP B 298 16.23 -13.00 -0.16
N VAL B 299 16.73 -13.67 -1.21
CA VAL B 299 18.09 -14.19 -1.19
C VAL B 299 19.12 -13.09 -1.44
N ALA B 300 18.78 -12.13 -2.31
CA ALA B 300 19.63 -10.95 -2.55
C ALA B 300 19.85 -10.13 -1.29
N LEU B 301 18.75 -9.81 -0.60
CA LEU B 301 18.79 -8.86 0.52
C LEU B 301 19.43 -9.43 1.78
N GLU B 302 19.49 -10.75 1.90
CA GLU B 302 20.07 -11.44 3.09
C GLU B 302 21.61 -11.62 3.00
N THR B 303 22.07 -11.97 1.80
CA THR B 303 23.48 -12.19 1.47
C THR B 303 24.32 -10.92 1.33
N GLY B 304 23.68 -9.86 0.84
CA GLY B 304 24.38 -8.62 0.50
C GLY B 304 24.75 -8.58 -0.97
N LEU B 305 24.03 -9.38 -1.76
CA LEU B 305 24.19 -9.37 -3.21
C LEU B 305 24.15 -7.93 -3.71
N ASP B 306 25.22 -7.52 -4.38
CA ASP B 306 25.42 -6.11 -4.79
C ASP B 306 24.49 -5.73 -5.94
N GLY B 307 24.03 -6.73 -6.71
CA GLY B 307 23.13 -6.49 -7.84
C GLY B 307 22.50 -7.67 -8.55
N LEU B 308 21.70 -7.35 -9.59
CA LEU B 308 21.05 -8.29 -10.56
C LEU B 308 21.23 -7.83 -12.04
N ILE B 309 21.29 -8.77 -12.97
CA ILE B 309 21.17 -8.42 -14.41
C ILE B 309 19.85 -9.03 -14.86
N VAL B 310 18.90 -8.13 -15.16
CA VAL B 310 17.50 -8.49 -15.31
C VAL B 310 17.15 -8.84 -16.75
N THR B 311 16.80 -10.13 -16.86
CA THR B 311 16.41 -10.89 -18.08
C THR B 311 17.57 -11.30 -18.98
N ASN B 312 17.81 -12.62 -18.94
CA ASN B 312 18.47 -13.36 -19.99
C ASN B 312 17.48 -13.58 -21.14
N THR B 313 17.88 -14.39 -22.10
CA THR B 313 17.00 -14.81 -23.15
C THR B 313 15.84 -15.64 -22.58
N THR B 314 14.74 -15.72 -23.35
CA THR B 314 13.49 -16.33 -22.90
C THR B 314 13.03 -17.53 -23.71
N ILE B 315 12.61 -18.58 -23.00
CA ILE B 315 11.95 -19.79 -23.56
C ILE B 315 10.61 -19.48 -24.26
N GLN B 316 9.85 -18.58 -23.64
CA GLN B 316 8.50 -18.26 -24.07
C GLN B 316 8.53 -17.79 -25.51
N ARG B 317 7.63 -18.31 -26.34
CA ARG B 317 7.49 -17.87 -27.73
C ARG B 317 6.02 -17.68 -28.11
N PRO B 318 5.47 -16.48 -27.82
CA PRO B 318 4.02 -16.31 -27.84
C PRO B 318 3.37 -16.39 -29.23
N GLU B 319 2.07 -16.14 -29.25
CA GLU B 319 1.35 -15.80 -30.48
C GLU B 319 1.81 -14.38 -30.85
N SER B 320 2.01 -14.17 -32.16
CA SER B 320 2.50 -12.93 -32.80
C SER B 320 3.77 -13.19 -33.62
N LEU B 321 4.62 -14.10 -33.18
CA LEU B 321 6.00 -14.24 -33.74
C LEU B 321 6.06 -14.88 -35.15
N ARG B 322 6.03 -14.06 -36.21
CA ARG B 322 5.76 -14.56 -37.58
C ARG B 322 6.89 -15.18 -38.46
N SER B 323 8.19 -14.86 -38.26
CA SER B 323 9.25 -15.23 -39.25
C SER B 323 9.71 -16.70 -39.19
N GLU B 324 8.76 -17.63 -39.12
CA GLU B 324 8.94 -19.09 -39.38
C GLU B 324 9.76 -19.86 -38.36
N SER B 325 10.92 -19.31 -38.02
CA SER B 325 11.82 -19.92 -37.06
C SER B 325 11.38 -19.83 -35.58
N LYS B 326 10.20 -19.24 -35.31
CA LYS B 326 9.63 -19.19 -33.97
C LYS B 326 9.57 -20.50 -33.19
N HIS B 327 9.54 -21.64 -33.88
CA HIS B 327 9.67 -22.98 -33.25
C HIS B 327 11.00 -23.29 -32.52
N GLU B 328 12.11 -22.76 -33.06
CA GLU B 328 13.47 -23.11 -32.66
C GLU B 328 13.62 -23.09 -31.14
N THR B 329 14.19 -24.16 -30.58
CA THR B 329 14.36 -24.29 -29.12
C THR B 329 15.51 -23.41 -28.72
N GLY B 330 15.57 -23.11 -27.43
CA GLY B 330 16.61 -22.21 -26.91
C GLY B 330 16.04 -20.88 -26.44
N GLY B 331 16.81 -19.80 -26.61
CA GLY B 331 16.48 -18.50 -26.02
C GLY B 331 16.06 -17.38 -26.99
N LEU B 332 14.82 -16.92 -26.88
CA LEU B 332 14.34 -15.76 -27.62
C LEU B 332 14.88 -14.45 -27.00
N SER B 333 15.19 -13.49 -27.88
CA SER B 333 15.82 -12.24 -27.50
C SER B 333 15.36 -11.17 -28.46
N GLY B 334 15.47 -9.90 -28.02
CA GLY B 334 15.06 -8.72 -28.80
C GLY B 334 13.72 -8.17 -28.37
N ARG B 335 13.04 -7.48 -29.28
CA ARG B 335 11.74 -6.79 -29.01
C ARG B 335 10.63 -7.56 -28.26
N PRO B 336 10.52 -8.88 -28.49
CA PRO B 336 9.54 -9.61 -27.69
C PRO B 336 9.82 -9.48 -26.20
N LEU B 337 11.07 -9.72 -25.83
CA LEU B 337 11.58 -9.61 -24.45
C LEU B 337 11.36 -8.21 -23.79
N LYS B 338 11.20 -7.19 -24.65
CA LYS B 338 11.03 -5.79 -24.27
C LYS B 338 10.04 -5.66 -23.12
N ALA B 339 8.88 -6.27 -23.26
CA ALA B 339 7.88 -6.20 -22.20
C ALA B 339 8.35 -6.99 -20.96
N MET B 340 8.51 -8.30 -21.17
CA MET B 340 8.85 -9.27 -20.12
C MET B 340 9.81 -8.73 -19.08
N SER B 341 10.88 -8.13 -19.58
CA SER B 341 11.92 -7.51 -18.77
C SER B 341 11.50 -6.23 -18.07
N THR B 342 10.84 -5.32 -18.80
CA THR B 342 10.33 -4.09 -18.20
C THR B 342 9.67 -4.49 -16.90
N LYS B 343 8.75 -5.47 -16.98
CA LYS B 343 8.08 -6.06 -15.80
C LYS B 343 9.06 -6.66 -14.76
N CYS B 344 10.04 -7.41 -15.24
CA CYS B 344 11.02 -8.06 -14.36
C CYS B 344 11.94 -7.07 -13.65
N VAL B 345 12.12 -5.86 -14.20
CA VAL B 345 12.89 -4.80 -13.53
C VAL B 345 12.04 -4.29 -12.36
N SER B 346 10.85 -3.78 -12.69
CA SER B 346 9.88 -3.29 -11.68
C SER B 346 9.55 -4.33 -10.60
N ASP B 347 9.30 -5.58 -11.02
CA ASP B 347 8.93 -6.62 -10.07
C ASP B 347 10.09 -6.90 -9.12
N MET B 348 11.32 -6.93 -9.63
CA MET B 348 12.50 -7.11 -8.78
C MET B 348 13.04 -5.82 -8.12
N TYR B 349 12.70 -4.65 -8.66
CA TYR B 349 13.13 -3.39 -8.08
C TYR B 349 12.39 -3.13 -6.78
N LYS B 350 11.07 -3.28 -6.81
CA LYS B 350 10.21 -2.97 -5.68
C LYS B 350 10.10 -4.09 -4.65
N MET B 351 10.93 -5.14 -4.79
CA MET B 351 11.18 -6.10 -3.71
C MET B 351 12.56 -5.83 -3.04
N THR B 352 13.49 -5.25 -3.79
CA THR B 352 14.82 -4.91 -3.28
C THR B 352 14.88 -3.52 -2.64
N ASN B 353 13.74 -2.84 -2.53
CA ASN B 353 13.66 -1.41 -2.14
C ASN B 353 14.57 -0.49 -2.96
N GLY B 354 14.86 -0.86 -4.21
CA GLY B 354 15.93 -0.21 -4.98
C GLY B 354 17.34 -0.28 -4.40
N GLN B 355 17.59 -1.22 -3.48
CA GLN B 355 18.89 -1.40 -2.83
C GLN B 355 19.79 -2.42 -3.56
N VAL B 356 19.21 -3.19 -4.47
CA VAL B 356 19.96 -4.11 -5.28
C VAL B 356 20.02 -3.46 -6.65
N ALA B 357 21.24 -3.40 -7.20
CA ALA B 357 21.51 -2.87 -8.54
C ALA B 357 20.73 -3.64 -9.58
N ILE B 358 20.52 -3.04 -10.74
CA ILE B 358 19.66 -3.63 -11.75
C ILE B 358 20.13 -3.24 -13.15
N ILE B 359 21.24 -3.82 -13.64
CA ILE B 359 21.73 -3.55 -15.02
C ILE B 359 20.90 -4.35 -16.05
N ALA B 360 19.88 -3.72 -16.65
CA ALA B 360 18.80 -4.47 -17.34
C ALA B 360 18.92 -4.60 -18.88
N SER B 361 18.70 -5.82 -19.40
CA SER B 361 18.76 -6.10 -20.87
C SER B 361 17.41 -6.63 -21.41
N GLY B 362 17.41 -7.13 -22.65
CA GLY B 362 16.20 -7.67 -23.28
C GLY B 362 15.45 -6.58 -24.01
N GLY B 363 15.50 -6.62 -25.34
CA GLY B 363 14.78 -5.66 -26.22
C GLY B 363 14.80 -4.20 -25.82
N ILE B 364 15.89 -3.52 -26.17
CA ILE B 364 16.16 -2.13 -25.77
C ILE B 364 16.70 -1.43 -27.03
N GLU B 365 15.87 -1.34 -28.06
CA GLU B 365 16.35 -0.87 -29.35
C GLU B 365 16.59 0.65 -29.43
N THR B 366 15.94 1.41 -28.53
CA THR B 366 16.02 2.89 -28.48
C THR B 366 16.29 3.54 -27.11
N GLY B 367 16.77 4.78 -27.15
CA GLY B 367 16.86 5.62 -25.96
C GLY B 367 15.53 5.98 -25.34
N LEU B 368 14.46 5.83 -26.10
CA LEU B 368 13.12 5.81 -25.54
C LEU B 368 12.99 4.65 -24.55
N ASP B 369 13.53 3.49 -24.91
CA ASP B 369 13.41 2.28 -24.08
C ASP B 369 14.26 2.37 -22.82
N ALA B 370 15.49 2.78 -23.02
CA ALA B 370 16.43 2.91 -21.91
C ALA B 370 15.84 3.91 -20.92
N TYR B 371 15.33 5.04 -21.42
CA TYR B 371 14.61 5.96 -20.57
C TYR B 371 13.58 5.23 -19.68
N LYS B 372 12.69 4.43 -20.27
CA LYS B 372 11.58 3.82 -19.47
C LYS B 372 11.85 2.51 -18.76
N ARG B 373 12.88 1.79 -19.20
CA ARG B 373 13.45 0.69 -18.41
C ARG B 373 14.32 1.21 -17.23
N ILE B 374 14.98 2.36 -17.41
CA ILE B 374 15.72 3.04 -16.32
C ILE B 374 14.75 3.52 -15.25
N ARG B 375 13.61 4.06 -15.70
CA ARG B 375 12.48 4.41 -14.83
C ARG B 375 11.90 3.19 -14.13
N ALA B 376 11.82 2.07 -14.84
CA ALA B 376 11.34 0.84 -14.26
C ALA B 376 12.19 0.29 -13.10
N GLY B 377 13.36 0.87 -12.84
CA GLY B 377 14.25 0.44 -11.77
C GLY B 377 15.71 0.32 -12.19
N ALA B 378 15.94 0.27 -13.48
CA ALA B 378 17.24 -0.07 -14.02
C ALA B 378 18.21 1.09 -13.98
N SER B 379 19.40 0.85 -13.44
CA SER B 379 20.48 1.85 -13.31
C SER B 379 21.44 1.86 -14.51
N ALA B 380 21.48 0.78 -15.27
CA ALA B 380 22.13 0.78 -16.58
C ALA B 380 21.38 -0.19 -17.51
N VAL B 381 21.67 -0.12 -18.80
CA VAL B 381 21.02 -0.93 -19.83
C VAL B 381 22.07 -1.66 -20.70
N GLU B 382 21.80 -2.88 -21.12
CA GLU B 382 22.71 -3.61 -22.00
C GLU B 382 22.03 -4.00 -23.30
N VAL B 383 22.86 -4.27 -24.30
CA VAL B 383 22.39 -4.45 -25.67
C VAL B 383 23.09 -5.62 -26.40
N TYR B 384 22.29 -6.53 -26.97
CA TYR B 384 22.75 -7.50 -27.98
C TYR B 384 21.88 -7.40 -29.27
N THR B 385 20.67 -7.96 -29.26
CA THR B 385 19.88 -8.09 -30.49
C THR B 385 19.64 -6.74 -31.20
N SER B 386 19.63 -5.63 -30.44
CA SER B 386 19.67 -4.26 -31.00
C SER B 386 20.86 -4.05 -31.96
N MET B 387 22.05 -4.48 -31.53
CA MET B 387 23.29 -4.35 -32.34
C MET B 387 23.27 -4.95 -33.75
N ILE B 388 22.48 -6.00 -33.97
CA ILE B 388 22.53 -6.76 -35.23
C ILE B 388 21.71 -6.04 -36.30
N TYR B 389 20.47 -5.66 -35.97
CA TYR B 389 19.63 -4.94 -36.91
C TYR B 389 20.05 -3.49 -37.01
N ARG B 390 20.39 -2.87 -35.89
CA ARG B 390 20.77 -1.46 -35.87
C ARG B 390 22.19 -1.28 -36.39
N GLY B 391 23.15 -1.99 -35.77
CA GLY B 391 24.60 -1.79 -36.00
C GLY B 391 25.32 -1.48 -34.68
N PRO B 392 26.58 -1.02 -34.73
CA PRO B 392 27.25 -0.57 -33.51
C PRO B 392 27.01 0.91 -33.22
N ILE B 393 26.29 1.60 -34.13
CA ILE B 393 25.85 2.97 -33.93
C ILE B 393 24.70 2.93 -32.91
N VAL B 394 24.14 1.74 -32.67
CA VAL B 394 23.21 1.53 -31.55
C VAL B 394 23.62 2.22 -30.23
N ALA B 395 24.93 2.31 -29.96
CA ALA B 395 25.41 3.06 -28.79
C ALA B 395 25.12 4.56 -28.92
N ARG B 396 25.76 5.19 -29.90
CA ARG B 396 25.67 6.65 -30.20
C ARG B 396 24.24 7.21 -30.38
N ARG B 397 23.27 6.35 -30.71
CA ARG B 397 21.87 6.77 -30.91
C ARG B 397 21.04 6.60 -29.64
N VAL B 398 21.18 5.45 -28.97
CA VAL B 398 20.48 5.17 -27.69
C VAL B 398 21.07 6.05 -26.59
N LYS B 399 22.33 6.46 -26.76
CA LYS B 399 22.98 7.43 -25.88
C LYS B 399 22.51 8.88 -26.12
N ASP B 400 22.25 9.25 -27.39
CA ASP B 400 21.79 10.62 -27.75
C ASP B 400 20.27 10.79 -27.76
N GLU B 401 19.51 9.71 -27.95
CA GLU B 401 18.05 9.76 -27.75
C GLU B 401 17.75 9.92 -26.25
N LEU B 402 18.39 9.09 -25.41
CA LEU B 402 18.25 9.16 -23.94
C LEU B 402 18.65 10.51 -23.37
N LEU B 403 19.54 11.21 -24.06
CA LEU B 403 19.84 12.59 -23.69
C LEU B 403 18.61 13.44 -24.01
N ASN B 404 18.21 13.50 -25.28
CA ASN B 404 17.10 14.38 -25.74
C ASN B 404 15.65 14.04 -25.21
N ILE B 405 15.54 13.02 -24.37
CA ILE B 405 14.26 12.58 -23.79
C ILE B 405 14.21 12.85 -22.28
N LEU B 406 15.32 12.68 -21.59
CA LEU B 406 15.44 13.12 -20.19
C LEU B 406 15.43 14.65 -20.14
N ASN B 407 16.02 15.28 -21.16
CA ASN B 407 16.06 16.75 -21.31
C ASN B 407 14.66 17.30 -21.62
N GLN B 408 14.00 16.66 -22.60
CA GLN B 408 12.61 16.97 -23.01
C GLN B 408 11.60 16.87 -21.88
N ALA B 409 11.87 15.96 -20.94
CA ALA B 409 10.92 15.60 -19.88
C ALA B 409 11.27 16.24 -18.52
N GLY B 410 11.63 17.54 -18.52
CA GLY B 410 11.97 18.23 -17.27
C GLY B 410 13.27 17.75 -16.66
N ILE B 411 13.20 16.61 -15.96
CA ILE B 411 14.37 16.03 -15.23
C ILE B 411 15.49 15.44 -16.10
N TYR B 412 16.47 16.27 -16.46
CA TYR B 412 17.66 15.75 -17.18
C TYR B 412 18.50 15.01 -16.14
N ASN B 413 19.64 14.43 -16.53
CA ASN B 413 20.56 13.73 -15.59
C ASN B 413 20.08 12.29 -15.28
N VAL B 414 20.36 11.35 -16.20
CA VAL B 414 19.97 9.89 -16.13
C VAL B 414 19.92 9.26 -14.73
N GLN B 415 20.84 9.63 -13.85
CA GLN B 415 20.89 9.06 -12.52
C GLN B 415 19.65 9.41 -11.68
N ASP B 416 19.03 10.56 -11.95
CA ASP B 416 17.80 10.97 -11.25
C ASP B 416 16.52 10.30 -11.79
N ALA B 417 16.67 9.61 -12.92
CA ALA B 417 15.62 8.81 -13.54
C ALA B 417 15.42 7.41 -12.95
N ILE B 418 16.37 6.91 -12.15
CA ILE B 418 16.35 5.50 -11.69
C ILE B 418 15.18 5.22 -10.73
N GLY B 419 14.27 4.37 -11.15
CA GLY B 419 13.17 3.96 -10.28
C GLY B 419 12.18 5.08 -10.02
N LEU B 420 11.71 5.71 -11.08
CA LEU B 420 10.76 6.83 -10.96
C LEU B 420 9.36 6.32 -10.62
N ASP B 421 9.02 5.12 -11.06
CA ASP B 421 7.65 4.58 -10.93
C ASP B 421 7.37 3.88 -9.59
N HIS B 422 8.25 4.03 -8.60
CA HIS B 422 8.25 3.17 -7.39
C HIS B 422 8.23 3.84 -6.02
N ARG B 423 8.51 5.15 -5.95
CA ARG B 423 8.09 5.95 -4.80
C ARG B 423 6.54 5.94 -4.81
N PRO B 424 5.90 5.72 -3.63
CA PRO B 424 4.51 6.09 -3.37
C PRO B 424 4.38 7.23 -2.34
N ASP C 40 -14.20 -4.64 44.31
CA ASP C 40 -13.43 -5.65 43.49
C ASP C 40 -14.16 -6.05 42.20
N PRO C 41 -13.45 -6.06 41.04
CA PRO C 41 -14.09 -6.45 39.77
C PRO C 41 -14.41 -7.94 39.54
N GLU C 42 -13.75 -8.86 40.26
CA GLU C 42 -14.09 -10.31 40.19
C GLU C 42 -15.41 -10.64 40.94
N LEU C 43 -15.55 -10.10 42.14
CA LEU C 43 -16.81 -10.16 42.89
C LEU C 43 -17.92 -9.41 42.14
N ALA C 44 -17.57 -8.23 41.59
CA ALA C 44 -18.50 -7.37 40.85
C ALA C 44 -19.02 -8.01 39.57
N HIS C 45 -18.11 -8.58 38.79
CA HIS C 45 -18.46 -9.43 37.65
C HIS C 45 -19.33 -10.62 38.11
N ASP C 46 -18.85 -11.39 39.09
CA ASP C 46 -19.58 -12.58 39.57
C ASP C 46 -20.97 -12.31 40.20
N MET C 47 -21.19 -11.12 40.77
CA MET C 47 -22.49 -10.78 41.35
C MET C 47 -23.46 -10.17 40.31
N VAL C 48 -22.94 -9.32 39.42
CA VAL C 48 -23.76 -8.74 38.33
C VAL C 48 -24.10 -9.83 37.30
N MET C 49 -23.28 -10.88 37.26
CA MET C 49 -23.62 -12.08 36.51
C MET C 49 -24.81 -12.83 37.12
N TRP C 50 -24.69 -13.14 38.41
CA TRP C 50 -25.70 -13.90 39.16
C TRP C 50 -27.09 -13.23 39.19
N LEU C 51 -27.14 -11.95 39.57
CA LEU C 51 -28.42 -11.21 39.59
C LEU C 51 -29.18 -11.30 38.27
N ALA C 52 -28.50 -10.89 37.20
CA ALA C 52 -29.05 -10.89 35.83
C ALA C 52 -29.53 -12.25 35.39
N ALA C 53 -28.67 -13.24 35.62
CA ALA C 53 -28.87 -14.56 35.07
C ALA C 53 -30.06 -15.31 35.62
N LYS C 54 -30.54 -14.94 36.82
CA LYS C 54 -31.78 -15.53 37.39
C LYS C 54 -33.03 -14.69 37.07
N GLY C 55 -32.86 -13.38 36.88
CA GLY C 55 -33.94 -12.46 36.52
C GLY C 55 -33.86 -11.18 37.31
N TYR C 56 -33.43 -11.29 38.56
CA TYR C 56 -33.48 -10.22 39.58
C TYR C 56 -32.71 -8.89 39.29
N LEU C 57 -32.85 -8.34 38.09
CA LEU C 57 -32.32 -7.02 37.79
C LEU C 57 -33.46 -6.20 37.29
N PRO C 58 -33.32 -4.86 37.32
CA PRO C 58 -34.25 -4.02 36.54
C PRO C 58 -34.14 -4.24 34.99
N TYR C 59 -34.94 -3.50 34.22
CA TYR C 59 -34.90 -3.53 32.76
C TYR C 59 -35.04 -2.12 32.18
N ASP C 60 -34.77 -2.00 30.87
CA ASP C 60 -34.98 -0.78 30.13
C ASP C 60 -36.46 -0.66 29.80
N LEU C 61 -37.08 0.39 30.34
CA LEU C 61 -38.47 0.73 30.06
C LEU C 61 -38.56 2.03 29.19
N GLU C 62 -37.64 2.18 28.22
CA GLU C 62 -37.49 3.41 27.39
C GLU C 62 -38.13 3.28 25.98
N ARG C 63 -38.61 2.08 25.64
CA ARG C 63 -39.24 1.81 24.34
C ARG C 63 -38.22 1.75 23.18
N ASP C 64 -37.16 2.56 23.20
CA ASP C 64 -36.10 2.57 22.18
C ASP C 64 -36.57 2.94 20.77
N ASP C 65 -36.13 4.12 20.32
CA ASP C 65 -36.54 4.66 19.03
C ASP C 65 -35.96 3.89 17.85
N PRO C 66 -36.46 4.17 16.65
CA PRO C 66 -35.84 3.66 15.45
C PRO C 66 -34.75 4.58 14.90
N GLU C 67 -34.61 5.78 15.45
CA GLU C 67 -33.44 6.59 15.13
C GLU C 67 -32.10 5.87 15.50
N LEU C 68 -32.13 4.94 16.47
CA LEU C 68 -30.92 4.18 16.90
C LEU C 68 -30.69 2.84 16.22
N SER C 69 -31.74 2.23 15.66
CA SER C 69 -31.60 0.97 14.92
C SER C 69 -30.63 1.08 13.76
N VAL C 70 -29.58 0.27 13.82
CA VAL C 70 -28.60 0.18 12.74
C VAL C 70 -28.84 -1.17 12.05
N ASN C 71 -28.36 -1.28 10.82
CA ASN C 71 -28.38 -2.53 10.08
C ASN C 71 -27.00 -2.71 9.54
N ILE C 72 -26.37 -3.85 9.86
CA ILE C 72 -25.01 -4.11 9.44
C ILE C 72 -25.06 -5.44 8.71
N LYS C 73 -24.62 -5.41 7.45
CA LYS C 73 -24.65 -6.55 6.50
C LYS C 73 -25.88 -7.47 6.68
N GLY C 74 -27.09 -6.90 6.59
CA GLY C 74 -28.31 -7.68 6.63
C GLY C 74 -28.83 -8.12 7.98
N LEU C 75 -28.18 -7.66 9.07
CA LEU C 75 -28.53 -8.01 10.45
C LEU C 75 -28.81 -6.68 11.17
N THR C 76 -29.88 -6.64 11.97
CA THR C 76 -30.42 -5.38 12.49
C THR C 76 -30.30 -5.27 14.01
N PHE C 77 -29.27 -4.52 14.38
CA PHE C 77 -28.98 -4.18 15.74
C PHE C 77 -30.04 -3.13 16.07
N HIS C 78 -31.03 -3.48 16.91
CA HIS C 78 -32.19 -2.58 17.20
C HIS C 78 -31.70 -1.41 18.00
N THR C 79 -30.60 -1.64 18.73
CA THR C 79 -29.84 -0.65 19.45
C THR C 79 -28.36 -0.90 19.05
N PRO C 80 -27.55 0.15 18.83
CA PRO C 80 -26.14 -0.13 18.50
C PRO C 80 -25.21 -0.17 19.72
N VAL C 81 -25.69 0.25 20.90
CA VAL C 81 -24.92 0.11 22.14
C VAL C 81 -25.21 -1.25 22.79
N GLY C 82 -24.21 -2.12 22.85
CA GLY C 82 -24.37 -3.48 23.35
C GLY C 82 -23.30 -3.86 24.34
N LEU C 83 -23.47 -5.02 24.95
CA LEU C 83 -22.52 -5.58 25.93
C LEU C 83 -21.42 -6.38 25.23
N ALA C 84 -20.19 -6.21 25.70
CA ALA C 84 -19.01 -6.75 25.00
C ALA C 84 -18.68 -8.20 25.40
N ALA C 85 -17.56 -8.73 24.91
CA ALA C 85 -17.36 -10.18 24.84
C ALA C 85 -16.77 -10.90 26.08
N GLY C 86 -16.41 -10.18 27.14
CA GLY C 86 -15.85 -10.87 28.33
C GLY C 86 -16.88 -11.34 29.32
N PHE C 87 -17.91 -10.51 29.49
CA PHE C 87 -18.89 -10.50 30.62
C PHE C 87 -19.67 -11.80 30.79
N ASP C 88 -20.67 -12.01 29.95
CA ASP C 88 -21.53 -13.17 30.09
C ASP C 88 -20.80 -14.29 29.39
N LYS C 89 -19.76 -14.78 30.05
CA LYS C 89 -18.74 -15.60 29.40
C LYS C 89 -19.26 -17.01 29.02
N ASN C 90 -20.22 -17.52 29.79
CA ASN C 90 -20.74 -18.86 29.58
C ASN C 90 -22.24 -18.90 29.22
N ALA C 91 -22.72 -17.94 28.45
CA ALA C 91 -24.16 -17.86 28.07
C ALA C 91 -25.11 -17.94 29.28
N GLU C 92 -24.64 -17.41 30.41
CA GLU C 92 -25.34 -17.49 31.67
C GLU C 92 -26.62 -16.66 31.62
N ALA C 93 -26.78 -15.82 30.61
CA ALA C 93 -28.03 -15.11 30.34
C ALA C 93 -27.76 -13.95 29.39
N PRO C 94 -27.80 -14.22 28.07
CA PRO C 94 -27.72 -13.12 27.14
C PRO C 94 -29.01 -12.27 27.13
N LEU C 95 -30.19 -12.92 27.05
CA LEU C 95 -31.47 -12.21 26.78
C LEU C 95 -31.96 -11.40 27.97
N ASN C 96 -31.52 -11.73 29.18
CA ASN C 96 -31.75 -10.84 30.30
C ASN C 96 -30.92 -9.57 30.10
N PHE C 97 -29.59 -9.76 29.99
CA PHE C 97 -28.61 -8.65 29.87
C PHE C 97 -29.00 -7.61 28.88
N CYS C 98 -29.59 -8.11 27.83
CA CYS C 98 -29.87 -7.35 26.67
C CYS C 98 -31.27 -6.70 26.81
N LYS C 99 -32.21 -7.41 27.45
CA LYS C 99 -33.50 -6.81 27.87
C LYS C 99 -33.32 -5.62 28.83
N MET C 100 -32.15 -5.60 29.47
CA MET C 100 -31.74 -4.50 30.33
C MET C 100 -31.39 -3.23 29.58
N GLY C 101 -31.20 -3.29 28.25
CA GLY C 101 -31.01 -2.07 27.46
C GLY C 101 -29.97 -2.13 26.36
N PHE C 102 -29.05 -3.09 26.46
CA PHE C 102 -28.09 -3.40 25.40
C PHE C 102 -28.82 -3.90 24.14
N GLY C 103 -28.28 -3.59 22.96
CA GLY C 103 -28.84 -4.06 21.68
C GLY C 103 -28.33 -5.41 21.21
N PHE C 104 -27.28 -5.91 21.87
CA PHE C 104 -26.68 -7.21 21.58
C PHE C 104 -25.75 -7.64 22.72
N VAL C 105 -25.54 -8.94 22.89
CA VAL C 105 -24.54 -9.43 23.85
C VAL C 105 -23.69 -10.47 23.13
N GLU C 106 -22.38 -10.43 23.33
CA GLU C 106 -21.46 -11.29 22.60
C GLU C 106 -20.93 -12.26 23.61
N VAL C 107 -21.13 -13.56 23.37
CA VAL C 107 -21.09 -14.56 24.41
C VAL C 107 -19.65 -15.13 24.53
N GLY C 108 -19.18 -15.21 25.79
CA GLY C 108 -17.75 -15.34 26.24
C GLY C 108 -16.57 -15.31 25.30
N THR C 109 -15.63 -16.20 25.53
CA THR C 109 -14.92 -16.84 24.42
C THR C 109 -15.12 -18.32 24.71
N ILE C 110 -15.48 -19.06 23.67
CA ILE C 110 -16.01 -20.37 23.87
C ILE C 110 -14.96 -21.31 23.30
N THR C 111 -14.03 -21.68 24.16
CA THR C 111 -12.94 -22.61 23.83
C THR C 111 -13.45 -24.05 23.87
N PRO C 112 -13.04 -24.90 22.93
CA PRO C 112 -13.65 -26.23 22.88
C PRO C 112 -13.58 -27.04 24.21
N LYS C 113 -12.42 -27.56 24.61
CA LYS C 113 -12.29 -28.24 25.92
C LYS C 113 -12.65 -27.27 27.06
N PRO C 114 -13.19 -27.79 28.18
CA PRO C 114 -13.45 -26.85 29.28
C PRO C 114 -12.14 -26.26 29.73
N GLN C 115 -12.18 -25.06 30.30
CA GLN C 115 -10.93 -24.37 30.65
C GLN C 115 -10.91 -23.62 31.98
N LEU C 116 -9.84 -23.90 32.71
CA LEU C 116 -9.66 -23.54 34.11
C LEU C 116 -9.68 -22.02 34.25
N GLY C 117 -8.74 -21.40 33.52
CA GLY C 117 -8.42 -19.99 33.66
C GLY C 117 -7.24 -19.79 34.59
N ASN C 118 -6.65 -18.61 34.49
CA ASN C 118 -5.45 -18.24 35.28
C ASN C 118 -5.72 -18.12 36.76
N PRO C 119 -4.68 -18.31 37.58
CA PRO C 119 -4.93 -18.28 39.00
C PRO C 119 -5.24 -16.88 39.47
N LYS C 120 -5.85 -16.74 40.64
CA LYS C 120 -6.24 -15.42 41.20
C LYS C 120 -5.21 -14.79 42.20
N PRO C 121 -5.23 -13.48 42.41
CA PRO C 121 -6.04 -12.50 41.69
C PRO C 121 -5.59 -12.25 40.24
N ARG C 122 -6.59 -11.95 39.39
CA ARG C 122 -6.46 -11.96 37.92
C ARG C 122 -7.30 -10.90 37.17
N ILE C 123 -7.76 -9.88 37.88
CA ILE C 123 -8.53 -8.80 37.30
C ILE C 123 -8.43 -7.67 38.31
N PHE C 124 -7.90 -6.55 37.85
CA PHE C 124 -7.46 -5.48 38.71
C PHE C 124 -8.10 -4.20 38.22
N ARG C 125 -8.71 -3.43 39.12
CA ARG C 125 -9.28 -2.12 38.76
C ARG C 125 -8.32 -0.98 39.03
N LEU C 126 -8.43 0.04 38.17
CA LEU C 126 -7.61 1.23 38.23
C LEU C 126 -8.58 2.43 38.26
N ALA C 127 -9.22 2.61 39.42
CA ALA C 127 -10.21 3.67 39.66
C ALA C 127 -9.66 5.05 39.29
N LYS C 128 -8.43 5.33 39.71
CA LYS C 128 -7.73 6.58 39.37
C LYS C 128 -7.60 6.78 37.86
N ASP C 129 -7.51 5.69 37.09
CA ASP C 129 -7.54 5.75 35.61
C ASP C 129 -8.89 5.49 34.95
N HIS C 130 -9.91 5.10 35.73
CA HIS C 130 -11.20 4.67 35.18
C HIS C 130 -10.98 3.50 34.19
N ALA C 131 -10.26 2.48 34.67
CA ALA C 131 -9.74 1.39 33.83
C ALA C 131 -9.68 0.03 34.51
N ILE C 132 -9.43 -1.02 33.73
CA ILE C 132 -9.35 -2.41 34.23
C ILE C 132 -8.23 -3.19 33.49
N ILE C 133 -7.29 -3.75 34.26
CA ILE C 133 -6.30 -4.72 33.76
C ILE C 133 -6.77 -6.07 34.26
N ASN C 134 -6.42 -7.12 33.55
CA ASN C 134 -6.91 -8.46 33.85
C ASN C 134 -6.21 -9.55 33.06
N ARG C 135 -6.10 -10.72 33.67
CA ARG C 135 -5.55 -11.90 33.03
C ARG C 135 -6.35 -13.14 33.47
N CYS C 136 -7.66 -13.09 33.20
CA CYS C 136 -8.60 -14.16 33.57
C CYS C 136 -8.23 -15.47 32.83
N GLY C 137 -7.74 -15.34 31.60
CA GLY C 137 -7.01 -16.40 30.89
C GLY C 137 -7.81 -17.44 30.14
N PHE C 138 -8.89 -17.03 29.45
CA PHE C 138 -9.88 -17.93 28.83
C PHE C 138 -10.57 -18.88 29.83
N ASN C 139 -11.13 -18.30 30.90
CA ASN C 139 -11.93 -19.03 31.91
C ASN C 139 -13.28 -19.49 31.36
N SER C 140 -13.24 -20.64 30.68
CA SER C 140 -14.36 -21.13 29.91
C SER C 140 -15.07 -22.28 30.60
N ALA C 141 -16.20 -22.67 30.03
CA ALA C 141 -16.96 -23.82 30.49
C ALA C 141 -17.13 -24.91 29.43
N GLY C 142 -16.92 -24.57 28.16
CA GLY C 142 -16.79 -25.56 27.10
C GLY C 142 -17.93 -25.59 26.11
N LEU C 143 -17.62 -25.97 24.88
CA LEU C 143 -18.63 -26.13 23.84
C LEU C 143 -19.66 -27.20 24.22
N ASP C 144 -19.26 -28.26 24.96
CA ASP C 144 -20.22 -29.28 25.46
C ASP C 144 -21.25 -28.69 26.43
N VAL C 145 -20.83 -27.68 27.20
CA VAL C 145 -21.69 -26.98 28.14
C VAL C 145 -22.49 -25.92 27.41
N VAL C 146 -21.77 -24.99 26.78
CA VAL C 146 -22.38 -23.73 26.29
C VAL C 146 -23.42 -23.92 25.17
N GLU C 147 -23.14 -24.83 24.25
CA GLU C 147 -24.03 -25.09 23.13
C GLU C 147 -25.48 -25.28 23.59
N PRO C 148 -25.75 -26.21 24.53
CA PRO C 148 -27.08 -26.27 25.14
C PRO C 148 -27.62 -24.95 25.70
N ARG C 149 -26.77 -24.13 26.32
CA ARG C 149 -27.23 -22.80 26.77
C ARG C 149 -27.60 -21.93 25.58
N LEU C 150 -26.80 -21.94 24.53
CA LEU C 150 -27.18 -21.23 23.28
C LEU C 150 -28.36 -21.97 22.57
N GLU C 151 -28.44 -23.29 22.64
CA GLU C 151 -29.57 -24.04 22.07
C GLU C 151 -30.85 -23.48 22.72
N LYS C 152 -30.84 -23.40 24.05
CA LYS C 152 -31.94 -22.88 24.89
C LYS C 152 -32.29 -21.46 24.49
N VAL C 153 -31.28 -20.61 24.38
CA VAL C 153 -31.44 -19.19 23.97
C VAL C 153 -31.96 -19.05 22.51
N SER C 154 -31.51 -19.95 21.62
CA SER C 154 -32.00 -20.06 20.23
C SER C 154 -33.51 -20.29 20.20
N ARG C 155 -33.97 -21.15 21.09
CA ARG C 155 -35.37 -21.45 21.23
C ARG C 155 -35.99 -20.19 21.81
N ASP C 156 -35.75 -19.90 23.08
CA ASP C 156 -36.66 -18.98 23.81
C ASP C 156 -36.59 -17.46 23.45
N ARG C 157 -35.71 -17.09 22.52
CA ARG C 157 -35.71 -15.74 21.89
C ARG C 157 -36.99 -15.30 21.13
N TRP C 158 -37.89 -16.23 20.79
CA TRP C 158 -39.14 -15.91 20.11
C TRP C 158 -40.37 -15.95 21.03
N HIS C 159 -40.61 -17.13 21.61
CA HIS C 159 -41.85 -17.45 22.37
C HIS C 159 -42.13 -16.51 23.52
N ASP C 160 -41.06 -16.06 24.19
CA ASP C 160 -41.17 -15.24 25.41
C ASP C 160 -41.62 -13.77 25.18
N ARG C 161 -42.16 -13.42 24.00
CA ARG C 161 -42.99 -12.20 23.83
C ARG C 161 -42.22 -10.86 23.95
N LEU C 162 -41.25 -10.79 24.88
CA LEU C 162 -40.82 -9.53 25.48
C LEU C 162 -39.91 -8.74 24.54
N GLU C 163 -39.01 -9.42 23.81
CA GLU C 163 -38.34 -8.74 22.70
C GLU C 163 -37.89 -9.58 21.50
N ARG C 164 -38.33 -9.06 20.34
CA ARG C 164 -37.66 -9.14 19.05
C ARG C 164 -36.15 -9.18 19.20
N HIS C 165 -35.62 -10.29 18.70
CA HIS C 165 -34.31 -10.83 19.07
C HIS C 165 -33.18 -9.77 19.24
N CYS C 166 -32.56 -9.84 20.42
CA CYS C 166 -31.22 -9.31 20.64
C CYS C 166 -30.32 -9.85 19.59
N VAL C 167 -29.46 -9.04 19.00
CA VAL C 167 -28.43 -9.64 18.19
C VAL C 167 -27.52 -10.46 19.16
N LEU C 168 -27.32 -11.74 18.82
CA LEU C 168 -26.57 -12.70 19.64
C LEU C 168 -25.17 -12.93 19.05
N GLY C 169 -24.18 -12.27 19.65
CA GLY C 169 -22.80 -12.45 19.26
C GLY C 169 -22.41 -13.77 19.83
N VAL C 170 -21.44 -14.41 19.22
CA VAL C 170 -20.94 -15.67 19.71
C VAL C 170 -19.45 -15.69 19.48
N ASN C 171 -18.68 -15.49 20.55
CA ASN C 171 -17.24 -15.51 20.43
C ASN C 171 -16.68 -16.93 20.51
N ILE C 172 -15.81 -17.27 19.57
CA ILE C 172 -15.07 -18.57 19.56
C ILE C 172 -13.56 -18.34 19.75
N GLY C 173 -12.86 -19.36 20.25
CA GLY C 173 -11.42 -19.25 20.49
C GLY C 173 -10.74 -20.60 20.50
N LYS C 174 -9.53 -20.64 21.07
CA LYS C 174 -8.74 -21.89 21.30
C LYS C 174 -8.32 -22.11 22.75
N ASN C 175 -8.01 -23.36 23.10
CA ASN C 175 -7.68 -23.77 24.49
C ASN C 175 -6.25 -23.35 24.90
N LYS C 176 -5.96 -23.31 26.20
CA LYS C 176 -4.72 -22.65 26.72
C LYS C 176 -3.55 -22.71 25.74
N ASP C 177 -3.18 -23.92 25.29
CA ASP C 177 -2.39 -24.08 24.03
C ASP C 177 -2.59 -25.44 23.32
N THR C 178 -3.49 -25.43 22.35
CA THR C 178 -3.56 -26.42 21.28
C THR C 178 -2.68 -25.90 20.16
N VAL C 179 -1.87 -26.78 19.59
CA VAL C 179 -0.90 -26.35 18.57
C VAL C 179 -1.56 -25.83 17.28
N ASN C 180 -2.55 -26.55 16.74
CA ASN C 180 -3.34 -26.10 15.55
C ASN C 180 -4.61 -25.30 15.93
N ALA C 181 -4.54 -23.97 15.94
CA ALA C 181 -5.71 -23.15 16.29
C ALA C 181 -6.85 -23.36 15.31
N GLU C 182 -6.50 -23.64 14.05
CA GLU C 182 -7.48 -24.02 13.01
C GLU C 182 -8.53 -25.02 13.58
N ASP C 183 -8.06 -26.10 14.22
CA ASP C 183 -8.93 -27.16 14.79
C ASP C 183 -9.92 -26.70 15.88
N ASP C 184 -9.49 -25.74 16.69
CA ASP C 184 -10.32 -25.20 17.76
C ASP C 184 -11.29 -24.15 17.20
N ILE C 185 -10.83 -23.40 16.20
CA ILE C 185 -11.71 -22.47 15.47
C ILE C 185 -12.74 -23.23 14.64
N ARG C 186 -12.29 -24.30 14.01
CA ARG C 186 -13.18 -25.21 13.29
C ARG C 186 -14.31 -25.67 14.21
N GLU C 187 -13.93 -26.31 15.31
CA GLU C 187 -14.88 -26.98 16.18
C GLU C 187 -15.86 -25.98 16.81
N GLY C 188 -15.44 -24.73 16.96
CA GLY C 188 -16.34 -23.67 17.39
C GLY C 188 -17.51 -23.49 16.42
N VAL C 189 -17.20 -23.33 15.14
CA VAL C 189 -18.18 -23.01 14.10
C VAL C 189 -19.26 -24.07 14.11
N LYS C 190 -18.85 -25.33 13.88
CA LYS C 190 -19.78 -26.47 13.83
C LYS C 190 -20.87 -26.37 14.89
N ARG C 191 -20.41 -26.28 16.13
CA ARG C 191 -21.24 -26.50 17.30
C ARG C 191 -22.14 -25.29 17.50
N VAL C 192 -21.58 -24.20 18.00
CA VAL C 192 -22.39 -22.99 18.28
C VAL C 192 -22.82 -22.13 17.04
N GLY C 193 -22.00 -22.12 15.97
CA GLY C 193 -22.11 -21.17 14.82
C GLY C 193 -23.52 -20.85 14.35
N ARG C 194 -24.25 -21.88 13.93
CA ARG C 194 -25.66 -21.76 13.55
C ARG C 194 -26.61 -21.03 14.51
N PHE C 195 -26.24 -20.86 15.77
CA PHE C 195 -27.05 -20.04 16.70
C PHE C 195 -26.72 -18.56 16.64
N ALA C 196 -25.59 -18.23 16.01
CA ALA C 196 -25.03 -16.87 16.01
C ALA C 196 -25.52 -15.96 14.87
N ASP C 197 -25.84 -14.74 15.26
CA ASP C 197 -26.12 -13.69 14.31
C ASP C 197 -24.77 -13.19 13.76
N TYR C 198 -23.85 -12.92 14.68
CA TYR C 198 -22.47 -12.69 14.29
C TYR C 198 -21.51 -13.54 15.15
N LEU C 199 -20.54 -14.15 14.44
CA LEU C 199 -19.61 -15.13 14.98
C LEU C 199 -18.23 -14.49 14.92
N VAL C 200 -17.48 -14.64 16.00
CA VAL C 200 -16.29 -13.84 16.22
C VAL C 200 -15.13 -14.76 16.51
N ILE C 201 -14.06 -14.67 15.72
CA ILE C 201 -12.82 -15.44 15.98
C ILE C 201 -11.92 -14.53 16.82
N ASN C 202 -11.86 -14.77 18.14
CA ASN C 202 -10.87 -14.08 18.94
C ASN C 202 -9.51 -14.68 18.62
N LEU C 203 -8.79 -13.92 17.79
CA LEU C 203 -7.39 -14.10 17.51
C LEU C 203 -6.67 -12.87 18.03
N SER C 204 -6.97 -12.46 19.27
CA SER C 204 -6.38 -11.24 19.81
C SER C 204 -6.27 -11.16 21.35
N SER C 205 -6.25 -12.30 22.05
CA SER C 205 -6.11 -12.26 23.51
C SER C 205 -4.77 -11.59 23.85
N PRO C 206 -4.72 -10.86 24.98
CA PRO C 206 -3.45 -10.47 25.56
C PRO C 206 -2.91 -11.53 26.54
N ASN C 207 -3.59 -12.67 26.65
CA ASN C 207 -3.18 -13.72 27.58
C ASN C 207 -3.34 -15.14 27.03
N THR C 208 -2.94 -15.36 25.78
CA THR C 208 -2.92 -16.72 25.23
C THR C 208 -1.85 -16.83 24.14
N LYS C 209 -1.15 -17.97 24.15
CA LYS C 209 0.12 -18.14 23.45
C LYS C 209 -0.06 -18.34 21.95
N GLY C 210 0.71 -17.57 21.18
CA GLY C 210 0.67 -17.64 19.72
C GLY C 210 -0.75 -17.57 19.21
N LEU C 211 -1.49 -16.58 19.73
CA LEU C 211 -2.79 -16.15 19.21
C LEU C 211 -2.72 -14.73 18.59
N ARG C 212 -1.57 -14.08 18.74
CA ARG C 212 -1.39 -12.72 18.28
C ARG C 212 -0.50 -12.70 17.03
N THR C 213 0.34 -13.71 16.82
CA THR C 213 0.96 -13.94 15.48
C THR C 213 0.06 -14.84 14.62
N LEU C 214 -1.04 -15.30 15.18
CA LEU C 214 -2.14 -15.77 14.37
C LEU C 214 -2.92 -14.62 13.68
N GLN C 215 -2.41 -13.38 13.74
CA GLN C 215 -2.87 -12.24 12.88
C GLN C 215 -1.96 -11.88 11.67
N GLN C 216 -0.95 -12.69 11.36
CA GLN C 216 -0.10 -12.43 10.19
C GLN C 216 -0.88 -12.78 8.91
N ARG C 217 -0.39 -12.27 7.79
CA ARG C 217 -0.69 -12.79 6.45
C ARG C 217 -0.85 -14.34 6.40
N ASP C 218 0.17 -15.04 6.91
CA ASP C 218 0.21 -16.51 6.98
C ASP C 218 -1.06 -17.12 7.59
N HIS C 219 -1.29 -16.84 8.87
CA HIS C 219 -2.21 -17.60 9.71
C HIS C 219 -3.64 -17.10 9.58
N LEU C 220 -3.83 -15.78 9.61
CA LEU C 220 -5.16 -15.16 9.55
C LEU C 220 -5.97 -15.60 8.33
N ARG C 221 -5.34 -15.48 7.16
CA ARG C 221 -5.86 -16.00 5.88
C ARG C 221 -6.41 -17.47 5.89
N SER C 222 -5.82 -18.36 6.71
CA SER C 222 -6.30 -19.77 6.89
C SER C 222 -7.29 -19.94 8.03
N ILE C 223 -7.12 -19.17 9.09
CA ILE C 223 -8.05 -19.18 10.19
C ILE C 223 -9.44 -18.79 9.67
N ILE C 224 -9.49 -17.82 8.77
CA ILE C 224 -10.76 -17.41 8.16
C ILE C 224 -11.30 -18.45 7.18
N THR C 225 -10.55 -18.83 6.15
CA THR C 225 -11.08 -19.79 5.18
C THR C 225 -11.53 -21.09 5.85
N ALA C 226 -10.85 -21.49 6.93
CA ALA C 226 -11.25 -22.65 7.72
C ALA C 226 -12.66 -22.44 8.23
N ALA C 227 -12.88 -21.32 8.89
CA ALA C 227 -14.22 -20.95 9.36
C ALA C 227 -15.26 -20.94 8.23
N GLN C 228 -14.98 -20.24 7.12
CA GLN C 228 -15.96 -20.17 5.99
C GLN C 228 -16.02 -21.46 5.15
N SER C 229 -15.13 -22.41 5.43
CA SER C 229 -15.33 -23.82 5.07
C SER C 229 -16.17 -24.58 6.11
N GLU C 230 -16.12 -24.19 7.37
CA GLU C 230 -17.04 -24.76 8.37
C GLU C 230 -18.48 -24.20 8.39
N LEU C 231 -18.62 -22.89 8.11
CA LEU C 231 -19.94 -22.25 7.92
C LEU C 231 -20.53 -22.74 6.63
N GLU C 232 -19.67 -23.09 5.68
CA GLU C 232 -20.14 -23.67 4.45
C GLU C 232 -21.01 -24.91 4.66
N LYS C 233 -20.81 -25.63 5.75
CA LYS C 233 -21.69 -26.75 6.03
C LYS C 233 -23.12 -26.30 6.39
N LEU C 234 -23.93 -26.22 5.33
CA LEU C 234 -25.39 -26.28 5.39
C LEU C 234 -25.86 -27.71 5.21
N GLU C 235 -26.42 -28.21 6.30
CA GLU C 235 -27.39 -29.27 6.24
C GLU C 235 -28.67 -28.62 5.63
N GLU C 236 -28.97 -29.10 4.41
CA GLU C 236 -30.20 -28.77 3.69
C GLU C 236 -31.20 -29.86 4.09
N ARG C 237 -32.19 -29.46 4.91
CA ARG C 237 -33.30 -30.32 5.31
C ARG C 237 -34.58 -29.67 4.76
N SER C 238 -35.02 -28.58 5.42
CA SER C 238 -36.27 -27.87 5.08
C SER C 238 -37.53 -28.78 5.07
N ARG C 239 -37.57 -29.72 6.03
CA ARG C 239 -38.62 -30.77 6.14
C ARG C 239 -38.97 -31.04 7.61
N THR C 263 -43.07 -16.90 13.40
CA THR C 263 -42.05 -16.46 14.34
C THR C 263 -41.92 -17.37 15.58
N ARG C 264 -43.05 -17.93 16.00
CA ARG C 264 -43.10 -18.97 17.05
C ARG C 264 -42.20 -20.19 16.75
N LYS C 265 -42.18 -20.60 15.48
CA LYS C 265 -41.45 -21.79 14.99
C LYS C 265 -40.23 -21.44 14.08
N ALA C 266 -39.62 -20.26 14.30
CA ALA C 266 -38.32 -19.88 13.70
C ALA C 266 -37.18 -20.62 14.36
N GLU C 267 -37.40 -21.02 15.63
CA GLU C 267 -36.58 -22.03 16.35
C GLU C 267 -36.18 -23.24 15.49
N GLN C 268 -37.08 -23.69 14.62
CA GLN C 268 -37.02 -25.04 14.08
C GLN C 268 -35.91 -25.32 13.02
N PHE C 269 -35.52 -24.32 12.19
CA PHE C 269 -34.43 -24.53 11.18
C PHE C 269 -33.02 -24.30 11.76
N PHE C 270 -32.37 -23.19 11.46
CA PHE C 270 -31.07 -22.84 12.03
C PHE C 270 -31.10 -21.35 12.43
N PRO C 271 -31.64 -21.08 13.65
CA PRO C 271 -32.43 -19.91 14.06
C PRO C 271 -31.64 -18.66 14.42
N THR C 272 -31.70 -17.61 13.60
CA THR C 272 -30.63 -16.55 13.55
C THR C 272 -31.09 -15.07 13.43
N GLN C 273 -32.40 -14.83 13.52
CA GLN C 273 -33.05 -13.64 12.93
C GLN C 273 -33.12 -13.78 11.39
N THR C 274 -31.96 -13.87 10.75
CA THR C 274 -31.80 -13.68 9.31
C THR C 274 -31.34 -14.96 8.62
N GLY C 275 -32.30 -15.79 8.21
CA GLY C 275 -31.99 -17.10 7.60
C GLY C 275 -30.98 -17.71 8.52
N LYS C 276 -29.77 -17.96 8.03
CA LYS C 276 -28.72 -18.37 8.97
C LYS C 276 -27.31 -17.73 8.82
N ARG C 277 -26.50 -18.15 7.84
CA ARG C 277 -25.04 -18.12 7.98
C ARG C 277 -24.60 -16.91 8.79
N PRO C 278 -23.99 -17.10 9.95
CA PRO C 278 -23.54 -15.94 10.73
C PRO C 278 -22.53 -15.04 10.01
N LEU C 279 -22.64 -13.74 10.21
CA LEU C 279 -21.67 -12.80 9.64
C LEU C 279 -20.40 -13.14 10.36
N LEU C 280 -19.33 -13.52 9.64
CA LEU C 280 -18.06 -13.94 10.29
C LEU C 280 -17.22 -12.73 10.68
N PHE C 281 -16.69 -12.73 11.90
CA PHE C 281 -15.87 -11.61 12.37
C PHE C 281 -14.52 -12.08 12.90
N VAL C 282 -13.55 -11.18 12.93
CA VAL C 282 -12.25 -11.47 13.55
C VAL C 282 -11.84 -10.32 14.42
N LYS C 283 -11.59 -10.63 15.69
CA LYS C 283 -11.21 -9.62 16.64
C LYS C 283 -9.74 -9.35 16.48
N ILE C 284 -9.40 -8.07 16.56
CA ILE C 284 -8.05 -7.57 16.33
C ILE C 284 -7.67 -6.78 17.55
N ALA C 285 -6.44 -6.29 17.58
CA ALA C 285 -5.88 -5.63 18.78
C ALA C 285 -5.43 -4.19 18.59
N PRO C 286 -5.57 -3.37 19.64
CA PRO C 286 -5.16 -1.97 19.54
C PRO C 286 -3.65 -1.75 19.34
N ASP C 287 -2.83 -2.81 19.41
CA ASP C 287 -1.36 -2.70 19.47
C ASP C 287 -0.62 -3.09 18.18
N LEU C 288 -1.36 -3.20 17.06
CA LEU C 288 -0.76 -3.65 15.79
C LEU C 288 0.15 -2.61 15.18
N THR C 289 1.17 -3.10 14.50
CA THR C 289 2.10 -2.24 13.79
C THR C 289 1.36 -1.63 12.63
N ASP C 290 1.87 -0.52 12.11
CA ASP C 290 1.21 0.14 10.98
C ASP C 290 1.20 -0.83 9.77
N GLU C 291 2.30 -1.58 9.56
CA GLU C 291 2.34 -2.71 8.59
C GLU C 291 1.20 -3.70 8.80
N GLU C 292 1.13 -4.22 10.01
CA GLU C 292 0.28 -5.37 10.35
C GLU C 292 -1.20 -5.09 10.04
N LYS C 293 -1.67 -3.90 10.42
CA LYS C 293 -3.06 -3.52 10.18
C LYS C 293 -3.45 -3.76 8.73
N ARG C 294 -2.66 -3.21 7.81
CA ARG C 294 -2.79 -3.41 6.33
C ARG C 294 -3.01 -4.88 5.88
N ASP C 295 -2.44 -5.81 6.63
CA ASP C 295 -2.55 -7.22 6.34
C ASP C 295 -3.93 -7.74 6.75
N ILE C 296 -4.48 -7.24 7.85
CA ILE C 296 -5.84 -7.60 8.24
C ILE C 296 -6.84 -6.93 7.28
N ALA C 297 -6.51 -5.73 6.80
CA ALA C 297 -7.33 -5.06 5.80
C ALA C 297 -7.42 -5.88 4.53
N ASP C 298 -6.27 -6.21 3.96
CA ASP C 298 -6.16 -7.04 2.75
C ASP C 298 -6.84 -8.39 2.87
N VAL C 299 -6.52 -9.14 3.91
CA VAL C 299 -7.09 -10.48 4.09
C VAL C 299 -8.59 -10.44 4.39
N ALA C 300 -9.10 -9.30 4.87
CA ALA C 300 -10.56 -9.11 5.03
C ALA C 300 -11.25 -8.99 3.67
N LEU C 301 -10.82 -8.01 2.88
CA LEU C 301 -11.34 -7.75 1.52
C LEU C 301 -11.08 -8.94 0.59
N GLU C 302 -9.86 -9.48 0.70
CA GLU C 302 -9.42 -10.68 -0.04
C GLU C 302 -10.35 -11.88 0.21
N THR C 303 -10.68 -12.16 1.49
CA THR C 303 -11.52 -13.32 1.84
C THR C 303 -12.97 -12.97 2.16
N GLY C 304 -13.43 -11.79 1.77
CA GLY C 304 -14.86 -11.42 1.92
C GLY C 304 -15.39 -11.32 3.35
N LEU C 305 -14.49 -10.95 4.26
CA LEU C 305 -14.79 -10.86 5.69
C LEU C 305 -15.79 -9.75 5.95
N ASP C 306 -16.68 -10.02 6.90
CA ASP C 306 -17.89 -9.26 7.08
C ASP C 306 -17.70 -8.15 8.07
N GLY C 307 -16.95 -8.42 9.12
CA GLY C 307 -16.64 -7.38 10.09
C GLY C 307 -15.49 -7.74 10.98
N LEU C 308 -14.95 -6.71 11.64
CA LEU C 308 -13.85 -6.82 12.61
C LEU C 308 -14.35 -6.19 13.90
N ILE C 309 -14.13 -6.86 15.01
CA ILE C 309 -14.40 -6.22 16.28
C ILE C 309 -13.12 -5.53 16.65
N VAL C 310 -13.20 -4.20 16.66
CA VAL C 310 -12.01 -3.38 16.69
C VAL C 310 -11.67 -2.98 18.11
N THR C 311 -10.66 -3.74 18.55
CA THR C 311 -9.67 -3.50 19.63
C THR C 311 -10.05 -4.30 20.83
N ASN C 312 -9.14 -5.20 21.15
CA ASN C 312 -9.07 -5.82 22.45
C ASN C 312 -8.57 -4.83 23.53
N THR C 313 -8.32 -5.36 24.71
CA THR C 313 -7.54 -4.65 25.70
C THR C 313 -6.12 -4.50 25.21
N THR C 314 -5.31 -3.72 25.93
CA THR C 314 -3.97 -3.43 25.44
C THR C 314 -2.87 -3.75 26.46
N ILE C 315 -1.71 -4.11 25.91
CA ILE C 315 -0.52 -4.52 26.69
C ILE C 315 0.54 -3.40 26.77
N GLN C 316 0.25 -2.26 26.14
CA GLN C 316 1.19 -1.14 26.03
C GLN C 316 1.26 -0.35 27.33
N ARG C 317 0.12 0.04 27.87
CA ARG C 317 0.05 0.87 29.08
C ARG C 317 0.67 2.22 28.76
N PRO C 318 -0.15 3.29 28.66
CA PRO C 318 0.47 4.60 28.42
C PRO C 318 1.28 5.06 29.64
N GLU C 319 1.83 6.26 29.53
CA GLU C 319 2.74 6.80 30.54
C GLU C 319 1.96 7.78 31.44
N SER C 320 0.61 7.74 31.36
CA SER C 320 -0.32 8.61 32.07
C SER C 320 -1.22 7.85 33.05
N LEU C 321 -0.93 6.58 33.31
CA LEU C 321 -1.73 5.79 34.22
C LEU C 321 -1.25 6.07 35.64
N ARG C 322 -2.16 6.37 36.57
CA ARG C 322 -1.75 6.72 37.93
C ARG C 322 -1.92 5.63 38.98
N SER C 323 -2.98 4.81 38.87
CA SER C 323 -3.47 3.98 40.01
C SER C 323 -2.50 2.90 40.51
N GLU C 324 -2.94 2.21 41.56
CA GLU C 324 -2.06 1.39 42.39
C GLU C 324 -1.66 0.11 41.63
N SER C 325 -2.62 -0.47 40.91
CA SER C 325 -2.46 -1.72 40.14
C SER C 325 -2.33 -1.43 38.63
N LYS C 326 -1.27 -0.71 38.29
CA LYS C 326 -0.96 -0.29 36.91
C LYS C 326 0.11 -1.14 36.22
N HIS C 327 0.98 -1.76 37.03
CA HIS C 327 2.09 -2.60 36.54
C HIS C 327 1.61 -3.99 36.20
N GLU C 328 0.46 -4.36 36.77
CA GLU C 328 -0.11 -5.69 36.69
C GLU C 328 -0.11 -6.20 35.25
N THR C 329 0.22 -7.49 35.08
CA THR C 329 0.26 -8.12 33.75
C THR C 329 -1.17 -8.45 33.32
N GLY C 330 -1.49 -8.16 32.07
CA GLY C 330 -2.83 -8.40 31.57
C GLY C 330 -3.18 -7.57 30.36
N GLY C 331 -4.45 -7.36 30.16
CA GLY C 331 -4.95 -6.42 29.17
C GLY C 331 -5.51 -5.18 29.86
N LEU C 332 -5.05 -4.00 29.45
CA LEU C 332 -5.58 -2.74 29.95
C LEU C 332 -6.82 -2.35 29.14
N SER C 333 -7.81 -1.79 29.85
CA SER C 333 -9.13 -1.47 29.30
C SER C 333 -9.54 -0.03 29.61
N GLY C 334 -10.76 0.34 29.21
CA GLY C 334 -11.41 1.59 29.62
C GLY C 334 -10.71 2.84 29.11
N ARG C 335 -11.01 3.98 29.72
CA ARG C 335 -10.59 5.33 29.26
C ARG C 335 -9.20 5.42 28.61
N PRO C 336 -8.14 4.88 29.25
CA PRO C 336 -6.84 4.91 28.54
C PRO C 336 -6.85 4.21 27.18
N LEU C 337 -7.65 3.15 27.06
CA LEU C 337 -7.79 2.40 25.83
C LEU C 337 -8.67 3.11 24.78
N LYS C 338 -9.13 4.35 25.03
CA LYS C 338 -10.17 4.99 24.21
C LYS C 338 -9.66 5.56 22.87
N ALA C 339 -8.72 6.50 22.97
CA ALA C 339 -8.18 7.24 21.80
C ALA C 339 -7.39 6.32 20.86
N MET C 340 -6.57 5.47 21.47
CA MET C 340 -5.94 4.32 20.82
C MET C 340 -6.94 3.53 19.92
N SER C 341 -8.06 3.13 20.51
CA SER C 341 -9.05 2.24 19.88
C SER C 341 -9.90 2.90 18.82
N THR C 342 -10.39 4.09 19.14
CA THR C 342 -11.15 4.89 18.17
C THR C 342 -10.34 5.21 16.91
N LYS C 343 -9.02 5.34 17.07
CA LYS C 343 -8.15 5.64 15.94
C LYS C 343 -7.75 4.39 15.16
N CYS C 344 -7.73 3.25 15.81
CA CYS C 344 -7.59 1.97 15.12
C CYS C 344 -8.76 1.74 14.14
N VAL C 345 -9.98 2.08 14.59
CA VAL C 345 -11.21 2.03 13.75
C VAL C 345 -11.14 2.90 12.47
N SER C 346 -10.53 4.08 12.54
CA SER C 346 -10.36 4.95 11.37
C SER C 346 -9.58 4.22 10.24
N ASP C 347 -8.38 3.77 10.59
CA ASP C 347 -7.46 3.18 9.63
C ASP C 347 -7.95 1.83 9.09
N MET C 348 -8.67 1.09 9.92
CA MET C 348 -9.31 -0.15 9.47
C MET C 348 -10.46 0.09 8.50
N TYR C 349 -11.17 1.22 8.67
CA TYR C 349 -12.23 1.63 7.76
C TYR C 349 -11.60 2.18 6.47
N LYS C 350 -10.59 3.06 6.58
CA LYS C 350 -9.97 3.65 5.36
C LYS C 350 -9.21 2.62 4.54
N MET C 351 -8.60 1.65 5.21
CA MET C 351 -7.87 0.56 4.52
C MET C 351 -8.77 -0.59 4.07
N THR C 352 -9.93 -0.77 4.71
CA THR C 352 -11.00 -1.62 4.14
C THR C 352 -11.83 -0.86 3.09
N ASN C 353 -11.59 0.45 2.96
CA ASN C 353 -12.20 1.26 1.89
C ASN C 353 -13.74 1.34 2.03
N GLY C 354 -14.24 1.25 3.26
CA GLY C 354 -15.68 1.18 3.58
C GLY C 354 -16.24 -0.23 3.77
N GLN C 355 -15.62 -1.22 3.11
CA GLN C 355 -16.27 -2.50 2.69
C GLN C 355 -16.49 -3.58 3.83
N VAL C 356 -15.96 -3.29 5.02
CA VAL C 356 -15.95 -4.20 6.15
C VAL C 356 -16.68 -3.50 7.32
N ALA C 357 -17.41 -4.28 8.14
CA ALA C 357 -18.40 -3.72 9.08
C ALA C 357 -17.89 -3.60 10.53
N ILE C 358 -17.33 -2.46 10.86
CA ILE C 358 -16.62 -2.28 12.11
C ILE C 358 -17.58 -2.01 13.28
N ILE C 359 -17.43 -2.81 14.33
CA ILE C 359 -18.12 -2.62 15.61
C ILE C 359 -16.97 -2.38 16.55
N ALA C 360 -16.98 -1.32 17.35
CA ALA C 360 -15.81 -1.00 18.22
C ALA C 360 -15.93 -1.43 19.70
N SER C 361 -14.80 -1.34 20.43
CA SER C 361 -14.73 -1.45 21.92
C SER C 361 -13.49 -0.73 22.47
N GLY C 362 -13.42 -0.55 23.78
CA GLY C 362 -12.28 0.13 24.40
C GLY C 362 -12.69 1.49 24.90
N GLY C 363 -12.75 1.65 26.22
CA GLY C 363 -13.17 2.89 26.88
C GLY C 363 -14.42 3.60 26.35
N ILE C 364 -15.42 2.84 25.91
CA ILE C 364 -16.70 3.40 25.48
C ILE C 364 -17.59 3.56 26.72
N GLU C 365 -17.54 4.77 27.30
CA GLU C 365 -18.45 5.25 28.35
C GLU C 365 -18.91 6.66 27.97
N THR C 366 -20.23 6.88 27.97
CA THR C 366 -20.90 8.11 27.42
C THR C 366 -21.11 8.08 25.87
N GLY C 367 -22.27 8.55 25.44
CA GLY C 367 -22.65 8.56 24.02
C GLY C 367 -21.68 9.27 23.13
N LEU C 368 -21.15 10.40 23.63
CA LEU C 368 -20.19 11.18 22.87
C LEU C 368 -19.04 10.29 22.36
N ASP C 369 -18.50 9.46 23.26
CA ASP C 369 -17.39 8.56 22.92
C ASP C 369 -17.78 7.56 21.86
N ALA C 370 -19.03 7.12 21.90
CA ALA C 370 -19.57 6.31 20.82
C ALA C 370 -19.54 7.16 19.58
N TYR C 371 -20.26 8.28 19.62
CA TYR C 371 -20.47 9.13 18.43
C TYR C 371 -19.21 9.23 17.55
N LYS C 372 -18.09 9.63 18.15
CA LYS C 372 -16.82 9.85 17.43
C LYS C 372 -16.28 8.61 16.70
N ARG C 373 -16.48 7.45 17.31
CA ARG C 373 -16.10 6.17 16.69
C ARG C 373 -17.01 5.82 15.51
N ILE C 374 -18.30 6.04 15.72
CA ILE C 374 -19.31 5.84 14.71
C ILE C 374 -19.01 6.72 13.50
N ARG C 375 -18.68 7.98 13.77
CA ARG C 375 -18.15 8.84 12.73
C ARG C 375 -16.84 8.33 12.10
N ALA C 376 -15.97 7.72 12.91
CA ALA C 376 -14.70 7.15 12.44
C ALA C 376 -14.78 5.79 11.70
N GLY C 377 -15.97 5.21 11.56
CA GLY C 377 -16.16 3.97 10.80
C GLY C 377 -17.02 2.90 11.46
N ALA C 378 -17.31 3.07 12.74
CA ALA C 378 -17.95 2.01 13.52
C ALA C 378 -19.45 2.03 13.40
N SER C 379 -20.06 0.89 13.05
CA SER C 379 -21.52 0.81 12.96
C SER C 379 -22.20 0.57 14.33
N ALA C 380 -21.55 -0.20 15.20
CA ALA C 380 -21.99 -0.47 16.59
C ALA C 380 -20.84 -0.34 17.60
N VAL C 381 -21.19 -0.44 18.88
CA VAL C 381 -20.21 -0.32 19.96
C VAL C 381 -20.47 -1.33 21.09
N GLU C 382 -19.40 -1.72 21.79
CA GLU C 382 -19.47 -2.67 22.90
C GLU C 382 -19.07 -2.03 24.26
N VAL C 383 -19.65 -2.55 25.33
CA VAL C 383 -19.56 -1.93 26.64
C VAL C 383 -19.28 -3.05 27.64
N TYR C 384 -18.04 -3.07 28.17
CA TYR C 384 -17.65 -3.87 29.38
C TYR C 384 -17.27 -2.92 30.53
N THR C 385 -16.14 -2.24 30.38
CA THR C 385 -15.47 -1.60 31.50
C THR C 385 -16.29 -0.46 32.07
N SER C 386 -16.91 0.27 31.15
CA SER C 386 -17.97 1.20 31.48
C SER C 386 -18.93 0.55 32.44
N MET C 387 -19.36 -0.66 32.10
CA MET C 387 -20.37 -1.40 32.88
C MET C 387 -19.94 -1.82 34.29
N ILE C 388 -18.65 -2.11 34.50
CA ILE C 388 -18.05 -2.33 35.86
C ILE C 388 -18.10 -1.05 36.72
N TYR C 389 -17.86 0.10 36.09
CA TYR C 389 -17.92 1.42 36.76
C TYR C 389 -19.34 2.03 36.75
N ARG C 390 -19.85 2.39 35.56
CA ARG C 390 -21.08 3.17 35.44
C ARG C 390 -22.36 2.42 35.90
N GLY C 391 -22.31 1.09 35.96
CA GLY C 391 -23.47 0.25 36.31
C GLY C 391 -24.08 -0.40 35.07
N PRO C 392 -25.19 -1.16 35.21
CA PRO C 392 -25.90 -1.65 33.99
C PRO C 392 -26.83 -0.62 33.33
N ILE C 393 -26.91 0.59 33.91
CA ILE C 393 -27.73 1.67 33.34
C ILE C 393 -26.95 2.43 32.27
N VAL C 394 -25.67 2.07 32.06
CA VAL C 394 -24.90 2.54 30.90
C VAL C 394 -25.58 2.24 29.57
N ALA C 395 -26.19 1.06 29.48
CA ALA C 395 -26.79 0.57 28.23
C ALA C 395 -27.90 1.47 27.72
N ARG C 396 -28.68 2.03 28.65
CA ARG C 396 -29.69 3.07 28.33
C ARG C 396 -29.07 4.46 28.22
N ARG C 397 -28.17 4.78 29.14
CA ARG C 397 -27.58 6.12 29.23
C ARG C 397 -26.81 6.48 27.95
N VAL C 398 -26.06 5.52 27.41
CA VAL C 398 -25.24 5.79 26.24
C VAL C 398 -26.11 5.86 24.98
N LYS C 399 -27.20 5.11 24.92
CA LYS C 399 -28.20 5.27 23.83
C LYS C 399 -28.87 6.67 23.85
N ASP C 400 -29.46 7.02 24.98
CA ASP C 400 -30.24 8.27 25.13
C ASP C 400 -29.36 9.52 25.13
N GLU C 401 -28.07 9.36 25.46
CA GLU C 401 -27.06 10.40 25.21
C GLU C 401 -26.90 10.47 23.69
N LEU C 402 -26.38 9.38 23.10
CA LEU C 402 -26.12 9.26 21.66
C LEU C 402 -27.23 9.88 20.79
N LEU C 403 -28.40 9.28 20.82
CA LEU C 403 -29.59 9.75 20.10
C LEU C 403 -29.72 11.29 20.17
N ASN C 404 -29.42 11.85 21.34
CA ASN C 404 -29.49 13.28 21.58
C ASN C 404 -28.35 14.03 20.94
N ILE C 405 -27.15 13.43 20.94
CA ILE C 405 -25.98 13.98 20.20
C ILE C 405 -26.39 14.19 18.75
N LEU C 406 -27.17 13.25 18.24
CA LEU C 406 -27.66 13.33 16.88
C LEU C 406 -28.72 14.41 16.73
N ASN C 407 -29.62 14.59 17.70
CA ASN C 407 -30.63 15.70 17.62
C ASN C 407 -30.07 17.11 17.82
N GLN C 408 -29.04 17.46 17.06
CA GLN C 408 -28.36 18.74 17.22
C GLN C 408 -27.28 18.87 16.17
N ALA C 409 -26.29 17.95 16.23
CA ALA C 409 -25.13 17.92 15.32
C ALA C 409 -25.58 18.03 13.85
N GLY C 410 -26.73 17.41 13.54
CA GLY C 410 -27.43 17.60 12.28
C GLY C 410 -28.12 16.32 11.85
N ILE C 411 -27.33 15.27 11.68
CA ILE C 411 -27.81 13.93 11.30
C ILE C 411 -28.86 13.43 12.30
N TYR C 412 -29.79 12.62 11.83
CA TYR C 412 -30.90 12.23 12.69
C TYR C 412 -30.56 10.90 13.37
N ASN C 413 -30.02 9.97 12.59
CA ASN C 413 -29.90 8.57 13.00
C ASN C 413 -28.48 7.96 12.91
N VAL C 414 -28.20 7.10 13.89
CA VAL C 414 -26.86 6.47 14.06
C VAL C 414 -26.47 5.64 12.84
N GLN C 415 -27.46 5.15 12.08
CA GLN C 415 -27.19 4.48 10.80
C GLN C 415 -26.37 5.36 9.83
N ASP C 416 -26.99 6.37 9.23
CA ASP C 416 -26.25 7.28 8.32
C ASP C 416 -25.28 8.22 9.08
N ALA C 417 -25.07 8.00 10.37
CA ALA C 417 -23.99 8.66 11.09
C ALA C 417 -22.60 8.00 10.97
N ILE C 418 -22.50 6.84 10.33
CA ILE C 418 -21.26 6.06 10.36
C ILE C 418 -20.32 6.59 9.30
N GLY C 419 -19.02 6.38 9.47
CA GLY C 419 -18.05 6.70 8.40
C GLY C 419 -18.05 8.17 8.02
N LEU C 420 -18.44 8.99 8.99
CA LEU C 420 -18.67 10.41 8.82
C LEU C 420 -17.46 11.22 9.32
N ASP C 421 -16.28 10.60 9.42
CA ASP C 421 -15.04 11.36 9.62
C ASP C 421 -14.27 11.54 8.31
N HIS C 422 -14.81 11.02 7.22
CA HIS C 422 -14.12 11.05 5.95
C HIS C 422 -14.80 12.03 4.96
N ARG C 423 -14.93 13.27 5.44
CA ARG C 423 -15.08 14.51 4.64
C ARG C 423 -14.33 15.64 5.41
N PRO C 424 -13.09 16.03 4.95
CA PRO C 424 -12.23 16.91 5.78
C PRO C 424 -12.71 18.37 5.86
N ASP D 40 -51.07 -7.50 -30.16
CA ASP D 40 -50.53 -6.16 -29.83
C ASP D 40 -49.88 -6.23 -28.45
N PRO D 41 -48.59 -5.86 -28.35
CA PRO D 41 -47.99 -5.79 -27.00
C PRO D 41 -48.62 -4.76 -26.03
N GLU D 42 -49.37 -3.79 -26.57
CA GLU D 42 -50.22 -2.86 -25.79
C GLU D 42 -51.41 -3.63 -25.18
N LEU D 43 -52.08 -4.44 -26.01
CA LEU D 43 -53.26 -5.21 -25.59
C LEU D 43 -52.82 -6.43 -24.83
N ALA D 44 -51.68 -7.00 -25.24
CA ALA D 44 -51.01 -8.07 -24.50
C ALA D 44 -50.61 -7.57 -23.13
N HIS D 45 -50.18 -6.31 -23.03
CA HIS D 45 -49.99 -5.69 -21.73
C HIS D 45 -51.35 -5.54 -21.06
N ASP D 46 -52.23 -4.71 -21.65
CA ASP D 46 -53.44 -4.24 -20.94
C ASP D 46 -54.43 -5.29 -20.46
N MET D 47 -54.38 -6.51 -21.01
CA MET D 47 -55.23 -7.59 -20.52
C MET D 47 -54.55 -8.41 -19.44
N VAL D 48 -53.31 -8.85 -19.63
CA VAL D 48 -52.56 -9.47 -18.51
C VAL D 48 -52.76 -8.63 -17.24
N MET D 49 -52.79 -7.30 -17.42
CA MET D 49 -53.10 -6.34 -16.37
C MET D 49 -54.51 -6.46 -15.85
N TRP D 50 -55.46 -6.57 -16.76
CA TRP D 50 -56.84 -6.79 -16.37
C TRP D 50 -56.91 -7.82 -15.26
N LEU D 51 -56.33 -8.98 -15.53
CA LEU D 51 -56.45 -10.13 -14.62
C LEU D 51 -55.94 -9.80 -13.22
N ALA D 52 -54.65 -9.43 -13.17
CA ALA D 52 -53.92 -9.23 -11.93
C ALA D 52 -54.70 -8.42 -10.90
N ALA D 53 -55.27 -7.28 -11.31
CA ALA D 53 -56.04 -6.44 -10.38
C ALA D 53 -57.08 -7.23 -9.61
N LYS D 54 -57.87 -8.01 -10.34
CA LYS D 54 -58.84 -8.91 -9.72
C LYS D 54 -58.16 -10.10 -9.09
N GLY D 55 -57.03 -10.51 -9.66
CA GLY D 55 -56.33 -11.72 -9.23
C GLY D 55 -56.85 -12.92 -10.01
N TYR D 56 -57.10 -12.72 -11.30
CA TYR D 56 -57.64 -13.75 -12.20
C TYR D 56 -56.53 -14.61 -12.86
N LEU D 57 -55.28 -14.15 -12.80
CA LEU D 57 -54.14 -14.98 -13.17
C LEU D 57 -53.86 -16.05 -12.12
N PRO D 58 -53.07 -17.09 -12.48
CA PRO D 58 -52.59 -18.06 -11.48
C PRO D 58 -51.73 -17.42 -10.40
N TYR D 59 -50.90 -18.21 -9.70
CA TYR D 59 -50.07 -17.73 -8.59
C TYR D 59 -48.65 -18.28 -8.72
N ASP D 60 -47.96 -18.43 -7.59
CA ASP D 60 -46.93 -19.44 -7.41
C ASP D 60 -47.17 -20.00 -6.00
N LEU D 61 -47.90 -21.11 -5.93
CA LEU D 61 -48.11 -21.84 -4.67
C LEU D 61 -46.81 -22.34 -4.02
N GLU D 62 -45.75 -22.52 -4.83
CA GLU D 62 -44.47 -23.19 -4.45
C GLU D 62 -43.68 -22.61 -3.26
N ARG D 63 -43.59 -21.28 -3.17
CA ARG D 63 -42.80 -20.57 -2.12
C ARG D 63 -41.28 -20.81 -2.21
N ASP D 64 -40.55 -19.72 -2.16
CA ASP D 64 -39.19 -19.66 -2.70
C ASP D 64 -38.22 -20.20 -1.66
N ASP D 65 -37.21 -20.98 -2.11
CA ASP D 65 -36.15 -21.48 -1.19
C ASP D 65 -35.24 -20.34 -0.70
N PRO D 66 -34.98 -20.26 0.63
CA PRO D 66 -34.36 -19.08 1.25
C PRO D 66 -33.00 -18.75 0.71
N GLU D 67 -32.46 -19.65 -0.11
CA GLU D 67 -31.34 -19.36 -1.01
C GLU D 67 -31.60 -18.18 -1.97
N LEU D 68 -32.86 -17.82 -2.17
CA LEU D 68 -33.21 -16.71 -3.01
C LEU D 68 -33.41 -15.38 -2.24
N SER D 69 -33.36 -15.38 -0.90
CA SER D 69 -33.40 -14.12 -0.12
C SER D 69 -32.14 -13.30 -0.38
N VAL D 70 -32.27 -11.99 -0.64
CA VAL D 70 -31.12 -11.10 -0.92
C VAL D 70 -31.22 -9.78 -0.14
N ASN D 71 -30.42 -9.65 0.92
CA ASN D 71 -30.41 -8.43 1.73
C ASN D 71 -29.60 -7.42 1.01
N ILE D 72 -30.28 -6.47 0.40
CA ILE D 72 -29.70 -5.27 -0.21
C ILE D 72 -29.97 -4.10 0.74
N LYS D 73 -28.89 -3.63 1.39
CA LYS D 73 -28.84 -2.43 2.25
C LYS D 73 -30.02 -2.26 3.25
N GLY D 74 -30.49 -3.39 3.77
CA GLY D 74 -31.55 -3.42 4.77
C GLY D 74 -32.86 -3.95 4.26
N LEU D 75 -32.95 -4.18 2.95
CA LEU D 75 -34.19 -4.53 2.30
C LEU D 75 -34.06 -5.98 1.83
N THR D 76 -34.63 -6.93 2.56
CA THR D 76 -34.66 -8.32 2.11
C THR D 76 -35.56 -8.49 0.92
N PHE D 77 -34.96 -8.93 -0.17
CA PHE D 77 -35.67 -9.41 -1.34
C PHE D 77 -35.70 -10.94 -1.16
N HIS D 78 -36.88 -11.52 -0.98
CA HIS D 78 -36.99 -12.96 -0.68
C HIS D 78 -36.80 -13.79 -1.95
N THR D 79 -36.96 -13.10 -3.08
CA THR D 79 -36.60 -13.59 -4.38
C THR D 79 -35.93 -12.42 -5.04
N PRO D 80 -34.95 -12.63 -5.92
CA PRO D 80 -34.28 -11.52 -6.63
C PRO D 80 -34.78 -11.21 -8.07
N VAL D 81 -35.78 -11.97 -8.54
CA VAL D 81 -36.50 -11.66 -9.78
C VAL D 81 -37.72 -10.83 -9.43
N GLY D 82 -37.94 -9.75 -10.19
CA GLY D 82 -39.06 -8.83 -9.97
C GLY D 82 -39.61 -8.18 -11.24
N LEU D 83 -40.83 -7.66 -11.14
CA LEU D 83 -41.48 -7.06 -12.30
C LEU D 83 -40.87 -5.68 -12.56
N ALA D 84 -40.48 -5.47 -13.80
CA ALA D 84 -39.74 -4.30 -14.24
C ALA D 84 -40.58 -3.03 -14.23
N ALA D 85 -39.92 -1.92 -14.49
CA ALA D 85 -40.46 -0.62 -14.13
C ALA D 85 -41.78 -0.33 -14.81
N GLY D 86 -41.83 -0.36 -16.15
CA GLY D 86 -43.02 0.08 -16.87
C GLY D 86 -44.31 -0.77 -16.91
N PHE D 87 -44.38 -1.87 -16.15
CA PHE D 87 -45.48 -2.86 -16.30
C PHE D 87 -46.73 -2.49 -15.56
N ASP D 88 -46.61 -2.22 -14.25
CA ASP D 88 -47.72 -1.70 -13.46
C ASP D 88 -47.54 -0.19 -13.35
N LYS D 89 -48.08 0.51 -14.34
CA LYS D 89 -47.69 1.87 -14.62
C LYS D 89 -48.05 2.81 -13.47
N ASN D 90 -49.17 2.47 -12.79
CA ASN D 90 -49.82 3.32 -11.79
C ASN D 90 -50.41 2.57 -10.61
N ALA D 91 -49.79 1.45 -10.22
CA ALA D 91 -50.16 0.68 -9.03
C ALA D 91 -51.51 -0.03 -9.20
N GLU D 92 -51.78 -0.45 -10.44
CA GLU D 92 -53.06 -1.08 -10.80
C GLU D 92 -53.24 -2.41 -10.02
N ALA D 93 -52.12 -3.02 -9.56
CA ALA D 93 -52.08 -4.20 -8.63
C ALA D 93 -50.64 -4.76 -8.32
N PRO D 94 -49.86 -4.04 -7.49
CA PRO D 94 -48.52 -4.49 -7.09
C PRO D 94 -48.53 -5.86 -6.41
N LEU D 95 -49.30 -5.99 -5.34
CA LEU D 95 -49.25 -7.19 -4.49
C LEU D 95 -49.66 -8.46 -5.23
N ASN D 96 -50.67 -8.35 -6.11
CA ASN D 96 -51.24 -9.50 -6.80
C ASN D 96 -50.21 -10.14 -7.74
N PHE D 97 -49.37 -9.31 -8.39
CA PHE D 97 -48.27 -9.83 -9.26
C PHE D 97 -47.23 -10.50 -8.42
N CYS D 98 -46.79 -9.71 -7.45
CA CYS D 98 -45.75 -10.10 -6.55
C CYS D 98 -46.04 -11.49 -5.94
N LYS D 99 -47.29 -11.73 -5.55
CA LYS D 99 -47.75 -13.06 -5.05
C LYS D 99 -47.81 -14.18 -6.13
N MET D 100 -47.47 -13.84 -7.39
CA MET D 100 -47.40 -14.77 -8.52
C MET D 100 -45.95 -15.29 -8.75
N GLY D 101 -45.01 -14.74 -7.97
CA GLY D 101 -43.62 -15.22 -7.96
C GLY D 101 -42.62 -14.08 -7.83
N PHE D 102 -42.85 -12.99 -8.57
CA PHE D 102 -41.93 -11.85 -8.57
C PHE D 102 -41.65 -11.43 -7.13
N GLY D 103 -40.37 -11.36 -6.77
CA GLY D 103 -39.92 -10.87 -5.46
C GLY D 103 -40.17 -9.40 -5.17
N PHE D 104 -40.53 -8.65 -6.20
CA PHE D 104 -40.99 -7.26 -6.03
C PHE D 104 -41.87 -6.87 -7.22
N VAL D 105 -42.35 -5.64 -7.18
CA VAL D 105 -42.83 -4.99 -8.37
C VAL D 105 -42.37 -3.58 -8.21
N GLU D 106 -41.92 -2.98 -9.31
CA GLU D 106 -41.50 -1.60 -9.30
C GLU D 106 -42.68 -0.85 -9.90
N VAL D 107 -43.39 -0.08 -9.08
CA VAL D 107 -44.62 0.56 -9.48
C VAL D 107 -44.28 1.68 -10.42
N GLY D 108 -44.79 1.50 -11.67
CA GLY D 108 -44.60 2.32 -12.94
C GLY D 108 -43.97 3.69 -12.89
N THR D 109 -43.52 4.23 -14.02
CA THR D 109 -43.02 5.61 -13.88
C THR D 109 -44.25 6.45 -13.54
N ILE D 110 -44.18 7.12 -12.40
CA ILE D 110 -45.21 8.04 -11.90
C ILE D 110 -44.71 9.47 -12.12
N THR D 111 -45.57 10.31 -12.67
CA THR D 111 -45.26 11.70 -12.97
C THR D 111 -46.31 12.57 -12.29
N PRO D 112 -45.91 13.68 -11.63
CA PRO D 112 -46.83 14.50 -10.82
C PRO D 112 -48.23 14.83 -11.41
N LYS D 113 -48.31 15.74 -12.40
CA LYS D 113 -49.61 15.99 -13.05
C LYS D 113 -49.88 14.80 -13.98
N PRO D 114 -51.16 14.39 -14.09
CA PRO D 114 -51.47 13.22 -14.86
C PRO D 114 -51.23 13.52 -16.30
N GLN D 115 -50.77 12.51 -17.03
CA GLN D 115 -50.19 12.65 -18.38
C GLN D 115 -50.78 11.64 -19.36
N LEU D 116 -51.00 12.06 -20.61
CA LEU D 116 -51.71 11.21 -21.59
C LEU D 116 -50.81 10.17 -22.26
N GLY D 117 -49.57 10.59 -22.59
CA GLY D 117 -48.58 9.75 -23.28
C GLY D 117 -48.76 9.84 -24.77
N ASN D 118 -47.83 9.28 -25.54
CA ASN D 118 -47.75 9.57 -26.99
C ASN D 118 -48.77 8.83 -27.87
N PRO D 119 -49.07 9.38 -29.07
CA PRO D 119 -49.90 8.74 -30.06
C PRO D 119 -49.67 7.24 -30.23
N LYS D 120 -50.77 6.54 -30.49
CA LYS D 120 -50.85 5.06 -30.54
C LYS D 120 -51.07 4.60 -32.03
N PRO D 121 -50.58 3.43 -32.45
CA PRO D 121 -49.88 2.49 -31.61
C PRO D 121 -48.55 3.06 -31.15
N ARG D 122 -48.12 2.61 -29.98
CA ARG D 122 -46.90 3.10 -29.34
C ARG D 122 -45.99 1.97 -28.81
N ILE D 123 -46.27 0.74 -29.21
CA ILE D 123 -45.52 -0.41 -28.69
C ILE D 123 -45.58 -1.49 -29.76
N PHE D 124 -44.45 -2.12 -30.03
CA PHE D 124 -44.26 -2.97 -31.20
C PHE D 124 -43.53 -4.27 -30.83
N ARG D 125 -44.03 -5.41 -31.32
CA ARG D 125 -43.56 -6.75 -30.93
C ARG D 125 -42.72 -7.44 -32.01
N LEU D 126 -41.40 -7.38 -31.87
CA LEU D 126 -40.45 -8.00 -32.80
C LEU D 126 -40.11 -9.43 -32.37
N ALA D 127 -41.00 -10.37 -32.68
CA ALA D 127 -40.92 -11.77 -32.18
C ALA D 127 -39.73 -12.61 -32.70
N LYS D 128 -39.17 -12.18 -33.82
CA LYS D 128 -38.00 -12.82 -34.42
C LYS D 128 -36.69 -12.30 -33.80
N ASP D 129 -36.78 -11.19 -33.07
CA ASP D 129 -35.66 -10.67 -32.28
C ASP D 129 -35.87 -10.93 -30.79
N HIS D 130 -37.07 -11.43 -30.46
CA HIS D 130 -37.63 -11.46 -29.10
C HIS D 130 -37.54 -10.07 -28.40
N ALA D 131 -37.74 -9.05 -29.21
CA ALA D 131 -37.52 -7.71 -28.80
C ALA D 131 -38.84 -7.01 -28.91
N ILE D 132 -38.98 -5.93 -28.15
CA ILE D 132 -40.11 -5.04 -28.24
C ILE D 132 -39.49 -3.65 -28.32
N ILE D 133 -40.00 -2.81 -29.22
CA ILE D 133 -39.64 -1.40 -29.24
C ILE D 133 -40.92 -0.64 -28.91
N ASN D 134 -40.77 0.50 -28.23
CA ASN D 134 -41.93 1.31 -27.76
C ASN D 134 -41.68 2.82 -27.60
N ARG D 135 -42.77 3.57 -27.43
CA ARG D 135 -42.72 5.01 -27.16
C ARG D 135 -44.00 5.46 -26.44
N CYS D 136 -44.13 4.94 -25.23
CA CYS D 136 -45.30 5.17 -24.42
C CYS D 136 -45.36 6.62 -23.88
N GLY D 137 -44.25 7.35 -23.90
CA GLY D 137 -44.27 8.83 -23.73
C GLY D 137 -44.60 9.34 -22.35
N PHE D 138 -44.24 8.51 -21.35
CA PHE D 138 -44.64 8.61 -19.95
C PHE D 138 -46.14 8.74 -19.77
N ASN D 139 -46.88 7.64 -19.80
CA ASN D 139 -48.33 7.72 -19.53
C ASN D 139 -48.65 7.39 -18.08
N SER D 140 -49.06 8.41 -17.29
CA SER D 140 -49.34 8.26 -15.85
C SER D 140 -50.68 8.93 -15.44
N ALA D 141 -51.40 8.33 -14.47
CA ALA D 141 -52.64 8.90 -13.92
C ALA D 141 -52.40 9.91 -12.75
N GLY D 142 -51.14 10.18 -12.43
CA GLY D 142 -50.76 11.29 -11.56
C GLY D 142 -50.49 10.81 -10.16
N LEU D 143 -49.62 11.51 -9.42
CA LEU D 143 -49.43 11.25 -7.99
C LEU D 143 -50.76 11.31 -7.26
N ASP D 144 -51.57 12.29 -7.67
CA ASP D 144 -52.95 12.47 -7.21
C ASP D 144 -53.74 11.17 -7.22
N VAL D 145 -53.53 10.37 -8.25
CA VAL D 145 -54.09 9.04 -8.34
C VAL D 145 -53.25 8.02 -7.60
N VAL D 146 -51.96 7.93 -7.94
CA VAL D 146 -51.12 6.81 -7.45
C VAL D 146 -50.91 6.85 -5.94
N GLU D 147 -50.73 8.05 -5.37
CA GLU D 147 -50.53 8.17 -3.93
C GLU D 147 -51.61 7.51 -3.05
N PRO D 148 -52.91 7.75 -3.35
CA PRO D 148 -54.01 6.98 -2.72
C PRO D 148 -54.02 5.48 -2.92
N ARG D 149 -53.53 5.03 -4.08
CA ARG D 149 -53.45 3.60 -4.39
C ARG D 149 -52.39 3.00 -3.52
N LEU D 150 -51.23 3.65 -3.48
CA LEU D 150 -50.11 3.15 -2.69
C LEU D 150 -50.38 3.23 -1.19
N GLU D 151 -51.24 4.13 -0.70
CA GLU D 151 -51.67 4.07 0.71
C GLU D 151 -52.35 2.72 0.92
N LYS D 152 -53.29 2.40 0.01
CA LYS D 152 -54.03 1.11 -0.04
C LYS D 152 -53.12 -0.12 -0.11
N VAL D 153 -51.95 0.01 -0.73
CA VAL D 153 -50.92 -1.05 -0.70
C VAL D 153 -50.22 -1.03 0.63
N SER D 154 -49.82 0.17 1.06
CA SER D 154 -49.24 0.45 2.39
C SER D 154 -49.88 -0.32 3.54
N ARG D 155 -51.22 -0.29 3.60
CA ARG D 155 -52.01 -0.91 4.69
C ARG D 155 -52.25 -2.38 4.50
N ASP D 156 -52.70 -2.81 3.33
CA ASP D 156 -53.06 -4.24 3.11
C ASP D 156 -51.89 -5.20 2.70
N ARG D 157 -50.64 -4.74 2.76
CA ARG D 157 -49.45 -5.62 2.51
C ARG D 157 -49.02 -6.50 3.72
N TRP D 158 -49.62 -6.20 4.88
CA TRP D 158 -49.47 -7.00 6.09
C TRP D 158 -50.79 -7.72 6.49
N HIS D 159 -51.94 -7.05 6.34
CA HIS D 159 -53.27 -7.60 6.71
C HIS D 159 -53.58 -9.00 6.14
N ASP D 160 -53.15 -9.29 4.90
CA ASP D 160 -53.50 -10.53 4.18
C ASP D 160 -52.85 -11.78 4.84
N ARG D 161 -52.20 -12.66 4.04
CA ARG D 161 -51.32 -13.68 4.61
C ARG D 161 -50.23 -12.88 5.28
N LEU D 162 -50.33 -12.74 6.62
CA LEU D 162 -49.40 -11.93 7.39
C LEU D 162 -48.02 -12.29 6.84
N GLU D 163 -47.43 -11.36 6.09
CA GLU D 163 -46.20 -11.61 5.34
C GLU D 163 -45.21 -10.45 5.43
N ARG D 164 -43.99 -10.76 5.01
CA ARG D 164 -42.96 -9.77 4.76
C ARG D 164 -43.40 -9.04 3.51
N HIS D 165 -43.24 -7.72 3.55
CA HIS D 165 -43.66 -6.79 2.51
C HIS D 165 -43.36 -7.41 1.16
N CYS D 166 -44.39 -7.46 0.32
CA CYS D 166 -44.23 -7.81 -1.10
C CYS D 166 -43.48 -6.65 -1.83
N VAL D 167 -42.16 -6.83 -1.90
CA VAL D 167 -41.12 -5.79 -1.70
C VAL D 167 -41.40 -4.36 -2.12
N LEU D 168 -41.82 -4.13 -3.36
CA LEU D 168 -42.35 -2.80 -3.76
C LEU D 168 -41.36 -1.64 -3.76
N GLY D 169 -40.98 -1.22 -4.97
CA GLY D 169 -40.30 0.05 -5.19
C GLY D 169 -41.16 0.93 -6.04
N VAL D 170 -40.99 2.25 -5.89
CA VAL D 170 -41.81 3.27 -6.56
C VAL D 170 -40.94 4.14 -7.50
N ASN D 171 -41.14 3.99 -8.80
CA ASN D 171 -40.36 4.71 -9.79
C ASN D 171 -41.04 6.05 -10.06
N ILE D 172 -40.27 7.13 -10.11
CA ILE D 172 -40.80 8.46 -10.45
C ILE D 172 -40.10 9.05 -11.67
N GLY D 173 -40.77 9.93 -12.38
CA GLY D 173 -40.16 10.67 -13.47
C GLY D 173 -40.52 12.13 -13.33
N LYS D 174 -40.61 12.81 -14.47
CA LYS D 174 -41.26 14.11 -14.53
C LYS D 174 -42.21 14.16 -15.70
N ASN D 175 -43.07 15.19 -15.68
CA ASN D 175 -43.93 15.50 -16.83
C ASN D 175 -43.06 16.07 -17.94
N LYS D 176 -43.45 15.87 -19.20
CA LYS D 176 -42.68 16.40 -20.33
C LYS D 176 -42.48 17.91 -20.23
N ASP D 177 -43.55 18.69 -20.31
CA ASP D 177 -43.43 20.14 -20.33
C ASP D 177 -43.19 20.70 -18.94
N THR D 178 -42.00 20.41 -18.44
CA THR D 178 -41.51 20.93 -17.18
C THR D 178 -40.05 21.35 -17.42
N VAL D 179 -39.80 22.62 -17.18
CA VAL D 179 -38.45 23.17 -17.18
C VAL D 179 -37.53 22.53 -16.10
N ASN D 180 -37.91 22.64 -14.83
CA ASN D 180 -37.20 22.02 -13.69
C ASN D 180 -37.51 20.53 -13.61
N ALA D 181 -36.47 19.71 -13.49
CA ALA D 181 -36.65 18.29 -13.12
C ALA D 181 -36.62 18.11 -11.59
N GLU D 182 -35.80 18.93 -10.90
CA GLU D 182 -35.85 19.08 -9.42
C GLU D 182 -37.32 19.02 -8.93
N ASP D 183 -38.14 20.01 -9.32
CA ASP D 183 -39.58 20.09 -8.98
C ASP D 183 -40.31 18.75 -9.05
N ASP D 184 -40.29 18.14 -10.23
CA ASP D 184 -41.08 16.92 -10.48
C ASP D 184 -40.45 15.64 -9.89
N ILE D 185 -39.12 15.62 -9.77
CA ILE D 185 -38.45 14.61 -8.98
C ILE D 185 -38.69 14.90 -7.50
N ARG D 186 -38.87 16.17 -7.13
CA ARG D 186 -39.17 16.51 -5.74
C ARG D 186 -40.50 15.91 -5.28
N GLU D 187 -41.57 16.29 -5.97
CA GLU D 187 -42.93 15.93 -5.56
C GLU D 187 -43.19 14.43 -5.52
N GLY D 188 -42.51 13.66 -6.36
CA GLY D 188 -42.62 12.19 -6.31
C GLY D 188 -41.96 11.53 -5.10
N VAL D 189 -41.01 12.22 -4.48
CA VAL D 189 -40.47 11.78 -3.21
C VAL D 189 -41.53 12.11 -2.19
N LYS D 190 -41.75 13.41 -1.99
CA LYS D 190 -42.78 13.99 -1.09
C LYS D 190 -44.10 13.22 -0.95
N ARG D 191 -44.56 12.63 -2.05
CA ARG D 191 -45.94 12.14 -2.19
C ARG D 191 -46.09 10.62 -2.22
N VAL D 192 -45.18 9.93 -2.91
CA VAL D 192 -45.20 8.46 -2.99
C VAL D 192 -43.87 7.80 -2.56
N GLY D 193 -43.21 8.41 -1.57
CA GLY D 193 -41.88 7.99 -1.09
C GLY D 193 -42.01 7.17 0.18
N ARG D 194 -42.68 7.78 1.14
CA ARG D 194 -43.12 7.09 2.37
C ARG D 194 -43.68 5.64 2.24
N PHE D 195 -44.13 5.22 1.03
CA PHE D 195 -44.68 3.86 0.81
C PHE D 195 -43.68 2.92 0.22
N ALA D 196 -42.48 3.41 -0.09
CA ALA D 196 -41.56 2.70 -0.97
C ALA D 196 -40.35 2.01 -0.29
N ASP D 197 -40.08 0.78 -0.66
CA ASP D 197 -38.89 0.13 -0.14
C ASP D 197 -37.65 0.67 -0.84
N TYR D 198 -37.78 0.95 -2.14
CA TYR D 198 -36.78 1.75 -2.80
C TYR D 198 -37.46 2.70 -3.78
N LEU D 199 -36.97 3.95 -3.83
CA LEU D 199 -37.40 4.94 -4.82
C LEU D 199 -36.39 4.90 -5.97
N VAL D 200 -36.93 4.98 -7.19
CA VAL D 200 -36.16 5.10 -8.42
C VAL D 200 -36.45 6.48 -9.03
N ILE D 201 -35.40 7.14 -9.49
CA ILE D 201 -35.51 8.40 -10.19
C ILE D 201 -35.24 8.04 -11.64
N ASN D 202 -36.27 8.06 -12.49
CA ASN D 202 -36.07 7.81 -13.92
C ASN D 202 -35.48 9.02 -14.58
N LEU D 203 -34.20 8.93 -14.91
CA LEU D 203 -33.49 9.96 -15.63
C LEU D 203 -33.20 9.49 -17.04
N SER D 204 -33.54 8.24 -17.35
CA SER D 204 -32.88 7.52 -18.46
C SER D 204 -33.73 7.24 -19.70
N SER D 205 -34.95 7.79 -19.80
CA SER D 205 -35.86 7.56 -20.96
C SER D 205 -35.33 8.08 -22.33
N PRO D 206 -35.58 7.28 -23.41
CA PRO D 206 -35.35 7.71 -24.80
C PRO D 206 -36.63 8.22 -25.49
N ASN D 207 -37.69 8.44 -24.69
CA ASN D 207 -39.00 8.90 -25.16
C ASN D 207 -39.46 10.21 -24.47
N THR D 208 -38.52 10.94 -23.86
CA THR D 208 -38.84 12.18 -23.12
C THR D 208 -37.67 13.17 -23.19
N LYS D 209 -38.01 14.45 -23.34
CA LYS D 209 -37.01 15.49 -23.69
C LYS D 209 -36.34 16.14 -22.48
N GLY D 210 -35.03 16.35 -22.61
CA GLY D 210 -34.21 16.94 -21.56
C GLY D 210 -34.14 16.14 -20.26
N LEU D 211 -34.37 14.82 -20.36
CA LEU D 211 -34.43 13.92 -19.19
C LEU D 211 -33.16 13.03 -19.19
N ARG D 212 -32.88 12.40 -20.33
CA ARG D 212 -31.55 11.80 -20.59
C ARG D 212 -30.41 12.77 -20.26
N THR D 213 -30.54 14.06 -20.64
CA THR D 213 -29.54 15.10 -20.37
C THR D 213 -29.37 15.51 -18.89
N LEU D 214 -30.06 14.80 -17.98
CA LEU D 214 -29.91 14.97 -16.53
C LEU D 214 -28.81 14.06 -15.96
N GLN D 215 -28.41 13.02 -16.71
CA GLN D 215 -27.39 12.04 -16.26
C GLN D 215 -25.95 12.52 -16.55
N GLN D 216 -25.72 13.82 -16.46
CA GLN D 216 -24.45 14.44 -16.81
C GLN D 216 -23.87 14.94 -15.53
N ARG D 217 -22.72 14.42 -15.12
CA ARG D 217 -22.07 14.84 -13.88
C ARG D 217 -22.77 16.02 -13.21
N ASP D 218 -22.73 17.17 -13.89
CA ASP D 218 -23.16 18.46 -13.33
C ASP D 218 -24.67 18.52 -13.02
N HIS D 219 -25.49 18.03 -13.95
CA HIS D 219 -26.93 17.96 -13.71
C HIS D 219 -27.36 16.86 -12.71
N LEU D 220 -26.78 15.65 -12.85
CA LEU D 220 -27.15 14.44 -12.05
C LEU D 220 -27.23 14.65 -10.53
N ARG D 221 -26.11 15.01 -9.92
CA ARG D 221 -26.02 15.31 -8.48
C ARG D 221 -27.29 16.01 -7.93
N SER D 222 -27.63 17.16 -8.53
CA SER D 222 -28.76 18.02 -8.07
C SER D 222 -30.03 17.25 -7.76
N ILE D 223 -30.41 16.39 -8.70
CA ILE D 223 -31.66 15.65 -8.63
C ILE D 223 -31.55 14.63 -7.50
N ILE D 224 -30.39 13.97 -7.42
CA ILE D 224 -30.12 12.99 -6.37
C ILE D 224 -30.16 13.67 -5.03
N THR D 225 -29.69 14.93 -4.97
CA THR D 225 -29.56 15.67 -3.69
C THR D 225 -30.88 16.30 -3.25
N ALA D 226 -31.50 17.07 -4.15
CA ALA D 226 -32.86 17.57 -3.93
C ALA D 226 -33.78 16.44 -3.47
N ALA D 227 -33.73 15.30 -4.19
CA ALA D 227 -34.57 14.12 -3.86
C ALA D 227 -34.28 13.48 -2.49
N GLN D 228 -33.01 13.40 -2.08
CA GLN D 228 -32.72 12.96 -0.71
C GLN D 228 -33.07 14.04 0.31
N SER D 229 -33.07 15.29 -0.12
CA SER D 229 -33.55 16.39 0.73
C SER D 229 -35.06 16.35 1.02
N GLU D 230 -35.82 15.59 0.23
CA GLU D 230 -37.20 15.27 0.61
C GLU D 230 -37.24 14.01 1.45
N LEU D 231 -36.38 13.03 1.15
CA LEU D 231 -36.25 11.89 2.03
C LEU D 231 -36.02 12.44 3.43
N GLU D 232 -35.07 13.38 3.54
CA GLU D 232 -34.81 14.17 4.77
C GLU D 232 -36.05 14.62 5.51
N LYS D 233 -37.16 14.85 4.79
CA LYS D 233 -38.49 14.93 5.42
C LYS D 233 -38.91 13.53 5.94
N LEU D 234 -38.28 13.16 7.06
CA LEU D 234 -38.57 11.98 7.88
C LEU D 234 -39.06 12.52 9.23
N GLU D 235 -40.29 12.15 9.60
CA GLU D 235 -41.00 12.74 10.72
C GLU D 235 -41.20 11.70 11.79
N GLU D 236 -41.34 12.22 13.00
CA GLU D 236 -41.46 11.47 14.21
C GLU D 236 -42.89 11.68 14.78
N ARG D 237 -43.23 10.87 15.79
CA ARG D 237 -44.61 10.38 16.00
C ARG D 237 -45.17 10.52 17.44
N SER D 238 -46.40 9.98 17.65
CA SER D 238 -47.00 9.69 18.98
C SER D 238 -47.62 10.91 19.70
N ARG D 239 -48.09 11.90 18.94
CA ARG D 239 -48.51 13.21 19.49
C ARG D 239 -49.69 13.77 18.70
N THR D 263 -44.56 -8.07 11.72
CA THR D 263 -45.01 -6.73 11.32
C THR D 263 -46.56 -6.72 11.22
N ARG D 264 -47.17 -6.74 12.41
CA ARG D 264 -48.63 -6.81 12.61
C ARG D 264 -49.33 -5.46 12.24
N LYS D 265 -50.43 -5.10 12.93
CA LYS D 265 -51.15 -3.82 12.73
C LYS D 265 -50.34 -2.52 13.08
N ALA D 266 -49.12 -2.63 13.66
CA ALA D 266 -48.19 -1.48 13.78
C ALA D 266 -47.42 -1.23 12.46
N GLU D 267 -48.19 -0.78 11.47
CA GLU D 267 -47.73 -0.20 10.19
C GLU D 267 -48.05 1.30 10.10
N GLN D 268 -48.90 1.80 11.00
CA GLN D 268 -49.20 3.24 11.19
C GLN D 268 -47.91 4.10 11.31
N PHE D 269 -46.74 3.45 11.47
CA PHE D 269 -45.41 3.99 11.05
C PHE D 269 -45.56 4.47 9.57
N PHE D 270 -44.47 4.52 8.83
CA PHE D 270 -44.53 4.74 7.38
C PHE D 270 -43.98 3.43 6.78
N PRO D 271 -44.85 2.61 6.16
CA PRO D 271 -44.74 1.13 6.20
C PRO D 271 -43.83 0.41 5.18
N THR D 272 -42.58 0.12 5.51
CA THR D 272 -41.62 -0.13 4.43
C THR D 272 -40.80 -1.41 4.59
N GLN D 273 -41.09 -2.24 5.59
CA GLN D 273 -40.21 -3.40 5.94
C GLN D 273 -38.99 -2.90 6.77
N THR D 274 -38.32 -1.84 6.30
CA THR D 274 -37.53 -0.96 7.15
C THR D 274 -38.39 0.09 7.88
N GLY D 275 -37.72 0.93 8.68
CA GLY D 275 -38.32 2.12 9.28
C GLY D 275 -38.27 3.23 8.26
N LYS D 276 -39.03 3.00 7.20
CA LYS D 276 -39.01 3.75 5.91
C LYS D 276 -37.68 4.41 5.47
N ARG D 277 -37.79 5.29 4.48
CA ARG D 277 -36.70 5.98 3.84
C ARG D 277 -36.29 4.93 2.85
N PRO D 278 -36.87 4.98 1.67
CA PRO D 278 -36.47 3.99 0.70
C PRO D 278 -34.98 4.16 0.34
N LEU D 279 -34.34 3.11 -0.13
CA LEU D 279 -33.03 3.31 -0.69
C LEU D 279 -33.21 4.11 -1.97
N LEU D 280 -32.40 5.16 -2.16
CA LEU D 280 -32.44 6.07 -3.32
C LEU D 280 -31.78 5.41 -4.52
N PHE D 281 -32.55 5.20 -5.59
CA PHE D 281 -32.03 4.66 -6.85
C PHE D 281 -32.20 5.69 -7.98
N VAL D 282 -31.24 5.70 -8.91
CA VAL D 282 -31.36 6.44 -10.17
C VAL D 282 -31.37 5.38 -11.26
N LYS D 283 -32.44 5.30 -12.04
CA LYS D 283 -32.39 4.47 -13.24
C LYS D 283 -31.59 5.15 -14.39
N ILE D 284 -30.50 4.49 -14.83
CA ILE D 284 -29.66 5.01 -15.91
C ILE D 284 -29.83 4.25 -17.24
N ALA D 285 -29.39 4.94 -18.29
CA ALA D 285 -29.52 4.50 -19.68
C ALA D 285 -28.44 3.46 -20.04
N PRO D 286 -28.73 2.63 -21.07
CA PRO D 286 -27.72 1.69 -21.54
C PRO D 286 -26.60 2.37 -22.37
N ASP D 287 -26.99 3.33 -23.19
CA ASP D 287 -26.15 3.88 -24.24
C ASP D 287 -25.37 5.11 -23.74
N LEU D 288 -24.55 4.95 -22.69
CA LEU D 288 -23.77 6.07 -22.16
C LEU D 288 -22.35 6.04 -22.72
N THR D 289 -21.73 7.22 -22.80
CA THR D 289 -20.29 7.31 -23.11
C THR D 289 -19.56 6.57 -22.00
N ASP D 290 -18.52 5.81 -22.34
CA ASP D 290 -17.73 5.16 -21.28
C ASP D 290 -16.84 6.15 -20.50
N GLU D 291 -16.66 7.36 -21.04
CA GLU D 291 -16.25 8.52 -20.24
C GLU D 291 -17.34 8.86 -19.21
N GLU D 292 -18.54 9.07 -19.73
CA GLU D 292 -19.74 9.46 -18.99
C GLU D 292 -20.14 8.45 -17.93
N LYS D 293 -19.94 7.15 -18.20
CA LYS D 293 -20.32 6.11 -17.24
C LYS D 293 -19.56 6.28 -15.94
N ARG D 294 -18.27 6.64 -16.03
CA ARG D 294 -17.53 7.08 -14.85
C ARG D 294 -18.34 8.11 -14.06
N ASP D 295 -18.77 9.19 -14.71
CA ASP D 295 -19.49 10.29 -14.02
C ASP D 295 -20.75 9.86 -13.25
N ILE D 296 -21.54 8.98 -13.81
CA ILE D 296 -22.67 8.43 -13.08
C ILE D 296 -22.17 7.75 -11.81
N ALA D 297 -21.14 6.90 -11.97
CA ALA D 297 -20.64 6.11 -10.86
C ALA D 297 -19.97 6.96 -9.77
N ASP D 298 -19.00 7.78 -10.16
CA ASP D 298 -18.26 8.64 -9.21
C ASP D 298 -19.23 9.54 -8.45
N VAL D 299 -20.27 10.01 -9.14
CA VAL D 299 -21.34 10.78 -8.51
C VAL D 299 -22.16 9.91 -7.57
N ALA D 300 -22.48 8.68 -7.96
CA ALA D 300 -23.17 7.77 -7.04
C ALA D 300 -22.47 7.78 -5.68
N LEU D 301 -21.13 7.74 -5.74
CA LEU D 301 -20.28 7.76 -4.54
C LEU D 301 -20.28 9.13 -3.87
N GLU D 302 -19.76 10.16 -4.55
CA GLU D 302 -19.95 11.59 -4.15
C GLU D 302 -21.24 11.88 -3.30
N THR D 303 -22.43 11.51 -3.82
CA THR D 303 -23.76 11.80 -3.19
C THR D 303 -24.26 10.82 -2.12
N GLY D 304 -23.63 9.65 -2.05
CA GLY D 304 -24.09 8.59 -1.16
C GLY D 304 -25.40 8.02 -1.66
N LEU D 305 -25.48 7.77 -2.97
CA LEU D 305 -26.65 7.15 -3.59
C LEU D 305 -26.60 5.65 -3.30
N ASP D 306 -27.78 5.07 -3.09
CA ASP D 306 -27.96 3.72 -2.52
C ASP D 306 -27.96 2.62 -3.56
N GLY D 307 -28.61 2.90 -4.69
CA GLY D 307 -28.66 1.98 -5.82
C GLY D 307 -28.75 2.66 -7.19
N LEU D 308 -28.78 1.82 -8.21
CA LEU D 308 -28.94 2.22 -9.61
C LEU D 308 -29.71 1.08 -10.34
N ILE D 309 -30.67 1.43 -11.19
CA ILE D 309 -31.32 0.43 -12.03
C ILE D 309 -30.57 0.43 -13.33
N VAL D 310 -29.87 -0.67 -13.61
CA VAL D 310 -28.88 -0.70 -14.68
C VAL D 310 -29.53 -1.18 -15.94
N THR D 311 -29.51 -0.24 -16.90
CA THR D 311 -30.15 -0.21 -18.23
C THR D 311 -31.68 -0.10 -18.36
N ASN D 312 -32.01 0.96 -19.09
CA ASN D 312 -33.32 1.21 -19.62
C ASN D 312 -33.40 0.65 -21.05
N THR D 313 -34.53 0.85 -21.70
CA THR D 313 -34.63 0.66 -23.12
C THR D 313 -33.61 1.56 -23.87
N THR D 314 -33.15 1.11 -25.04
CA THR D 314 -31.96 1.69 -25.74
C THR D 314 -32.23 2.41 -27.07
N ILE D 315 -31.47 3.46 -27.35
CA ILE D 315 -31.58 4.16 -28.64
C ILE D 315 -30.89 3.42 -29.79
N GLN D 316 -29.96 2.52 -29.46
CA GLN D 316 -29.22 1.78 -30.48
C GLN D 316 -30.09 0.80 -31.26
N ARG D 317 -29.55 0.35 -32.39
CA ARG D 317 -30.14 -0.70 -33.20
C ARG D 317 -29.07 -1.51 -33.93
N PRO D 318 -28.18 -2.20 -33.17
CA PRO D 318 -27.09 -2.93 -33.86
C PRO D 318 -27.72 -3.96 -34.81
N GLU D 319 -27.42 -3.88 -36.12
CA GLU D 319 -28.07 -4.77 -37.08
C GLU D 319 -27.60 -6.23 -36.95
N SER D 320 -28.24 -6.92 -36.01
CA SER D 320 -28.42 -8.35 -36.07
C SER D 320 -29.91 -8.53 -35.72
N LEU D 321 -30.73 -7.60 -36.24
CA LEU D 321 -32.17 -7.41 -35.92
C LEU D 321 -33.05 -7.79 -37.12
N ARG D 322 -34.35 -7.99 -36.90
CA ARG D 322 -35.22 -8.76 -37.83
C ARG D 322 -36.61 -8.19 -38.20
N SER D 323 -37.58 -8.21 -37.27
CA SER D 323 -39.01 -7.96 -37.64
C SER D 323 -39.23 -6.58 -38.29
N GLU D 324 -40.39 -6.38 -38.92
CA GLU D 324 -40.65 -5.22 -39.80
C GLU D 324 -40.42 -3.86 -39.17
N SER D 325 -40.65 -3.78 -37.86
CA SER D 325 -40.57 -2.55 -37.08
C SER D 325 -39.19 -2.19 -36.46
N LYS D 326 -38.17 -3.02 -36.70
CA LYS D 326 -36.76 -2.71 -36.34
C LYS D 326 -36.33 -1.22 -36.33
N HIS D 327 -36.81 -0.47 -37.31
CA HIS D 327 -36.53 0.98 -37.48
C HIS D 327 -37.23 1.96 -36.51
N GLU D 328 -38.26 1.47 -35.84
CA GLU D 328 -39.19 2.33 -35.10
C GLU D 328 -38.53 3.17 -34.05
N THR D 329 -39.10 4.35 -33.81
CA THR D 329 -38.43 5.34 -32.95
C THR D 329 -38.67 4.99 -31.50
N GLY D 330 -37.67 5.22 -30.68
CA GLY D 330 -37.79 5.00 -29.25
C GLY D 330 -36.92 3.89 -28.70
N GLY D 331 -37.28 3.41 -27.51
CA GLY D 331 -36.44 2.53 -26.72
C GLY D 331 -36.64 1.05 -27.05
N LEU D 332 -35.53 0.40 -27.45
CA LEU D 332 -35.52 -1.04 -27.78
C LEU D 332 -35.39 -1.82 -26.49
N SER D 333 -36.06 -2.97 -26.47
CA SER D 333 -36.18 -3.79 -25.27
C SER D 333 -36.00 -5.28 -25.60
N GLY D 334 -35.45 -6.02 -24.64
CA GLY D 334 -35.35 -7.48 -24.70
C GLY D 334 -33.97 -8.01 -25.02
N ARG D 335 -33.94 -9.11 -25.77
CA ARG D 335 -32.71 -9.83 -26.11
C ARG D 335 -31.54 -8.93 -26.56
N PRO D 336 -31.76 -8.02 -27.54
CA PRO D 336 -30.63 -7.14 -27.88
C PRO D 336 -30.05 -6.28 -26.73
N LEU D 337 -30.76 -6.16 -25.60
CA LEU D 337 -30.16 -5.53 -24.43
C LEU D 337 -29.14 -6.42 -23.77
N LYS D 338 -29.20 -7.75 -23.99
CA LYS D 338 -28.48 -8.76 -23.16
C LYS D 338 -27.02 -8.38 -22.88
N ALA D 339 -26.22 -8.37 -23.95
CA ALA D 339 -24.79 -8.16 -23.79
C ALA D 339 -24.43 -6.68 -23.52
N MET D 340 -25.31 -5.76 -23.91
CA MET D 340 -25.22 -4.35 -23.47
C MET D 340 -25.38 -4.27 -21.95
N SER D 341 -26.54 -4.74 -21.52
CA SER D 341 -27.03 -4.56 -20.17
C SER D 341 -26.24 -5.37 -19.18
N THR D 342 -25.81 -6.57 -19.58
CA THR D 342 -24.95 -7.34 -18.71
C THR D 342 -23.61 -6.58 -18.52
N LYS D 343 -23.12 -5.93 -19.59
CA LYS D 343 -21.84 -5.20 -19.52
C LYS D 343 -21.97 -3.88 -18.80
N CYS D 344 -23.12 -3.23 -18.94
CA CYS D 344 -23.31 -1.96 -18.27
C CYS D 344 -23.13 -2.18 -16.77
N VAL D 345 -23.57 -3.35 -16.27
CA VAL D 345 -23.50 -3.71 -14.85
C VAL D 345 -22.05 -3.88 -14.41
N SER D 346 -21.24 -4.51 -15.26
CA SER D 346 -19.83 -4.77 -14.96
C SER D 346 -19.08 -3.48 -14.66
N ASP D 347 -19.04 -2.58 -15.63
CA ASP D 347 -18.26 -1.36 -15.51
C ASP D 347 -18.78 -0.47 -14.40
N MET D 348 -20.09 -0.48 -14.22
CA MET D 348 -20.74 0.32 -13.17
C MET D 348 -20.51 -0.23 -11.76
N TYR D 349 -20.47 -1.56 -11.63
CA TYR D 349 -20.15 -2.18 -10.36
C TYR D 349 -18.74 -1.77 -10.02
N LYS D 350 -17.75 -2.19 -10.83
CA LYS D 350 -16.35 -1.93 -10.48
C LYS D 350 -16.13 -0.47 -10.08
N MET D 351 -16.79 0.47 -10.76
CA MET D 351 -16.58 1.91 -10.54
C MET D 351 -17.23 2.43 -9.25
N THR D 352 -18.42 1.97 -8.88
CA THR D 352 -18.90 2.25 -7.52
C THR D 352 -18.17 1.33 -6.52
N ASN D 353 -17.29 0.45 -7.02
CA ASN D 353 -16.27 -0.28 -6.23
C ASN D 353 -16.93 -1.11 -5.13
N GLY D 354 -17.99 -1.80 -5.54
CA GLY D 354 -18.81 -2.64 -4.68
C GLY D 354 -19.84 -1.94 -3.82
N GLN D 355 -19.71 -0.64 -3.59
CA GLN D 355 -20.43 0.05 -2.49
C GLN D 355 -21.90 0.28 -2.79
N VAL D 356 -22.16 0.88 -3.94
CA VAL D 356 -23.49 1.25 -4.37
C VAL D 356 -24.09 0.09 -5.09
N ALA D 357 -25.34 -0.22 -4.76
CA ALA D 357 -26.04 -1.39 -5.29
C ALA D 357 -26.39 -1.28 -6.78
N ILE D 358 -26.70 -2.43 -7.37
CA ILE D 358 -27.09 -2.55 -8.78
C ILE D 358 -28.20 -3.60 -8.92
N ILE D 359 -29.38 -3.14 -9.32
CA ILE D 359 -30.45 -4.00 -9.75
C ILE D 359 -30.39 -3.93 -11.27
N ALA D 360 -30.38 -5.06 -11.95
CA ALA D 360 -30.23 -5.07 -13.40
C ALA D 360 -31.54 -5.34 -14.15
N SER D 361 -31.70 -4.69 -15.32
CA SER D 361 -32.80 -4.98 -16.28
C SER D 361 -32.24 -5.16 -17.69
N GLY D 362 -33.00 -5.80 -18.59
CA GLY D 362 -32.61 -5.92 -20.01
C GLY D 362 -32.35 -7.32 -20.54
N GLY D 363 -33.33 -7.88 -21.22
CA GLY D 363 -33.22 -9.21 -21.81
C GLY D 363 -33.13 -10.38 -20.84
N ILE D 364 -33.54 -10.18 -19.57
CA ILE D 364 -33.47 -11.25 -18.58
C ILE D 364 -34.63 -12.21 -18.80
N GLU D 365 -34.37 -13.21 -19.64
CA GLU D 365 -35.18 -14.42 -19.72
C GLU D 365 -34.20 -15.56 -19.34
N THR D 366 -34.68 -16.63 -18.71
CA THR D 366 -33.81 -17.77 -18.26
C THR D 366 -32.84 -17.43 -17.09
N GLY D 367 -33.00 -18.12 -15.95
CA GLY D 367 -32.10 -18.03 -14.80
C GLY D 367 -30.61 -18.04 -15.10
N LEU D 368 -30.21 -18.75 -16.16
CA LEU D 368 -28.82 -18.68 -16.64
C LEU D 368 -28.43 -17.24 -16.98
N ASP D 369 -29.32 -16.50 -17.65
CA ASP D 369 -29.10 -15.06 -17.87
C ASP D 369 -29.05 -14.36 -16.54
N ALA D 370 -30.05 -14.65 -15.70
CA ALA D 370 -30.17 -14.02 -14.37
C ALA D 370 -28.89 -14.19 -13.57
N TYR D 371 -28.34 -15.40 -13.63
CA TYR D 371 -27.08 -15.73 -12.98
C TYR D 371 -25.96 -14.83 -13.44
N LYS D 372 -25.82 -14.73 -14.76
CA LYS D 372 -24.72 -14.00 -15.38
C LYS D 372 -24.75 -12.50 -15.06
N ARG D 373 -25.97 -11.94 -15.01
CA ARG D 373 -26.19 -10.56 -14.52
C ARG D 373 -25.96 -10.41 -13.05
N ILE D 374 -26.40 -11.40 -12.28
CA ILE D 374 -26.16 -11.42 -10.84
C ILE D 374 -24.64 -11.40 -10.58
N ARG D 375 -23.92 -12.29 -11.25
CA ARG D 375 -22.44 -12.39 -11.22
C ARG D 375 -21.68 -11.11 -11.64
N ALA D 376 -22.31 -10.26 -12.44
CA ALA D 376 -21.71 -9.00 -12.83
C ALA D 376 -21.75 -7.92 -11.75
N GLY D 377 -22.50 -8.12 -10.66
CA GLY D 377 -22.67 -7.09 -9.61
C GLY D 377 -24.11 -6.73 -9.29
N ALA D 378 -25.03 -7.25 -10.10
CA ALA D 378 -26.44 -7.07 -9.88
C ALA D 378 -26.89 -7.87 -8.68
N SER D 379 -27.59 -7.21 -7.75
CA SER D 379 -28.15 -7.89 -6.58
C SER D 379 -29.56 -8.46 -6.82
N ALA D 380 -30.17 -8.03 -7.91
CA ALA D 380 -31.52 -8.47 -8.29
C ALA D 380 -31.75 -8.15 -9.73
N VAL D 381 -32.62 -8.94 -10.34
CA VAL D 381 -32.94 -8.78 -11.73
C VAL D 381 -34.39 -8.41 -11.85
N GLU D 382 -34.71 -7.77 -12.96
CA GLU D 382 -36.03 -7.23 -13.20
C GLU D 382 -36.49 -7.77 -14.54
N VAL D 383 -37.80 -7.88 -14.73
CA VAL D 383 -38.29 -8.49 -15.96
C VAL D 383 -39.55 -7.77 -16.48
N TYR D 384 -39.45 -7.14 -17.67
CA TYR D 384 -40.63 -6.72 -18.49
C TYR D 384 -40.82 -7.64 -19.71
N THR D 385 -40.03 -7.41 -20.78
CA THR D 385 -40.29 -7.96 -22.12
C THR D 385 -40.31 -9.43 -22.06
N SER D 386 -39.40 -9.94 -21.25
CA SER D 386 -39.22 -11.35 -20.97
C SER D 386 -40.48 -12.11 -20.54
N MET D 387 -41.57 -11.39 -20.19
CA MET D 387 -42.84 -12.03 -19.82
C MET D 387 -44.01 -11.75 -20.72
N ILE D 388 -43.82 -11.05 -21.85
CA ILE D 388 -44.92 -10.85 -22.82
C ILE D 388 -44.99 -12.12 -23.66
N TYR D 389 -43.83 -12.50 -24.21
CA TYR D 389 -43.67 -13.74 -25.02
C TYR D 389 -43.92 -14.99 -24.18
N ARG D 390 -43.12 -15.14 -23.12
CA ARG D 390 -43.21 -16.32 -22.25
C ARG D 390 -44.47 -16.26 -21.32
N GLY D 391 -45.27 -15.19 -21.45
CA GLY D 391 -46.53 -15.08 -20.74
C GLY D 391 -46.27 -14.60 -19.32
N PRO D 392 -47.34 -14.40 -18.53
CA PRO D 392 -47.28 -13.96 -17.13
C PRO D 392 -46.23 -14.65 -16.27
N ILE D 393 -46.43 -15.94 -16.00
CA ILE D 393 -45.59 -16.58 -14.99
C ILE D 393 -44.28 -17.03 -15.65
N VAL D 394 -43.40 -16.05 -15.83
CA VAL D 394 -41.98 -16.27 -16.03
C VAL D 394 -41.30 -16.36 -14.65
N ALA D 395 -42.00 -15.86 -13.63
CA ALA D 395 -41.47 -15.72 -12.28
C ALA D 395 -40.88 -17.03 -11.78
N ARG D 396 -41.71 -18.05 -11.56
CA ARG D 396 -41.23 -19.40 -11.15
C ARG D 396 -40.11 -19.96 -12.04
N ARG D 397 -40.07 -19.64 -13.34
CA ARG D 397 -39.05 -20.21 -14.23
C ARG D 397 -37.68 -19.60 -14.04
N VAL D 398 -37.59 -18.30 -13.79
CA VAL D 398 -36.28 -17.66 -13.55
C VAL D 398 -35.80 -18.03 -12.14
N LYS D 399 -36.68 -17.86 -11.14
CA LYS D 399 -36.42 -18.31 -9.76
C LYS D 399 -35.83 -19.72 -9.66
N ASP D 400 -36.40 -20.65 -10.45
CA ASP D 400 -36.04 -22.09 -10.41
C ASP D 400 -34.84 -22.46 -11.26
N GLU D 401 -34.63 -21.79 -12.39
CA GLU D 401 -33.39 -22.01 -13.14
C GLU D 401 -32.23 -21.60 -12.23
N LEU D 402 -32.19 -20.32 -11.88
CA LEU D 402 -31.11 -19.76 -11.07
C LEU D 402 -30.74 -20.63 -9.85
N LEU D 403 -31.76 -21.18 -9.19
CA LEU D 403 -31.57 -22.02 -7.99
C LEU D 403 -30.78 -23.27 -8.37
N ASN D 404 -31.18 -23.91 -9.45
CA ASN D 404 -30.43 -25.04 -10.02
C ASN D 404 -29.07 -24.58 -10.58
N ILE D 405 -29.04 -23.48 -11.34
CA ILE D 405 -27.78 -22.86 -11.82
C ILE D 405 -26.82 -22.66 -10.62
N LEU D 406 -27.40 -22.26 -9.47
CA LEU D 406 -26.66 -22.10 -8.21
C LEU D 406 -26.42 -23.40 -7.42
N ASN D 407 -26.93 -24.53 -7.91
CA ASN D 407 -26.55 -25.87 -7.41
C ASN D 407 -25.54 -26.54 -8.35
N GLN D 408 -25.76 -26.46 -9.65
CA GLN D 408 -24.76 -26.91 -10.63
C GLN D 408 -23.43 -26.16 -10.38
N ALA D 409 -23.50 -24.99 -9.73
CA ALA D 409 -22.32 -24.16 -9.44
C ALA D 409 -21.56 -24.50 -8.14
N GLY D 410 -22.30 -24.87 -7.10
CA GLY D 410 -21.70 -24.95 -5.78
C GLY D 410 -21.51 -23.57 -5.16
N ILE D 411 -22.38 -22.62 -5.54
CA ILE D 411 -22.72 -21.43 -4.73
C ILE D 411 -24.23 -21.47 -4.51
N TYR D 412 -24.64 -22.17 -3.46
CA TYR D 412 -26.05 -22.20 -3.05
C TYR D 412 -26.28 -20.78 -2.52
N ASN D 413 -27.49 -20.23 -2.61
CA ASN D 413 -27.75 -18.83 -2.14
C ASN D 413 -27.25 -17.79 -3.18
N VAL D 414 -28.04 -16.74 -3.42
CA VAL D 414 -27.77 -15.72 -4.46
C VAL D 414 -26.82 -14.61 -3.98
N GLN D 415 -26.76 -14.36 -2.68
CA GLN D 415 -25.96 -13.25 -2.20
C GLN D 415 -24.47 -13.50 -2.35
N ASP D 416 -24.06 -14.74 -2.12
CA ASP D 416 -22.66 -15.08 -2.29
C ASP D 416 -22.32 -15.14 -3.78
N ALA D 417 -23.29 -15.47 -4.63
CA ALA D 417 -23.13 -15.38 -6.12
C ALA D 417 -22.89 -13.98 -6.72
N ILE D 418 -23.21 -12.90 -5.99
CA ILE D 418 -23.17 -11.55 -6.56
C ILE D 418 -21.76 -11.02 -6.71
N GLY D 419 -21.35 -10.72 -7.94
CA GLY D 419 -20.08 -10.05 -8.23
C GLY D 419 -18.83 -10.88 -8.44
N LEU D 420 -18.96 -12.22 -8.42
CA LEU D 420 -17.80 -13.08 -8.40
C LEU D 420 -16.85 -12.84 -9.52
N ASP D 421 -17.37 -12.64 -10.73
CA ASP D 421 -16.56 -12.28 -11.92
C ASP D 421 -15.34 -11.37 -11.60
N HIS D 422 -15.49 -10.53 -10.56
CA HIS D 422 -14.55 -9.47 -10.19
C HIS D 422 -13.41 -9.93 -9.26
N ARG D 423 -12.51 -10.68 -9.89
CA ARG D 423 -11.35 -11.38 -9.30
C ARG D 423 -10.71 -12.22 -10.48
N PRO D 424 -9.34 -12.31 -10.57
CA PRO D 424 -8.69 -13.16 -11.58
C PRO D 424 -8.32 -14.57 -11.06
#